data_9FM1
#
_entry.id   9FM1
#
_cell.length_a   1.00
_cell.length_b   1.00
_cell.length_c   1.00
_cell.angle_alpha   90.00
_cell.angle_beta   90.00
_cell.angle_gamma   90.00
#
_symmetry.space_group_name_H-M   'P 1'
#
loop_
_entity.id
_entity.type
_entity.pdbx_description
1 polymer Hemagglutinin
2 polymer 'Single-domain antibody hVHH-69'
3 non-polymer 2-acetamido-2-deoxy-beta-D-glucopyranose
#
loop_
_entity_poly.entity_id
_entity_poly.type
_entity_poly.pdbx_seq_one_letter_code
_entity_poly.pdbx_strand_id
1 'polypeptide(L)'
;MPMGSLQPLATLYLLGMLVASVLGDRICTGITSSNSPHVVKTATQGEVNVTGVIPLTTTPTKSHFANLKGTETRGKLCPK
CLNCTDLDVALGRPKCTGKIPSARVSILHEVRPVTSGCFPIMHDRTKIRQLPNLLRGYEHVRLSTHNVINAEDAPGRPYE
IGTSGSCPNITNGNGFFATMAWAVPKNKTATNPLTIEVPYICTEGEDQITVWGFHSDNETQMAKLYGDSKPQKFTSSANG
VTTHYVSQIGGFPNQTEDGGLPQSGRIVVDYMVQKSGKTGTITYQRGILLPQKVWCASGRSKVIKGSLPLIGEADCLHEK
YGGLNKSKPYYTGEHAKAIGNCPIWVKTPLKLANGTKYRPPAKLLKERGFFGAIAGFLEGGWEGMIAGWHGYTSHGAHGV
AVAADLKSTQEAINKITKNLNSLSELEVKNLQRLSGAMDELHNEILELDEKVDDLRADTISSQIELAVLLSNEGIINSED
EHLLALERKLKKMLGPSAVEIGNGCFETKHKCNQTCLDRIAAGTFDAGEFSLPTFDSLNITAASLNDDGLDNHTISGKRM
KQIEDKIEEIESKQKKIENEIARIKKLIGERSAWSHPQFEK
;
A,B,C
2 'polypeptide(L)'
;DVQLVESGGGLVQPGGSLRLSCAASGLVDSANVAWFRQAPGKEREFVAAVKWRSGSTIYADSVEGRFTISRDNAKSTVYL
QMNSLRPEDTAVYYCAANQWYSGGYYGEKNYDYWGQGTLVTVSS
;
D,E,F
#
loop_
_chem_comp.id
_chem_comp.type
_chem_comp.name
_chem_comp.formula
NAG D-saccharide, beta linking 2-acetamido-2-deoxy-beta-D-glucopyranose 'C8 H15 N O6'
#
# COMPACT_ATOMS: atom_id res chain seq x y z
N SER A 33 -30.90 27.24 23.86
CA SER A 33 -31.57 28.46 24.29
C SER A 33 -31.44 28.65 25.80
N SER A 34 -32.58 28.58 26.49
CA SER A 34 -32.59 28.75 27.93
C SER A 34 -32.03 27.51 28.63
N ASN A 35 -32.06 27.55 29.96
CA ASN A 35 -31.55 26.44 30.76
C ASN A 35 -32.32 25.16 30.47
N SER A 36 -31.59 24.06 30.26
CA SER A 36 -32.18 22.78 29.91
C SER A 36 -31.15 21.68 30.11
N PRO A 37 -31.58 20.44 30.39
CA PRO A 37 -30.61 19.35 30.58
C PRO A 37 -29.99 18.81 29.31
N HIS A 38 -30.16 19.49 28.18
CA HIS A 38 -29.60 19.06 26.91
C HIS A 38 -28.55 20.07 26.45
N VAL A 39 -27.37 19.58 26.07
CA VAL A 39 -26.27 20.41 25.64
C VAL A 39 -25.85 20.01 24.22
N VAL A 40 -25.41 21.01 23.46
CA VAL A 40 -24.93 20.79 22.10
C VAL A 40 -23.64 21.58 21.89
N LYS A 41 -22.70 21.00 21.15
CA LYS A 41 -21.44 21.65 20.86
C LYS A 41 -21.55 22.54 19.63
N THR A 42 -20.77 23.60 19.62
CA THR A 42 -20.72 24.55 18.52
C THR A 42 -19.28 24.78 18.10
N ALA A 43 -19.09 25.14 16.83
CA ALA A 43 -17.75 25.32 16.30
C ALA A 43 -17.05 26.53 16.92
N THR A 44 -17.81 27.59 17.22
CA THR A 44 -17.26 28.83 17.74
C THR A 44 -17.52 29.02 19.23
N GLN A 45 -18.78 28.91 19.66
CA GLN A 45 -19.15 29.18 21.03
C GLN A 45 -18.95 27.98 21.95
N GLY A 46 -18.57 26.83 21.42
CA GLY A 46 -18.34 25.67 22.26
C GLY A 46 -19.65 25.14 22.84
N GLU A 47 -19.61 24.77 24.11
CA GLU A 47 -20.77 24.19 24.78
C GLU A 47 -21.87 25.23 24.95
N VAL A 48 -23.12 24.80 24.81
CA VAL A 48 -24.28 25.68 24.98
C VAL A 48 -25.48 24.82 25.32
N ASN A 49 -26.41 25.37 26.08
CA ASN A 49 -27.60 24.67 26.54
C ASN A 49 -28.74 24.88 25.56
N VAL A 50 -29.40 23.80 25.17
CA VAL A 50 -30.51 23.84 24.23
C VAL A 50 -31.67 23.05 24.82
N THR A 51 -32.89 23.46 24.46
CA THR A 51 -34.11 22.87 25.01
C THR A 51 -34.60 21.73 24.11
N GLY A 52 -33.71 20.76 23.91
CA GLY A 52 -34.05 19.59 23.12
C GLY A 52 -33.05 19.29 22.01
N VAL A 53 -32.81 18.01 21.75
CA VAL A 53 -31.85 17.57 20.75
C VAL A 53 -32.49 16.48 19.89
N ILE A 54 -31.89 16.27 18.72
CA ILE A 54 -32.26 15.19 17.83
C ILE A 54 -31.04 14.28 17.66
N PRO A 55 -31.04 13.12 18.33
CA PRO A 55 -29.87 12.24 18.23
C PRO A 55 -29.63 11.77 16.80
N LEU A 56 -28.35 11.66 16.44
CA LEU A 56 -27.94 11.23 15.12
C LEU A 56 -27.08 9.98 15.15
N THR A 57 -26.82 9.41 16.32
CA THR A 57 -25.96 8.25 16.46
C THR A 57 -26.66 7.15 17.24
N THR A 58 -26.26 5.91 16.97
CA THR A 58 -26.81 4.76 17.65
C THR A 58 -25.78 3.63 17.60
N THR A 59 -25.64 2.92 18.71
CA THR A 59 -24.69 1.82 18.79
C THR A 59 -25.38 0.53 18.40
N PRO A 60 -24.99 -0.10 17.29
CA PRO A 60 -25.63 -1.37 16.89
C PRO A 60 -25.22 -2.50 17.82
N THR A 61 -25.76 -3.70 17.54
CA THR A 61 -25.48 -4.92 18.35
C THR A 61 -25.16 -6.09 17.45
N LYS A 62 -24.13 -6.85 17.78
CA LYS A 62 -23.71 -7.91 16.86
C LYS A 62 -24.89 -8.83 16.57
N SER A 63 -25.10 -9.13 15.29
CA SER A 63 -26.21 -10.01 14.87
C SER A 63 -25.69 -10.92 13.77
N HIS A 64 -26.48 -11.88 13.36
CA HIS A 64 -26.15 -12.79 12.27
C HIS A 64 -26.05 -12.03 10.95
N PHE A 65 -25.58 -12.73 9.93
CA PHE A 65 -25.42 -12.15 8.61
C PHE A 65 -26.62 -12.48 7.73
N ALA A 66 -27.09 -11.47 6.99
CA ALA A 66 -28.29 -11.59 6.18
C ALA A 66 -27.96 -11.28 4.73
N ASN A 67 -28.81 -11.75 3.83
CA ASN A 67 -28.65 -11.44 2.42
C ASN A 67 -28.83 -9.95 2.19
N LEU A 68 -27.96 -9.39 1.37
CA LEU A 68 -28.00 -7.95 1.09
C LEU A 68 -29.21 -7.61 0.24
N LYS A 69 -29.97 -6.61 0.66
CA LYS A 69 -31.20 -6.24 -0.04
C LYS A 69 -30.86 -5.57 -1.36
N GLY A 70 -31.43 -6.09 -2.45
CA GLY A 70 -31.21 -5.54 -3.77
C GLY A 70 -30.01 -6.08 -4.50
N THR A 71 -29.23 -6.96 -3.89
CA THR A 71 -28.04 -7.52 -4.51
C THR A 71 -27.94 -8.99 -4.17
N GLU A 72 -27.61 -9.82 -5.15
CA GLU A 72 -27.42 -11.24 -4.91
C GLU A 72 -26.07 -11.46 -4.25
N THR A 73 -26.09 -11.95 -3.01
CA THR A 73 -24.90 -12.09 -2.19
C THR A 73 -24.37 -13.51 -2.30
N ARG A 74 -23.05 -13.64 -2.51
CA ARG A 74 -22.41 -14.94 -2.66
C ARG A 74 -21.95 -15.45 -1.30
N GLY A 75 -22.50 -16.59 -0.89
CA GLY A 75 -22.05 -17.27 0.31
C GLY A 75 -21.18 -18.45 -0.07
N LYS A 76 -21.76 -19.64 -0.08
CA LYS A 76 -21.06 -20.81 -0.60
C LYS A 76 -20.77 -20.62 -2.08
N LEU A 77 -19.64 -21.19 -2.52
CA LEU A 77 -19.20 -21.00 -3.90
C LEU A 77 -20.21 -21.60 -4.88
N CYS A 78 -20.63 -22.84 -4.63
CA CYS A 78 -21.67 -23.52 -5.40
C CYS A 78 -22.75 -23.98 -4.44
N PRO A 79 -23.79 -23.18 -4.23
CA PRO A 79 -24.84 -23.57 -3.26
C PRO A 79 -25.53 -24.88 -3.60
N LYS A 80 -25.68 -25.20 -4.88
CA LYS A 80 -26.35 -26.44 -5.28
C LYS A 80 -25.41 -27.64 -5.28
N CYS A 81 -24.14 -27.45 -4.97
CA CYS A 81 -23.18 -28.55 -4.85
C CYS A 81 -23.23 -29.06 -3.41
N LEU A 82 -23.86 -30.22 -3.21
CA LEU A 82 -24.06 -30.74 -1.87
C LEU A 82 -22.86 -31.57 -1.42
N ASN A 83 -22.59 -31.52 -0.11
CA ASN A 83 -21.49 -32.26 0.51
C ASN A 83 -20.14 -31.91 -0.11
N CYS A 84 -19.94 -30.63 -0.42
CA CYS A 84 -18.68 -30.14 -0.95
C CYS A 84 -18.43 -28.73 -0.44
N THR A 85 -17.16 -28.43 -0.15
CA THR A 85 -16.76 -27.12 0.31
C THR A 85 -16.24 -26.30 -0.86
N ASP A 86 -15.75 -25.09 -0.59
CA ASP A 86 -15.22 -24.24 -1.65
C ASP A 86 -13.93 -24.82 -2.24
N LEU A 87 -13.08 -25.40 -1.39
CA LEU A 87 -11.86 -26.02 -1.90
C LEU A 87 -12.18 -27.28 -2.70
N ASP A 88 -13.32 -27.92 -2.43
CA ASP A 88 -13.74 -29.07 -3.24
C ASP A 88 -14.16 -28.62 -4.63
N VAL A 89 -14.86 -27.50 -4.72
CA VAL A 89 -15.27 -26.98 -6.02
C VAL A 89 -14.08 -26.45 -6.81
N ALA A 90 -13.18 -25.71 -6.14
CA ALA A 90 -12.06 -25.09 -6.83
C ALA A 90 -11.14 -26.13 -7.46
N LEU A 91 -10.87 -27.22 -6.74
CA LEU A 91 -10.05 -28.29 -7.28
C LEU A 91 -10.80 -29.21 -8.23
N GLY A 92 -12.12 -29.05 -8.34
CA GLY A 92 -12.91 -29.87 -9.25
C GLY A 92 -13.11 -31.28 -8.76
N ARG A 93 -13.80 -31.43 -7.63
CA ARG A 93 -14.10 -32.76 -7.12
C ARG A 93 -15.06 -33.48 -8.06
N PRO A 94 -14.88 -34.79 -8.28
CA PRO A 94 -15.63 -35.47 -9.35
C PRO A 94 -17.15 -35.35 -9.23
N LYS A 95 -17.72 -35.41 -8.04
CA LYS A 95 -19.16 -35.51 -7.89
C LYS A 95 -19.83 -34.17 -7.57
N CYS A 96 -19.09 -33.07 -7.55
CA CYS A 96 -19.72 -31.78 -7.31
C CYS A 96 -19.16 -30.69 -8.23
N THR A 97 -19.00 -31.00 -9.51
CA THR A 97 -18.74 -29.96 -10.49
C THR A 97 -20.05 -29.34 -10.94
N GLY A 98 -20.08 -28.00 -11.00
CA GLY A 98 -21.30 -27.32 -11.36
C GLY A 98 -21.03 -25.86 -11.68
N LYS A 99 -22.05 -25.20 -12.20
CA LYS A 99 -21.93 -23.81 -12.60
C LYS A 99 -21.87 -22.91 -11.37
N ILE A 100 -21.00 -21.90 -11.44
CA ILE A 100 -20.82 -20.93 -10.36
C ILE A 100 -21.59 -19.67 -10.75
N PRO A 101 -22.69 -19.33 -10.06
CA PRO A 101 -23.43 -18.12 -10.40
C PRO A 101 -22.59 -16.87 -10.15
N SER A 102 -22.85 -15.84 -10.94
CA SER A 102 -22.15 -14.57 -10.80
C SER A 102 -22.74 -13.77 -9.64
N ALA A 103 -21.88 -12.99 -8.99
CA ALA A 103 -22.29 -12.20 -7.84
C ALA A 103 -21.47 -10.92 -7.78
N ARG A 104 -22.10 -9.85 -7.32
CA ARG A 104 -21.42 -8.56 -7.16
C ARG A 104 -20.86 -8.39 -5.74
N VAL A 105 -21.58 -8.89 -4.73
CA VAL A 105 -21.14 -8.84 -3.35
C VAL A 105 -20.95 -10.27 -2.86
N SER A 106 -19.81 -10.52 -2.22
CA SER A 106 -19.47 -11.87 -1.78
C SER A 106 -19.07 -11.84 -0.31
N ILE A 107 -19.16 -13.01 0.32
CA ILE A 107 -18.89 -13.18 1.75
C ILE A 107 -17.76 -14.18 1.91
N LEU A 108 -16.78 -13.84 2.73
CA LEU A 108 -15.67 -14.73 3.06
C LEU A 108 -15.90 -15.28 4.47
N HIS A 109 -15.93 -16.60 4.59
CA HIS A 109 -16.23 -17.25 5.86
C HIS A 109 -15.10 -18.11 6.40
N GLU A 110 -14.31 -18.72 5.52
CA GLU A 110 -13.22 -19.59 5.94
C GLU A 110 -11.89 -18.93 5.59
N VAL A 111 -11.18 -18.46 6.63
CA VAL A 111 -9.85 -17.91 6.43
C VAL A 111 -8.89 -19.01 5.99
N ARG A 112 -9.08 -20.22 6.51
CA ARG A 112 -8.28 -21.39 6.12
C ARG A 112 -9.24 -22.50 5.71
N PRO A 113 -9.73 -22.47 4.48
CA PRO A 113 -10.71 -23.48 4.04
C PRO A 113 -10.10 -24.87 3.98
N VAL A 114 -10.97 -25.86 4.10
CA VAL A 114 -10.59 -27.27 4.17
C VAL A 114 -11.32 -28.05 3.09
N THR A 115 -10.84 -29.27 2.85
CA THR A 115 -11.48 -30.17 1.89
C THR A 115 -12.39 -31.17 2.60
N SER A 116 -13.36 -31.68 1.86
CA SER A 116 -14.32 -32.63 2.39
C SER A 116 -14.02 -34.08 1.98
N GLY A 117 -12.87 -34.33 1.36
CA GLY A 117 -12.42 -35.68 1.13
C GLY A 117 -12.21 -36.13 -0.30
N CYS A 118 -10.94 -36.20 -0.69
CA CYS A 118 -10.46 -36.89 -1.87
C CYS A 118 -9.03 -37.33 -1.60
N PHE A 119 -8.23 -37.58 -2.63
CA PHE A 119 -6.86 -38.02 -2.43
C PHE A 119 -6.12 -37.05 -1.49
N PRO A 120 -5.37 -37.56 -0.52
CA PRO A 120 -4.76 -36.68 0.49
C PRO A 120 -3.80 -35.67 -0.11
N ILE A 121 -3.78 -34.47 0.47
CA ILE A 121 -3.04 -33.33 -0.04
C ILE A 121 -2.23 -32.72 1.08
N MET A 122 -0.96 -32.39 0.80
CA MET A 122 -0.15 -31.59 1.71
C MET A 122 -0.54 -30.12 1.59
N HIS A 123 -1.52 -29.69 2.39
CA HIS A 123 -2.14 -28.38 2.19
C HIS A 123 -1.16 -27.25 2.49
N ASP A 124 -0.33 -27.39 3.51
CA ASP A 124 0.43 -26.26 4.03
C ASP A 124 1.74 -26.00 3.28
N ARG A 125 2.14 -26.87 2.36
CA ARG A 125 3.41 -26.68 1.68
C ARG A 125 3.33 -25.70 0.51
N THR A 126 2.14 -25.27 0.13
CA THR A 126 1.96 -24.31 -0.96
C THR A 126 0.91 -23.29 -0.54
N LYS A 127 0.46 -22.48 -1.50
CA LYS A 127 -0.53 -21.43 -1.27
C LYS A 127 -1.92 -21.84 -1.74
N ILE A 128 -2.18 -23.14 -1.85
CA ILE A 128 -3.41 -23.62 -2.49
C ILE A 128 -4.67 -23.27 -1.68
N ARG A 129 -4.56 -23.16 -0.36
CA ARG A 129 -5.75 -22.92 0.46
C ARG A 129 -6.44 -21.61 0.14
N GLN A 130 -5.74 -20.65 -0.48
CA GLN A 130 -6.31 -19.35 -0.76
C GLN A 130 -6.96 -19.26 -2.14
N LEU A 131 -6.93 -20.34 -2.92
CA LEU A 131 -7.55 -20.32 -4.25
C LEU A 131 -9.05 -20.05 -4.20
N PRO A 132 -9.85 -20.69 -3.33
CA PRO A 132 -11.28 -20.32 -3.28
C PRO A 132 -11.51 -18.86 -2.93
N ASN A 133 -10.68 -18.28 -2.07
CA ASN A 133 -10.83 -16.86 -1.75
C ASN A 133 -10.37 -15.98 -2.89
N LEU A 134 -9.46 -16.48 -3.73
CA LEU A 134 -9.07 -15.73 -4.92
C LEU A 134 -10.18 -15.74 -5.96
N LEU A 135 -10.78 -16.91 -6.21
CA LEU A 135 -11.94 -16.98 -7.09
C LEU A 135 -13.14 -16.24 -6.54
N ARG A 136 -13.19 -16.06 -5.22
CA ARG A 136 -14.30 -15.35 -4.59
C ARG A 136 -14.35 -13.89 -5.02
N GLY A 137 -13.20 -13.31 -5.37
CA GLY A 137 -13.15 -11.91 -5.74
C GLY A 137 -13.54 -11.58 -7.17
N TYR A 138 -13.77 -12.60 -8.00
CA TYR A 138 -14.15 -12.39 -9.39
C TYR A 138 -15.67 -12.51 -9.54
N GLU A 139 -16.26 -11.57 -10.27
CA GLU A 139 -17.72 -11.57 -10.43
C GLU A 139 -18.18 -12.75 -11.26
N HIS A 140 -17.56 -12.98 -12.41
CA HIS A 140 -17.90 -14.09 -13.30
C HIS A 140 -16.79 -15.14 -13.22
N VAL A 141 -17.16 -16.35 -12.81
CA VAL A 141 -16.21 -17.45 -12.69
C VAL A 141 -16.80 -18.66 -13.40
N ARG A 142 -16.00 -19.29 -14.26
CA ARG A 142 -16.45 -20.46 -15.00
C ARG A 142 -15.27 -21.35 -15.31
N LEU A 143 -15.56 -22.62 -15.57
CA LEU A 143 -14.56 -23.62 -15.88
C LEU A 143 -14.53 -23.87 -17.39
N SER A 144 -13.33 -24.03 -17.93
CA SER A 144 -13.18 -24.25 -19.36
C SER A 144 -13.77 -25.59 -19.77
N THR A 145 -14.21 -25.67 -21.03
CA THR A 145 -14.80 -26.88 -21.56
C THR A 145 -13.80 -27.76 -22.30
N HIS A 146 -12.68 -27.22 -22.75
CA HIS A 146 -11.65 -27.97 -23.45
C HIS A 146 -10.37 -28.00 -22.63
N ASN A 147 -9.62 -29.08 -22.78
CA ASN A 147 -8.34 -29.19 -22.10
C ASN A 147 -7.33 -28.23 -22.72
N VAL A 148 -6.65 -27.46 -21.86
CA VAL A 148 -5.62 -26.54 -22.35
C VAL A 148 -4.34 -27.26 -22.75
N ILE A 149 -4.18 -28.52 -22.36
CA ILE A 149 -3.02 -29.33 -22.72
C ILE A 149 -3.50 -30.74 -23.01
N ASN A 150 -3.05 -31.31 -24.11
CA ASN A 150 -3.33 -32.71 -24.42
C ASN A 150 -2.35 -33.57 -23.63
N ALA A 151 -2.85 -34.23 -22.59
CA ALA A 151 -1.98 -34.93 -21.65
C ALA A 151 -1.22 -36.09 -22.28
N GLU A 152 -1.75 -36.70 -23.34
CA GLU A 152 -1.08 -37.82 -23.98
C GLU A 152 0.03 -37.37 -24.94
N ASP A 153 0.09 -36.09 -25.27
CA ASP A 153 1.11 -35.57 -26.18
C ASP A 153 2.17 -34.74 -25.46
N ALA A 154 2.11 -34.66 -24.13
CA ALA A 154 3.07 -33.88 -23.36
C ALA A 154 4.44 -34.55 -23.42
N PRO A 155 5.51 -33.78 -23.21
CA PRO A 155 6.86 -34.37 -23.21
C PRO A 155 6.98 -35.43 -22.12
N GLY A 156 7.75 -36.47 -22.43
CA GLY A 156 7.81 -37.64 -21.57
C GLY A 156 6.85 -38.74 -21.95
N ARG A 157 6.10 -38.59 -23.04
CA ARG A 157 5.15 -39.59 -23.49
C ARG A 157 5.88 -40.86 -23.89
N PRO A 158 5.19 -42.02 -23.91
CA PRO A 158 3.75 -42.24 -23.73
C PRO A 158 3.28 -42.22 -22.28
N TYR A 159 2.15 -41.58 -22.05
CA TYR A 159 1.53 -41.48 -20.73
C TYR A 159 0.24 -42.29 -20.69
N GLU A 160 -0.05 -42.84 -19.51
CA GLU A 160 -1.35 -43.41 -19.21
C GLU A 160 -1.91 -42.68 -18.00
N ILE A 161 -3.13 -42.17 -18.12
CA ILE A 161 -3.70 -41.35 -17.07
C ILE A 161 -4.22 -42.24 -15.94
N GLY A 162 -3.43 -42.34 -14.87
CA GLY A 162 -3.82 -43.12 -13.73
C GLY A 162 -4.90 -42.44 -12.91
N THR A 163 -5.56 -43.25 -12.08
CA THR A 163 -6.64 -42.75 -11.25
C THR A 163 -6.76 -43.63 -10.01
N SER A 164 -7.35 -43.06 -8.96
CA SER A 164 -7.54 -43.74 -7.69
C SER A 164 -8.96 -43.54 -7.21
N GLY A 165 -9.50 -44.56 -6.55
CA GLY A 165 -10.87 -44.50 -6.09
C GLY A 165 -11.04 -43.83 -4.74
N SER A 166 -10.23 -42.81 -4.46
CA SER A 166 -10.38 -42.08 -3.21
C SER A 166 -11.58 -41.15 -3.24
N CYS A 167 -11.81 -40.46 -4.35
CA CYS A 167 -13.01 -39.63 -4.52
C CYS A 167 -13.65 -40.03 -5.83
N PRO A 168 -14.85 -40.62 -5.79
CA PRO A 168 -15.44 -41.21 -7.01
C PRO A 168 -16.34 -40.24 -7.77
N ASN A 169 -16.64 -40.62 -9.01
CA ASN A 169 -17.48 -39.82 -9.90
C ASN A 169 -18.94 -40.24 -9.74
N ILE A 170 -19.79 -39.82 -10.68
CA ILE A 170 -21.24 -40.00 -10.53
C ILE A 170 -21.60 -41.48 -10.40
N THR A 171 -20.92 -42.35 -11.14
CA THR A 171 -21.09 -43.79 -11.00
C THR A 171 -19.89 -44.32 -10.22
N ASN A 172 -20.15 -45.11 -9.18
CA ASN A 172 -19.09 -45.53 -8.25
C ASN A 172 -17.93 -46.16 -9.00
N GLY A 173 -16.79 -45.49 -8.95
CA GLY A 173 -15.61 -45.95 -9.66
C GLY A 173 -14.48 -44.98 -9.47
N ASN A 174 -13.35 -45.32 -10.07
CA ASN A 174 -12.14 -44.51 -9.93
C ASN A 174 -12.30 -43.18 -10.65
N GLY A 175 -11.78 -42.13 -10.02
CA GLY A 175 -11.83 -40.80 -10.59
C GLY A 175 -10.67 -39.96 -10.10
N PHE A 176 -10.70 -38.68 -10.47
CA PHE A 176 -9.69 -37.73 -10.03
C PHE A 176 -10.25 -36.33 -10.23
N PHE A 177 -9.47 -35.32 -9.82
CA PHE A 177 -9.90 -33.94 -9.97
C PHE A 177 -10.05 -33.57 -11.44
N ALA A 178 -11.00 -32.69 -11.72
CA ALA A 178 -11.29 -32.28 -13.08
C ALA A 178 -10.27 -31.31 -13.65
N THR A 179 -9.42 -30.73 -12.81
CA THR A 179 -8.45 -29.72 -13.24
C THR A 179 -7.04 -30.26 -13.36
N MET A 180 -6.86 -31.58 -13.28
CA MET A 180 -5.54 -32.19 -13.35
C MET A 180 -5.61 -33.52 -14.07
N ALA A 181 -4.45 -34.01 -14.48
CA ALA A 181 -4.33 -35.33 -15.10
C ALA A 181 -3.08 -36.00 -14.55
N TRP A 182 -3.26 -37.01 -13.71
CA TRP A 182 -2.15 -37.76 -13.14
C TRP A 182 -1.54 -38.60 -14.25
N ALA A 183 -0.37 -38.18 -14.74
CA ALA A 183 0.29 -38.84 -15.86
C ALA A 183 1.32 -39.82 -15.32
N VAL A 184 1.12 -41.10 -15.59
CA VAL A 184 2.04 -42.17 -15.21
C VAL A 184 2.70 -42.70 -16.48
N PRO A 185 4.01 -42.60 -16.61
CA PRO A 185 4.67 -43.03 -17.85
C PRO A 185 4.49 -44.51 -18.11
N LYS A 186 4.34 -44.87 -19.39
CA LYS A 186 4.33 -46.28 -19.77
C LYS A 186 5.71 -46.88 -19.77
N ASN A 187 6.73 -46.09 -20.11
CA ASN A 187 8.13 -46.50 -20.01
C ASN A 187 8.68 -45.96 -18.70
N LYS A 188 9.20 -46.86 -17.86
CA LYS A 188 9.56 -46.53 -16.48
C LYS A 188 11.06 -46.26 -16.42
N THR A 189 11.43 -44.99 -16.62
CA THR A 189 12.80 -44.55 -16.53
C THR A 189 12.84 -43.16 -15.90
N ALA A 190 14.00 -42.80 -15.38
CA ALA A 190 14.21 -41.45 -14.88
C ALA A 190 14.45 -40.48 -16.04
N THR A 191 14.06 -39.23 -15.84
CA THR A 191 14.12 -38.24 -16.91
C THR A 191 14.73 -36.94 -16.40
N ASN A 192 15.36 -36.22 -17.32
CA ASN A 192 15.81 -34.87 -17.05
C ASN A 192 14.60 -33.92 -17.05
N PRO A 193 14.75 -32.72 -16.48
CA PRO A 193 13.61 -31.79 -16.44
C PRO A 193 13.08 -31.49 -17.83
N LEU A 194 11.76 -31.42 -17.94
CA LEU A 194 11.06 -31.22 -19.20
C LEU A 194 10.23 -29.95 -19.11
N THR A 195 9.97 -29.35 -20.27
CA THR A 195 9.31 -28.06 -20.34
C THR A 195 8.01 -28.17 -21.15
N ILE A 196 6.97 -27.52 -20.66
CA ILE A 196 5.69 -27.41 -21.36
C ILE A 196 5.18 -26.00 -21.18
N GLU A 197 4.51 -25.48 -22.22
CA GLU A 197 3.98 -24.12 -22.22
C GLU A 197 2.46 -24.17 -22.15
N VAL A 198 1.89 -23.35 -21.27
CA VAL A 198 0.46 -23.33 -21.02
C VAL A 198 -0.13 -22.13 -21.78
N PRO A 199 -0.89 -22.34 -22.84
CA PRO A 199 -1.42 -21.24 -23.63
C PRO A 199 -2.67 -20.62 -23.01
N TYR A 200 -3.02 -19.44 -23.53
CA TYR A 200 -4.23 -18.72 -23.13
C TYR A 200 -5.41 -19.29 -23.90
N ILE A 201 -6.36 -19.92 -23.18
CA ILE A 201 -7.35 -20.75 -23.84
C ILE A 201 -8.76 -20.29 -23.46
N CYS A 202 -8.97 -18.98 -23.34
CA CYS A 202 -10.33 -18.47 -23.25
C CYS A 202 -10.35 -17.01 -23.69
N THR A 203 -11.50 -16.36 -23.49
CA THR A 203 -11.74 -15.03 -24.03
C THR A 203 -10.79 -14.01 -23.44
N GLU A 204 -10.37 -13.05 -24.28
CA GLU A 204 -9.48 -11.99 -23.83
C GLU A 204 -10.18 -11.13 -22.77
N GLY A 205 -9.37 -10.55 -21.88
CA GLY A 205 -9.88 -9.79 -20.78
C GLY A 205 -10.24 -10.60 -19.56
N GLU A 206 -9.97 -11.90 -19.56
CA GLU A 206 -10.28 -12.79 -18.45
C GLU A 206 -9.00 -13.41 -17.94
N ASP A 207 -8.64 -13.11 -16.70
CA ASP A 207 -7.45 -13.71 -16.11
C ASP A 207 -7.64 -15.20 -15.94
N GLN A 208 -6.64 -15.97 -16.34
CA GLN A 208 -6.71 -17.43 -16.34
C GLN A 208 -5.86 -17.98 -15.20
N ILE A 209 -6.46 -18.85 -14.38
CA ILE A 209 -5.78 -19.49 -13.26
C ILE A 209 -5.57 -20.96 -13.62
N THR A 210 -4.30 -21.37 -13.65
CA THR A 210 -3.94 -22.73 -14.00
C THR A 210 -3.55 -23.49 -12.74
N VAL A 211 -4.18 -24.65 -12.53
CA VAL A 211 -3.98 -25.46 -11.34
C VAL A 211 -3.19 -26.70 -11.73
N TRP A 212 -2.09 -26.96 -11.02
CA TRP A 212 -1.20 -28.06 -11.31
C TRP A 212 -0.60 -28.57 -10.00
N GLY A 213 0.17 -29.65 -10.09
CA GLY A 213 0.80 -30.19 -8.89
C GLY A 213 1.66 -31.38 -9.23
N PHE A 214 2.07 -32.10 -8.19
CA PHE A 214 2.87 -33.31 -8.37
C PHE A 214 2.56 -34.29 -7.26
N HIS A 215 2.91 -35.56 -7.50
CA HIS A 215 2.56 -36.67 -6.62
C HIS A 215 3.83 -37.38 -6.14
N SER A 216 3.81 -37.78 -4.87
CA SER A 216 4.94 -38.48 -4.27
C SER A 216 4.43 -39.61 -3.38
N ASP A 217 5.24 -40.64 -3.26
CA ASP A 217 4.92 -41.82 -2.46
C ASP A 217 6.21 -42.25 -1.75
N ASN A 218 6.21 -43.45 -1.17
CA ASN A 218 7.41 -43.91 -0.48
C ASN A 218 8.37 -44.54 -1.48
N GLU A 219 9.42 -45.20 -0.99
CA GLU A 219 10.54 -45.58 -1.85
C GLU A 219 10.16 -46.68 -2.83
N THR A 220 9.70 -47.82 -2.32
CA THR A 220 9.41 -48.96 -3.19
C THR A 220 8.27 -48.67 -4.15
N GLN A 221 7.22 -48.00 -3.68
CA GLN A 221 6.08 -47.71 -4.54
C GLN A 221 6.46 -46.73 -5.64
N MET A 222 7.26 -45.71 -5.32
CA MET A 222 7.69 -44.76 -6.35
C MET A 222 8.65 -45.43 -7.32
N ALA A 223 9.49 -46.35 -6.85
CA ALA A 223 10.34 -47.10 -7.77
C ALA A 223 9.54 -47.98 -8.70
N LYS A 224 8.44 -48.56 -8.20
CA LYS A 224 7.58 -49.40 -9.05
C LYS A 224 6.74 -48.58 -10.02
N LEU A 225 6.33 -47.38 -9.64
CA LEU A 225 5.47 -46.56 -10.49
C LEU A 225 6.25 -45.76 -11.53
N TYR A 226 7.34 -45.11 -11.12
CA TYR A 226 8.06 -44.18 -11.98
C TYR A 226 9.44 -44.66 -12.39
N GLY A 227 9.98 -45.69 -11.74
CA GLY A 227 11.28 -46.22 -12.09
C GLY A 227 12.46 -45.57 -11.41
N ASP A 228 12.25 -44.55 -10.58
CA ASP A 228 13.34 -43.90 -9.86
C ASP A 228 12.93 -43.70 -8.41
N SER A 229 13.94 -43.62 -7.53
CA SER A 229 13.72 -43.48 -6.11
C SER A 229 14.34 -42.21 -5.54
N LYS A 230 14.63 -41.22 -6.39
CA LYS A 230 15.21 -39.96 -5.94
C LYS A 230 14.18 -38.84 -6.00
N PRO A 231 14.28 -37.84 -5.13
CA PRO A 231 13.32 -36.74 -5.16
C PRO A 231 13.38 -35.98 -6.48
N GLN A 232 12.21 -35.52 -6.92
CA GLN A 232 12.08 -34.81 -8.18
C GLN A 232 11.88 -33.33 -7.94
N LYS A 233 12.37 -32.52 -8.89
CA LYS A 233 12.38 -31.07 -8.76
C LYS A 233 11.43 -30.47 -9.77
N PHE A 234 10.61 -29.51 -9.32
CA PHE A 234 9.60 -28.87 -10.14
C PHE A 234 9.73 -27.35 -10.00
N THR A 235 9.37 -26.64 -11.06
CA THR A 235 9.34 -25.18 -11.02
C THR A 235 8.35 -24.69 -12.06
N SER A 236 7.94 -23.43 -11.91
CA SER A 236 6.94 -22.84 -12.78
C SER A 236 7.13 -21.33 -12.80
N SER A 237 6.91 -20.72 -13.96
CA SER A 237 7.05 -19.28 -14.14
C SER A 237 5.81 -18.72 -14.82
N ALA A 238 5.36 -17.57 -14.37
CA ALA A 238 4.20 -16.89 -14.96
C ALA A 238 4.23 -15.44 -14.53
N ASN A 239 4.29 -14.52 -15.51
CA ASN A 239 4.32 -13.08 -15.27
C ASN A 239 5.53 -12.66 -14.44
N GLY A 240 6.63 -13.40 -14.52
CA GLY A 240 7.81 -13.10 -13.73
C GLY A 240 7.81 -13.71 -12.34
N VAL A 241 6.74 -14.36 -11.93
CA VAL A 241 6.67 -15.01 -10.64
C VAL A 241 7.11 -16.47 -10.79
N THR A 242 8.10 -16.87 -10.02
CA THR A 242 8.70 -18.20 -10.14
C THR A 242 8.68 -18.90 -8.78
N THR A 243 8.34 -20.18 -8.79
CA THR A 243 8.36 -21.01 -7.60
C THR A 243 9.17 -22.27 -7.87
N HIS A 244 9.73 -22.85 -6.81
CA HIS A 244 10.54 -24.06 -6.91
C HIS A 244 10.10 -25.05 -5.84
N TYR A 245 10.07 -26.32 -6.20
CA TYR A 245 9.58 -27.37 -5.32
C TYR A 245 10.41 -28.63 -5.49
N VAL A 246 10.64 -29.32 -4.37
CA VAL A 246 11.34 -30.60 -4.35
C VAL A 246 10.46 -31.59 -3.59
N SER A 247 10.27 -32.77 -4.16
CA SER A 247 9.39 -33.77 -3.58
C SER A 247 10.04 -34.45 -2.37
N GLN A 248 9.23 -35.15 -1.59
CA GLN A 248 9.66 -35.88 -0.41
C GLN A 248 9.42 -37.36 -0.61
N ILE A 249 10.38 -38.18 -0.20
CA ILE A 249 10.28 -39.63 -0.29
C ILE A 249 10.50 -40.21 1.11
N GLY A 250 9.46 -40.82 1.68
CA GLY A 250 9.59 -41.47 2.97
C GLY A 250 8.45 -41.21 3.92
N GLY A 251 8.79 -40.82 5.14
CA GLY A 251 7.78 -40.56 6.16
C GLY A 251 6.88 -39.39 5.83
N PHE A 252 5.57 -39.66 5.75
CA PHE A 252 4.58 -38.66 5.41
C PHE A 252 3.74 -38.30 6.63
N PRO A 253 3.25 -37.07 6.71
CA PRO A 253 2.32 -36.72 7.79
C PRO A 253 1.00 -37.47 7.64
N ASN A 254 0.30 -37.60 8.77
CA ASN A 254 -0.95 -38.34 8.80
C ASN A 254 -1.99 -37.69 7.90
N GLN A 255 -2.82 -38.53 7.26
CA GLN A 255 -3.84 -38.03 6.35
C GLN A 255 -4.81 -37.12 7.08
N THR A 256 -5.20 -36.03 6.42
CA THR A 256 -6.10 -35.05 7.00
C THR A 256 -7.06 -34.54 5.94
N GLU A 257 -8.32 -34.35 6.32
CA GLU A 257 -9.34 -33.77 5.46
C GLU A 257 -9.49 -34.54 4.15
N ASP A 258 -9.48 -35.87 4.25
CA ASP A 258 -9.61 -36.74 3.09
C ASP A 258 -10.58 -37.87 3.42
N GLY A 259 -11.21 -38.41 2.36
CA GLY A 259 -12.06 -39.57 2.52
C GLY A 259 -11.24 -40.77 2.95
N GLY A 260 -11.53 -41.30 4.14
CA GLY A 260 -10.65 -42.27 4.76
C GLY A 260 -10.42 -43.53 3.95
N LEU A 261 -9.24 -43.61 3.33
CA LEU A 261 -8.77 -44.77 2.59
C LEU A 261 -7.27 -44.83 2.88
N PRO A 262 -6.73 -45.99 3.20
CA PRO A 262 -5.28 -46.08 3.43
C PRO A 262 -4.48 -45.76 2.17
N GLN A 263 -3.77 -44.63 2.19
CA GLN A 263 -2.92 -44.23 1.08
C GLN A 263 -1.50 -44.03 1.60
N SER A 264 -0.53 -44.64 0.92
CA SER A 264 0.86 -44.53 1.34
C SER A 264 1.53 -43.26 0.86
N GLY A 265 0.93 -42.54 -0.09
CA GLY A 265 1.52 -41.31 -0.59
C GLY A 265 0.47 -40.23 -0.71
N ARG A 266 0.93 -39.02 -1.02
CA ARG A 266 0.05 -37.89 -1.17
C ARG A 266 0.65 -36.91 -2.17
N ILE A 267 -0.09 -35.84 -2.45
CA ILE A 267 0.23 -34.92 -3.53
C ILE A 267 0.38 -33.51 -2.98
N VAL A 268 1.13 -32.71 -3.72
CA VAL A 268 1.28 -31.28 -3.46
C VAL A 268 0.65 -30.54 -4.64
N VAL A 269 -0.12 -29.50 -4.34
CA VAL A 269 -0.95 -28.83 -5.34
C VAL A 269 -0.70 -27.33 -5.26
N ASP A 270 -0.45 -26.70 -6.41
CA ASP A 270 -0.23 -25.26 -6.52
C ASP A 270 -1.03 -24.71 -7.69
N TYR A 271 -0.96 -23.40 -7.88
CA TYR A 271 -1.68 -22.74 -8.97
C TYR A 271 -0.93 -21.49 -9.41
N MET A 272 -1.14 -21.12 -10.67
CA MET A 272 -0.58 -19.89 -11.21
C MET A 272 -1.68 -19.09 -11.90
N VAL A 273 -1.59 -17.77 -11.80
CA VAL A 273 -2.53 -16.87 -12.46
C VAL A 273 -1.84 -16.25 -13.67
N GLN A 274 -2.50 -16.32 -14.83
CA GLN A 274 -2.00 -15.72 -16.06
C GLN A 274 -2.95 -14.60 -16.48
N LYS A 275 -2.39 -13.46 -16.84
CA LYS A 275 -3.18 -12.31 -17.26
C LYS A 275 -3.62 -12.49 -18.70
N SER A 276 -4.13 -11.43 -19.31
CA SER A 276 -4.69 -11.51 -20.65
C SER A 276 -3.57 -11.70 -21.68
N GLY A 277 -3.66 -12.77 -22.46
CA GLY A 277 -2.74 -13.01 -23.54
C GLY A 277 -1.37 -13.50 -23.14
N LYS A 278 -1.16 -13.84 -21.87
CA LYS A 278 0.14 -14.26 -21.37
C LYS A 278 0.13 -15.76 -21.12
N THR A 279 1.17 -16.44 -21.61
CA THR A 279 1.30 -17.87 -21.42
C THR A 279 2.14 -18.16 -20.18
N GLY A 280 2.19 -19.44 -19.79
CA GLY A 280 2.96 -19.85 -18.64
C GLY A 280 3.84 -21.04 -19.00
N THR A 281 4.86 -21.23 -18.18
CA THR A 281 5.85 -22.28 -18.41
C THR A 281 5.96 -23.14 -17.16
N ILE A 282 6.07 -24.45 -17.37
CA ILE A 282 6.19 -25.42 -16.28
C ILE A 282 7.33 -26.36 -16.60
N THR A 283 8.24 -26.53 -15.64
CA THR A 283 9.29 -27.54 -15.71
C THR A 283 8.98 -28.62 -14.68
N TYR A 284 9.18 -29.88 -15.07
CA TYR A 284 8.71 -30.98 -14.24
C TYR A 284 9.54 -32.23 -14.47
N GLN A 285 9.35 -33.21 -13.59
CA GLN A 285 9.92 -34.54 -13.71
C GLN A 285 8.86 -35.58 -13.40
N ARG A 286 9.27 -36.83 -13.16
CA ARG A 286 8.31 -37.91 -12.97
C ARG A 286 7.34 -37.61 -11.84
N GLY A 287 6.05 -37.84 -12.12
CA GLY A 287 5.01 -37.62 -11.14
C GLY A 287 4.36 -36.25 -11.25
N ILE A 288 3.93 -35.89 -12.45
CA ILE A 288 3.36 -34.57 -12.73
C ILE A 288 1.85 -34.69 -12.89
N LEU A 289 1.11 -33.77 -12.28
CA LEU A 289 -0.33 -33.67 -12.44
C LEU A 289 -0.59 -32.52 -13.42
N LEU A 290 -0.67 -32.86 -14.70
CA LEU A 290 -0.75 -31.84 -15.74
C LEU A 290 -2.13 -31.18 -15.72
N PRO A 291 -2.21 -29.87 -15.97
CA PRO A 291 -3.51 -29.19 -15.93
C PRO A 291 -4.39 -29.61 -17.09
N GLN A 292 -5.70 -29.71 -16.81
CA GLN A 292 -6.68 -30.03 -17.84
C GLN A 292 -7.67 -28.91 -18.08
N LYS A 293 -8.42 -28.49 -17.06
CA LYS A 293 -9.48 -27.50 -17.22
C LYS A 293 -9.22 -26.35 -16.25
N VAL A 294 -8.78 -25.23 -16.78
CA VAL A 294 -8.38 -24.09 -15.98
C VAL A 294 -9.59 -23.22 -15.69
N TRP A 295 -9.50 -22.46 -14.59
CA TRP A 295 -10.45 -21.42 -14.29
C TRP A 295 -9.96 -20.10 -14.89
N CYS A 296 -10.80 -19.44 -15.66
CA CYS A 296 -10.51 -18.07 -16.07
C CYS A 296 -11.75 -17.21 -15.83
N ALA A 297 -11.53 -16.04 -15.22
CA ALA A 297 -12.60 -15.25 -14.66
C ALA A 297 -12.39 -13.78 -15.01
N SER A 298 -13.46 -13.01 -14.86
CA SER A 298 -13.43 -11.58 -15.16
C SER A 298 -14.32 -10.84 -14.17
N GLY A 299 -14.24 -9.52 -14.20
CA GLY A 299 -15.03 -8.68 -13.32
C GLY A 299 -14.42 -8.54 -11.95
N ARG A 300 -15.12 -7.78 -11.11
CA ARG A 300 -14.71 -7.51 -9.74
C ARG A 300 -15.90 -7.68 -8.82
N SER A 301 -15.70 -8.40 -7.72
CA SER A 301 -16.74 -8.67 -6.74
C SER A 301 -16.32 -8.11 -5.39
N LYS A 302 -17.22 -7.36 -4.74
CA LYS A 302 -16.92 -6.80 -3.44
C LYS A 302 -16.91 -7.91 -2.39
N VAL A 303 -15.77 -8.06 -1.70
CA VAL A 303 -15.57 -9.15 -0.75
C VAL A 303 -15.45 -8.55 0.65
N ILE A 304 -16.25 -9.09 1.57
CA ILE A 304 -16.19 -8.75 2.98
C ILE A 304 -16.29 -10.06 3.77
N LYS A 305 -15.50 -10.18 4.84
CA LYS A 305 -15.44 -11.44 5.55
C LYS A 305 -16.53 -11.52 6.61
N GLY A 306 -17.04 -12.73 6.84
CA GLY A 306 -18.12 -12.96 7.76
C GLY A 306 -18.34 -14.42 8.09
N SER A 307 -19.59 -14.80 8.37
CA SER A 307 -19.91 -16.17 8.76
C SER A 307 -21.22 -16.61 8.12
N LEU A 308 -21.33 -17.91 7.87
CA LEU A 308 -22.49 -18.58 7.31
C LEU A 308 -23.34 -19.20 8.41
N PRO A 309 -24.63 -19.46 8.16
CA PRO A 309 -25.41 -19.18 6.94
C PRO A 309 -26.00 -17.77 6.90
N LEU A 310 -26.39 -17.32 5.70
CA LEU A 310 -27.06 -16.05 5.54
C LEU A 310 -28.54 -16.21 5.89
N ILE A 311 -28.99 -15.50 6.91
CA ILE A 311 -30.36 -15.64 7.42
C ILE A 311 -31.04 -14.28 7.28
N GLY A 312 -32.06 -14.22 6.43
CA GLY A 312 -32.87 -13.02 6.30
C GLY A 312 -32.35 -11.99 5.33
N GLU A 313 -32.72 -10.72 5.57
CA GLU A 313 -32.37 -9.61 4.70
C GLU A 313 -31.89 -8.45 5.55
N ALA A 314 -30.88 -7.73 5.04
CA ALA A 314 -30.34 -6.57 5.75
C ALA A 314 -29.87 -5.54 4.74
N ASP A 315 -30.10 -4.27 5.08
CA ASP A 315 -29.67 -3.17 4.22
C ASP A 315 -28.16 -3.09 4.09
N CYS A 316 -27.43 -3.31 5.18
CA CYS A 316 -25.98 -3.17 5.20
C CYS A 316 -25.35 -4.41 5.83
N LEU A 317 -24.16 -4.75 5.37
CA LEU A 317 -23.39 -5.87 5.90
C LEU A 317 -22.14 -5.31 6.56
N HIS A 318 -22.10 -5.37 7.89
CA HIS A 318 -20.96 -4.89 8.67
C HIS A 318 -20.06 -6.06 9.02
N GLU A 319 -18.75 -5.85 8.92
CA GLU A 319 -17.80 -6.94 9.10
C GLU A 319 -17.73 -7.42 10.54
N LYS A 320 -18.17 -6.61 11.50
CA LYS A 320 -18.17 -7.00 12.91
C LYS A 320 -19.55 -7.00 13.55
N TYR A 321 -20.49 -6.20 13.05
CA TYR A 321 -21.84 -6.11 13.60
C TYR A 321 -22.84 -6.97 12.85
N GLY A 322 -22.39 -7.74 11.85
CA GLY A 322 -23.30 -8.59 11.11
C GLY A 322 -24.22 -7.78 10.21
N GLY A 323 -25.37 -8.38 9.88
CA GLY A 323 -26.36 -7.73 9.05
C GLY A 323 -27.09 -6.66 9.82
N LEU A 324 -26.97 -5.42 9.35
CA LEU A 324 -27.53 -4.26 10.02
C LEU A 324 -28.48 -3.54 9.08
N ASN A 325 -29.59 -3.04 9.64
CA ASN A 325 -30.54 -2.23 8.91
C ASN A 325 -30.32 -0.76 9.26
N LYS A 326 -30.11 0.07 8.25
CA LYS A 326 -29.81 1.47 8.46
C LYS A 326 -31.05 2.19 9.00
N SER A 327 -30.90 2.84 10.14
CA SER A 327 -31.97 3.62 10.74
C SER A 327 -31.59 5.07 11.03
N LYS A 328 -30.31 5.36 11.24
CA LYS A 328 -29.83 6.71 11.49
C LYS A 328 -28.57 6.96 10.67
N PRO A 329 -28.29 8.21 10.32
CA PRO A 329 -27.16 8.48 9.42
C PRO A 329 -25.81 8.02 9.95
N TYR A 330 -25.58 8.09 11.26
CA TYR A 330 -24.28 7.80 11.83
C TYR A 330 -24.41 6.77 12.95
N TYR A 331 -23.30 6.09 13.23
CA TYR A 331 -23.24 5.10 14.30
C TYR A 331 -21.93 5.22 15.05
N THR A 332 -21.94 4.79 16.30
CA THR A 332 -20.76 4.80 17.16
C THR A 332 -20.46 3.38 17.62
N GLY A 333 -19.19 3.02 17.60
CA GLY A 333 -18.77 1.68 17.98
C GLY A 333 -17.42 1.37 17.35
N GLU A 334 -17.19 0.08 17.14
CA GLU A 334 -15.95 -0.40 16.53
C GLU A 334 -16.07 -0.28 15.01
N HIS A 335 -15.24 0.58 14.43
CA HIS A 335 -15.29 0.80 12.99
C HIS A 335 -14.70 -0.40 12.24
N ALA A 336 -15.34 -0.75 11.12
CA ALA A 336 -14.87 -1.84 10.28
C ALA A 336 -15.45 -1.67 8.89
N LYS A 337 -15.06 -2.59 8.00
CA LYS A 337 -15.50 -2.53 6.61
C LYS A 337 -16.97 -2.91 6.48
N ALA A 338 -17.67 -2.27 5.55
CA ALA A 338 -19.08 -2.50 5.34
C ALA A 338 -19.43 -2.33 3.87
N ILE A 339 -20.51 -3.01 3.45
CA ILE A 339 -21.00 -2.96 2.08
C ILE A 339 -22.50 -2.70 2.09
N GLY A 340 -22.94 -1.75 1.29
CA GLY A 340 -24.37 -1.52 1.12
C GLY A 340 -24.87 -0.18 1.59
N ASN A 341 -26.16 -0.10 1.93
CA ASN A 341 -26.77 1.13 2.44
C ASN A 341 -26.41 1.25 3.92
N CYS A 342 -25.17 1.66 4.16
CA CYS A 342 -24.60 1.66 5.49
C CYS A 342 -24.52 3.08 6.06
N PRO A 343 -24.59 3.22 7.38
CA PRO A 343 -24.29 4.51 8.01
C PRO A 343 -22.78 4.71 8.09
N ILE A 344 -22.39 5.92 8.51
CA ILE A 344 -20.99 6.33 8.53
C ILE A 344 -20.51 6.41 9.97
N TRP A 345 -19.34 5.84 10.22
CA TRP A 345 -18.78 5.79 11.56
C TRP A 345 -18.38 7.17 12.07
N VAL A 346 -18.66 7.42 13.35
CA VAL A 346 -18.17 8.60 14.07
C VAL A 346 -17.63 8.14 15.40
N LYS A 347 -16.80 8.98 16.01
CA LYS A 347 -16.13 8.60 17.24
C LYS A 347 -16.89 9.01 18.49
N THR A 348 -17.75 10.01 18.41
CA THR A 348 -18.49 10.49 19.57
C THR A 348 -19.98 10.58 19.23
N PRO A 349 -20.87 10.48 20.26
CA PRO A 349 -22.31 10.70 20.12
C PRO A 349 -22.79 12.08 19.68
N LEU A 350 -23.04 12.27 18.38
CA LEU A 350 -23.41 13.60 17.92
C LEU A 350 -24.90 13.85 18.15
N LYS A 351 -25.23 15.11 18.39
CA LYS A 351 -26.60 15.53 18.59
C LYS A 351 -26.88 16.78 17.76
N LEU A 352 -28.11 16.89 17.28
CA LEU A 352 -28.54 18.02 16.46
C LEU A 352 -29.53 18.86 17.24
N ALA A 353 -29.27 20.17 17.29
CA ALA A 353 -30.06 21.06 18.12
C ALA A 353 -31.50 21.15 17.63
N ASN A 354 -32.42 21.21 18.59
CA ASN A 354 -33.84 21.34 18.27
C ASN A 354 -34.45 22.35 19.23
N GLY A 355 -35.47 23.06 18.74
CA GLY A 355 -36.14 24.06 19.54
C GLY A 355 -35.34 25.33 19.70
N ASN A 414 -38.93 25.21 9.97
CA ASN A 414 -38.49 24.37 8.86
C ASN A 414 -36.97 24.38 8.74
N LYS A 415 -36.32 25.28 9.49
CA LYS A 415 -34.87 25.37 9.45
C LYS A 415 -34.22 24.09 9.96
N ILE A 416 -34.78 23.50 11.02
CA ILE A 416 -34.24 22.25 11.56
C ILE A 416 -34.39 21.13 10.55
N THR A 417 -35.56 21.05 9.89
CA THR A 417 -35.78 20.01 8.90
C THR A 417 -34.96 20.26 7.64
N LYS A 418 -34.68 21.53 7.33
CA LYS A 418 -33.98 21.86 6.10
C LYS A 418 -32.57 21.27 6.08
N ASN A 419 -31.83 21.41 7.18
CA ASN A 419 -30.47 20.89 7.25
C ASN A 419 -30.37 19.53 7.92
N LEU A 420 -31.50 18.94 8.32
CA LEU A 420 -31.45 17.57 8.83
C LEU A 420 -31.23 16.57 7.69
N ASN A 421 -31.87 16.81 6.54
CA ASN A 421 -31.65 15.96 5.38
C ASN A 421 -30.27 16.17 4.79
N SER A 422 -29.76 17.40 4.85
CA SER A 422 -28.42 17.69 4.32
C SER A 422 -27.36 16.87 5.03
N LEU A 423 -27.46 16.76 6.36
CA LEU A 423 -26.56 15.87 7.10
C LEU A 423 -26.87 14.41 6.81
N SER A 424 -28.15 14.09 6.58
CA SER A 424 -28.52 12.71 6.26
C SER A 424 -28.17 12.33 4.83
N GLU A 425 -27.91 13.30 3.96
CA GLU A 425 -27.61 13.04 2.56
C GLU A 425 -26.12 13.10 2.25
N LEU A 426 -25.26 13.16 3.28
CA LEU A 426 -23.83 13.08 3.04
C LEU A 426 -23.47 11.72 2.49
N GLU A 427 -22.46 11.71 1.61
CA GLU A 427 -22.19 10.54 0.78
C GLU A 427 -20.71 10.19 0.85
N VAL A 428 -20.43 8.95 1.25
CA VAL A 428 -19.06 8.49 1.43
C VAL A 428 -18.92 7.11 0.79
N LYS A 429 -17.81 6.91 0.09
CA LYS A 429 -17.52 5.63 -0.56
C LYS A 429 -17.19 4.57 0.49
N ASN A 430 -17.53 3.32 0.16
CA ASN A 430 -17.33 2.20 1.07
C ASN A 430 -15.90 1.68 1.00
N LEU A 431 -15.58 0.78 1.93
CA LEU A 431 -14.27 0.15 2.02
C LEU A 431 -14.44 -1.36 2.03
N GLN A 432 -13.64 -2.06 1.21
CA GLN A 432 -13.68 -3.51 1.14
C GLN A 432 -12.26 -4.04 1.11
N ARG A 433 -12.15 -5.37 1.09
CA ARG A 433 -10.86 -6.02 0.96
C ARG A 433 -10.28 -5.80 -0.43
N LEU A 434 -8.98 -6.03 -0.59
CA LEU A 434 -8.34 -5.78 -1.88
C LEU A 434 -8.74 -6.82 -2.92
N SER A 435 -9.31 -7.95 -2.48
CA SER A 435 -9.81 -8.99 -3.37
C SER A 435 -8.69 -9.69 -4.13
N GLY A 436 -7.47 -9.22 -3.95
CA GLY A 436 -6.31 -9.85 -4.58
C GLY A 436 -5.19 -10.09 -3.60
N ALA A 437 -5.31 -9.49 -2.41
CA ALA A 437 -4.31 -9.65 -1.35
C ALA A 437 -4.75 -10.79 -0.45
N MET A 438 -3.94 -11.84 -0.39
CA MET A 438 -4.26 -13.03 0.39
C MET A 438 -3.72 -12.85 1.81
N ASP A 439 -4.46 -13.36 2.79
CA ASP A 439 -4.05 -13.27 4.19
C ASP A 439 -2.73 -13.99 4.42
N GLU A 440 -2.58 -15.18 3.82
CA GLU A 440 -1.39 -15.99 4.04
C GLU A 440 -0.16 -15.42 3.33
N LEU A 441 -0.36 -14.85 2.14
CA LEU A 441 0.75 -14.45 1.29
C LEU A 441 1.15 -12.99 1.46
N HIS A 442 0.19 -12.06 1.45
CA HIS A 442 0.46 -10.63 1.44
C HIS A 442 -0.03 -10.02 2.76
N ASN A 443 0.88 -9.87 3.71
CA ASN A 443 0.55 -9.35 5.03
C ASN A 443 0.83 -7.85 5.16
N GLU A 444 1.94 -7.37 4.60
CA GLU A 444 2.27 -5.96 4.69
C GLU A 444 1.25 -5.09 3.96
N ILE A 445 0.78 -5.55 2.80
CA ILE A 445 -0.22 -4.81 2.05
C ILE A 445 -1.53 -4.73 2.82
N LEU A 446 -1.90 -5.83 3.50
CA LEU A 446 -3.12 -5.81 4.31
C LEU A 446 -2.96 -4.88 5.52
N GLU A 447 -1.76 -4.86 6.11
CA GLU A 447 -1.52 -3.93 7.22
C GLU A 447 -1.63 -2.49 6.76
N LEU A 448 -1.07 -2.18 5.59
CA LEU A 448 -1.20 -0.82 5.05
C LEU A 448 -2.65 -0.51 4.72
N ASP A 449 -3.41 -1.51 4.26
CA ASP A 449 -4.83 -1.31 3.96
C ASP A 449 -5.60 -0.98 5.23
N GLU A 450 -5.35 -1.70 6.32
CA GLU A 450 -6.04 -1.38 7.57
C GLU A 450 -5.61 -0.01 8.10
N LYS A 451 -4.33 0.35 7.92
CA LYS A 451 -3.86 1.67 8.32
C LYS A 451 -4.61 2.78 7.58
N VAL A 452 -4.70 2.66 6.26
CA VAL A 452 -5.36 3.71 5.48
C VAL A 452 -6.85 3.73 5.75
N ASP A 453 -7.44 2.56 6.04
CA ASP A 453 -8.85 2.52 6.44
C ASP A 453 -9.07 3.29 7.74
N ASP A 454 -8.20 3.09 8.72
CA ASP A 454 -8.32 3.83 9.98
C ASP A 454 -8.15 5.33 9.77
N LEU A 455 -7.17 5.71 8.95
CA LEU A 455 -6.94 7.13 8.69
C LEU A 455 -8.15 7.78 8.01
N ARG A 456 -8.72 7.09 7.02
CA ARG A 456 -9.93 7.61 6.38
C ARG A 456 -11.08 7.70 7.36
N ALA A 457 -11.25 6.71 8.23
CA ALA A 457 -12.30 6.76 9.23
C ALA A 457 -12.17 8.01 10.08
N ASP A 458 -10.94 8.28 10.55
CA ASP A 458 -10.73 9.46 11.38
C ASP A 458 -11.01 10.76 10.61
N THR A 459 -10.56 10.83 9.36
CA THR A 459 -10.76 12.04 8.57
C THR A 459 -12.24 12.30 8.33
N ILE A 460 -12.99 11.27 7.94
CA ILE A 460 -14.41 11.43 7.67
C ILE A 460 -15.16 11.78 8.94
N SER A 461 -14.77 11.17 10.07
CA SER A 461 -15.40 11.51 11.35
C SER A 461 -15.19 12.98 11.69
N SER A 462 -13.96 13.48 11.49
CA SER A 462 -13.69 14.88 11.77
C SER A 462 -14.50 15.80 10.87
N GLN A 463 -14.61 15.46 9.58
CA GLN A 463 -15.42 16.28 8.68
C GLN A 463 -16.89 16.29 9.11
N ILE A 464 -17.41 15.13 9.49
CA ILE A 464 -18.81 15.05 9.92
C ILE A 464 -19.02 15.87 11.18
N GLU A 465 -18.10 15.78 12.15
CA GLU A 465 -18.24 16.58 13.36
C GLU A 465 -18.24 18.07 13.05
N LEU A 466 -17.33 18.51 12.16
CA LEU A 466 -17.32 19.91 11.78
C LEU A 466 -18.63 20.32 11.13
N ALA A 467 -19.17 19.47 10.25
CA ALA A 467 -20.45 19.78 9.61
C ALA A 467 -21.57 19.89 10.64
N VAL A 468 -21.60 19.00 11.63
CA VAL A 468 -22.65 19.04 12.64
C VAL A 468 -22.52 20.30 13.50
N LEU A 469 -21.30 20.67 13.87
CA LEU A 469 -21.13 21.91 14.63
C LEU A 469 -21.59 23.12 13.82
N LEU A 470 -21.24 23.17 12.53
CA LEU A 470 -21.71 24.28 11.71
C LEU A 470 -23.23 24.31 11.64
N SER A 471 -23.84 23.13 11.45
CA SER A 471 -25.30 23.06 11.30
C SER A 471 -26.01 23.53 12.57
N ASN A 472 -25.62 22.99 13.73
CA ASN A 472 -26.36 23.35 14.94
C ASN A 472 -26.00 24.75 15.42
N GLU A 473 -24.80 25.24 15.09
CA GLU A 473 -24.49 26.64 15.34
C GLU A 473 -25.40 27.56 14.52
N GLY A 474 -25.62 27.20 13.25
CA GLY A 474 -26.56 27.96 12.44
C GLY A 474 -27.97 27.88 12.97
N ILE A 475 -28.38 26.70 13.46
CA ILE A 475 -29.72 26.54 14.02
C ILE A 475 -29.90 27.42 15.25
N ILE A 476 -28.91 27.43 16.14
CA ILE A 476 -29.02 28.23 17.37
C ILE A 476 -29.13 29.72 17.04
N ASN A 477 -28.29 30.19 16.12
CA ASN A 477 -28.31 31.60 15.73
C ASN A 477 -29.54 31.92 14.90
N SER B 33 -9.38 44.76 13.93
CA SER B 33 -10.10 45.98 14.27
C SER B 33 -9.50 47.19 13.56
N SER B 34 -9.02 48.16 14.33
CA SER B 34 -8.43 49.35 13.77
C SER B 34 -7.06 49.06 13.18
N ASN B 35 -6.41 50.10 12.67
CA ASN B 35 -5.09 49.96 12.07
C ASN B 35 -4.09 49.45 13.09
N SER B 36 -3.31 48.44 12.68
CA SER B 36 -2.33 47.79 13.55
C SER B 36 -1.36 46.98 12.71
N PRO B 37 -0.13 46.78 13.18
CA PRO B 37 0.84 45.99 12.40
C PRO B 37 0.61 44.48 12.45
N HIS B 38 -0.53 44.02 12.95
CA HIS B 38 -0.86 42.60 13.00
C HIS B 38 -2.03 42.31 12.09
N VAL B 39 -1.90 41.29 11.26
CA VAL B 39 -2.90 40.92 10.27
C VAL B 39 -3.25 39.45 10.43
N VAL B 40 -4.52 39.12 10.20
CA VAL B 40 -4.99 37.74 10.30
C VAL B 40 -5.83 37.40 9.08
N LYS B 41 -5.89 36.12 8.73
CA LYS B 41 -6.69 35.65 7.62
C LYS B 41 -8.07 35.22 8.09
N THR B 42 -9.05 35.35 7.19
CA THR B 42 -10.42 34.94 7.46
C THR B 42 -10.93 34.12 6.27
N ALA B 43 -11.90 33.25 6.56
CA ALA B 43 -12.43 32.37 5.51
C ALA B 43 -13.21 33.15 4.46
N THR B 44 -13.91 34.21 4.87
CA THR B 44 -14.75 34.97 3.96
C THR B 44 -14.16 36.34 3.61
N GLN B 45 -13.80 37.13 4.60
CA GLN B 45 -13.33 38.49 4.37
C GLN B 45 -11.85 38.58 4.01
N GLY B 46 -11.13 37.46 4.03
CA GLY B 46 -9.73 37.50 3.66
C GLY B 46 -8.90 38.21 4.72
N GLU B 47 -7.94 39.01 4.27
CA GLU B 47 -7.00 39.66 5.16
C GLU B 47 -7.70 40.75 5.97
N VAL B 48 -7.43 40.80 7.27
CA VAL B 48 -8.02 41.79 8.17
C VAL B 48 -6.97 42.15 9.22
N ASN B 49 -6.92 43.43 9.57
CA ASN B 49 -5.94 43.94 10.53
C ASN B 49 -6.57 43.95 11.92
N VAL B 50 -5.85 43.36 12.89
CA VAL B 50 -6.30 43.30 14.27
C VAL B 50 -5.17 43.80 15.17
N THR B 51 -5.55 44.20 16.39
CA THR B 51 -4.61 44.75 17.35
C THR B 51 -4.10 43.66 18.28
N GLY B 52 -3.26 42.79 17.73
CA GLY B 52 -2.65 41.72 18.49
C GLY B 52 -3.10 40.34 18.05
N VAL B 53 -2.18 39.37 18.11
CA VAL B 53 -2.45 38.01 17.71
C VAL B 53 -1.87 37.06 18.76
N ILE B 54 -2.35 35.82 18.72
CA ILE B 54 -1.84 34.75 19.57
C ILE B 54 -1.24 33.68 18.66
N PRO B 55 0.08 33.62 18.57
CA PRO B 55 0.72 32.62 17.69
C PRO B 55 0.39 31.20 18.12
N LEU B 56 0.21 30.34 17.13
CA LEU B 56 -0.10 28.93 17.38
C LEU B 56 0.93 27.99 16.77
N THR B 57 1.98 28.50 16.15
CA THR B 57 2.98 27.67 15.48
C THR B 57 4.37 28.03 15.99
N THR B 58 5.28 27.07 15.91
CA THR B 58 6.66 27.27 16.31
C THR B 58 7.52 26.26 15.56
N THR B 59 8.70 26.72 15.11
CA THR B 59 9.61 25.86 14.38
C THR B 59 10.58 25.20 15.35
N PRO B 60 10.53 23.89 15.54
CA PRO B 60 11.47 23.25 16.47
C PRO B 60 12.89 23.22 15.90
N THR B 61 13.81 22.81 16.77
CA THR B 61 15.24 22.72 16.38
C THR B 61 15.70 21.28 16.65
N LYS B 62 16.57 20.73 15.78
CA LYS B 62 17.08 19.36 15.91
C LYS B 62 17.78 19.21 17.24
N SER B 63 17.45 18.13 17.94
CA SER B 63 18.05 17.84 19.24
C SER B 63 18.24 16.33 19.32
N HIS B 64 18.88 15.87 20.34
CA HIS B 64 19.11 14.47 20.63
C HIS B 64 17.78 13.78 20.96
N PHE B 65 17.83 12.45 21.03
CA PHE B 65 16.67 11.64 21.33
C PHE B 65 16.61 11.32 22.82
N ALA B 66 15.41 11.44 23.39
CA ALA B 66 15.20 11.27 24.82
C ALA B 66 14.17 10.17 25.06
N ASN B 67 14.20 9.61 26.27
CA ASN B 67 13.22 8.61 26.64
C ASN B 67 11.82 9.23 26.67
N LEU B 68 10.86 8.51 26.11
CA LEU B 68 9.49 9.00 26.04
C LEU B 68 8.86 9.03 27.42
N LYS B 69 8.27 10.16 27.79
CA LYS B 69 7.71 10.32 29.12
C LYS B 69 6.43 9.49 29.25
N GLY B 70 6.38 8.65 30.29
CA GLY B 70 5.23 7.81 30.53
C GLY B 70 5.23 6.47 29.85
N THR B 71 6.22 6.19 29.01
CA THR B 71 6.28 4.93 28.29
C THR B 71 7.72 4.44 28.28
N GLU B 72 7.91 3.15 28.51
CA GLU B 72 9.24 2.55 28.47
C GLU B 72 9.67 2.40 27.02
N THR B 73 10.72 3.13 26.63
CA THR B 73 11.16 3.18 25.25
C THR B 73 12.32 2.20 25.04
N ARG B 74 12.23 1.43 23.95
CA ARG B 74 13.24 0.42 23.65
C ARG B 74 14.32 1.03 22.77
N GLY B 75 15.56 0.98 23.24
CA GLY B 75 16.70 1.39 22.46
C GLY B 75 17.46 0.17 21.98
N LYS B 76 18.53 -0.18 22.69
CA LYS B 76 19.22 -1.44 22.43
C LYS B 76 18.30 -2.61 22.72
N LEU B 77 18.50 -3.70 21.99
CA LEU B 77 17.63 -4.85 22.13
C LEU B 77 17.74 -5.46 23.52
N CYS B 78 18.97 -5.69 23.98
CA CYS B 78 19.25 -6.16 25.34
C CYS B 78 20.21 -5.17 25.99
N PRO B 79 19.69 -4.17 26.72
CA PRO B 79 20.57 -3.17 27.33
C PRO B 79 21.58 -3.75 28.30
N LYS B 80 21.23 -4.82 29.01
CA LYS B 80 22.14 -5.43 29.97
C LYS B 80 23.11 -6.41 29.34
N CYS B 81 23.01 -6.63 28.03
CA CYS B 81 23.96 -7.48 27.31
C CYS B 81 25.12 -6.60 26.84
N LEU B 82 26.24 -6.69 27.53
CA LEU B 82 27.37 -5.81 27.26
C LEU B 82 28.23 -6.36 26.12
N ASN B 83 28.81 -5.43 25.34
CA ASN B 83 29.68 -5.76 24.21
C ASN B 83 28.95 -6.63 23.18
N CYS B 84 27.68 -6.32 22.93
CA CYS B 84 26.88 -7.06 21.98
C CYS B 84 25.91 -6.13 21.28
N THR B 85 25.71 -6.36 19.99
CA THR B 85 24.79 -5.56 19.18
C THR B 85 23.44 -6.28 19.09
N ASP B 86 22.53 -5.73 18.28
CA ASP B 86 21.22 -6.36 18.12
C ASP B 86 21.32 -7.65 17.31
N LEU B 87 22.18 -7.68 16.31
CA LEU B 87 22.35 -8.91 15.53
C LEU B 87 23.00 -10.02 16.35
N ASP B 88 23.90 -9.65 17.27
CA ASP B 88 24.49 -10.65 18.15
C ASP B 88 23.45 -11.31 19.04
N VAL B 89 22.51 -10.51 19.56
CA VAL B 89 21.44 -11.06 20.38
C VAL B 89 20.49 -11.89 19.52
N ALA B 90 20.14 -11.38 18.33
CA ALA B 90 19.18 -12.09 17.48
C ALA B 90 19.72 -13.45 17.04
N LEU B 91 21.01 -13.51 16.69
CA LEU B 91 21.61 -14.79 16.29
C LEU B 91 21.91 -15.69 17.48
N GLY B 92 21.79 -15.19 18.71
CA GLY B 92 22.08 -15.99 19.88
C GLY B 92 23.55 -16.17 20.16
N ARG B 93 24.24 -15.06 20.40
CA ARG B 93 25.66 -15.11 20.72
C ARG B 93 25.88 -15.81 22.07
N PRO B 94 26.89 -16.69 22.17
CA PRO B 94 27.03 -17.50 23.38
C PRO B 94 27.12 -16.72 24.68
N LYS B 95 27.81 -15.58 24.69
CA LYS B 95 28.10 -14.90 25.95
C LYS B 95 27.17 -13.72 26.23
N CYS B 96 26.17 -13.48 25.39
CA CYS B 96 25.20 -12.44 25.72
C CYS B 96 23.77 -12.86 25.40
N THR B 97 23.39 -14.09 25.78
CA THR B 97 21.98 -14.44 25.78
C THR B 97 21.32 -13.91 27.05
N GLY B 98 20.15 -13.29 26.88
CA GLY B 98 19.47 -12.71 28.02
C GLY B 98 18.04 -12.37 27.67
N LYS B 99 17.29 -11.99 28.70
CA LYS B 99 15.88 -11.68 28.54
C LYS B 99 15.70 -10.34 27.85
N ILE B 100 14.76 -10.28 26.90
CA ILE B 100 14.45 -9.07 26.18
C ILE B 100 13.23 -8.43 26.83
N PRO B 101 13.36 -7.29 27.50
CA PRO B 101 12.18 -6.66 28.12
C PRO B 101 11.17 -6.22 27.08
N SER B 102 9.90 -6.23 27.48
CA SER B 102 8.82 -5.81 26.61
C SER B 102 8.76 -4.28 26.52
N ALA B 103 8.35 -3.79 25.37
CA ALA B 103 8.28 -2.36 25.13
C ALA B 103 7.15 -2.04 24.18
N ARG B 104 6.49 -0.91 24.40
CA ARG B 104 5.41 -0.45 23.53
C ARG B 104 5.93 0.48 22.43
N VAL B 105 6.92 1.31 22.74
CA VAL B 105 7.53 2.23 21.79
C VAL B 105 8.99 1.82 21.65
N SER B 106 9.46 1.72 20.41
CA SER B 106 10.81 1.27 20.13
C SER B 106 11.50 2.23 19.16
N ILE B 107 12.83 2.20 19.17
CA ILE B 107 13.67 3.09 18.37
C ILE B 107 14.52 2.25 17.45
N LEU B 108 14.56 2.64 16.18
CA LEU B 108 15.41 1.98 15.17
C LEU B 108 16.60 2.88 14.88
N HIS B 109 17.80 2.37 15.14
CA HIS B 109 19.02 3.16 15.01
C HIS B 109 19.92 2.70 13.89
N GLU B 110 19.96 1.40 13.60
CA GLU B 110 20.83 0.85 12.57
C GLU B 110 19.98 0.33 11.42
N VAL B 111 20.02 1.05 10.29
CA VAL B 111 19.34 0.58 9.09
C VAL B 111 19.99 -0.69 8.56
N ARG B 112 21.32 -0.80 8.70
CA ARG B 112 22.07 -1.99 8.31
C ARG B 112 22.90 -2.42 9.51
N PRO B 113 22.31 -3.16 10.45
CA PRO B 113 23.04 -3.57 11.64
C PRO B 113 24.17 -4.53 11.33
N VAL B 114 25.15 -4.57 12.23
CA VAL B 114 26.37 -5.34 12.05
C VAL B 114 26.58 -6.22 13.29
N THR B 115 27.44 -7.22 13.14
CA THR B 115 27.80 -8.11 14.24
C THR B 115 29.06 -7.61 14.95
N SER B 116 29.21 -8.03 16.20
CA SER B 116 30.38 -7.67 16.99
C SER B 116 31.45 -8.76 17.03
N GLY B 117 31.28 -9.83 16.25
CA GLY B 117 32.34 -10.80 16.06
C GLY B 117 32.11 -12.22 16.55
N CYS B 118 31.83 -13.11 15.60
CA CYS B 118 31.80 -14.55 15.79
C CYS B 118 32.17 -15.18 14.44
N PHE B 119 31.82 -16.44 14.23
CA PHE B 119 32.16 -17.12 12.98
C PHE B 119 31.71 -16.27 11.78
N PRO B 120 32.56 -16.10 10.78
CA PRO B 120 32.26 -15.17 9.68
C PRO B 120 30.99 -15.56 8.92
N ILE B 121 30.25 -14.54 8.48
CA ILE B 121 28.95 -14.71 7.84
C ILE B 121 28.93 -13.90 6.55
N MET B 122 28.34 -14.48 5.50
CA MET B 122 28.04 -13.77 4.25
C MET B 122 26.75 -12.98 4.48
N HIS B 123 26.90 -11.75 4.98
CA HIS B 123 25.73 -11.01 5.44
C HIS B 123 24.82 -10.59 4.29
N ASP B 124 25.39 -10.29 3.13
CA ASP B 124 24.61 -9.66 2.06
C ASP B 124 23.94 -10.65 1.12
N ARG B 125 24.17 -11.95 1.28
CA ARG B 125 23.56 -12.92 0.38
C ARG B 125 22.15 -13.31 0.78
N THR B 126 21.68 -12.90 1.95
CA THR B 126 20.32 -13.20 2.40
C THR B 126 19.74 -11.93 3.02
N LYS B 127 18.60 -12.08 3.69
CA LYS B 127 17.89 -10.98 4.34
C LYS B 127 18.13 -10.95 5.84
N ILE B 128 19.23 -11.54 6.31
CA ILE B 128 19.43 -11.73 7.75
C ILE B 128 19.63 -10.43 8.50
N ARG B 129 20.18 -9.39 7.87
CA ARG B 129 20.44 -8.14 8.58
C ARG B 129 19.18 -7.49 9.12
N GLN B 130 18.01 -7.79 8.56
CA GLN B 130 16.77 -7.16 8.99
C GLN B 130 16.06 -7.92 10.09
N LEU B 131 16.62 -9.04 10.55
CA LEU B 131 15.99 -9.79 11.63
C LEU B 131 15.89 -8.99 12.93
N PRO B 132 16.93 -8.29 13.41
CA PRO B 132 16.74 -7.46 14.60
C PRO B 132 15.68 -6.39 14.44
N ASN B 133 15.58 -5.79 13.25
CA ASN B 133 14.53 -4.80 13.03
C ASN B 133 13.16 -5.44 12.93
N LEU B 134 13.09 -6.73 12.57
CA LEU B 134 11.82 -7.44 12.58
C LEU B 134 11.38 -7.76 14.01
N LEU B 135 12.33 -8.22 14.84
CA LEU B 135 12.03 -8.46 16.25
C LEU B 135 11.73 -7.17 16.99
N ARG B 136 12.26 -6.04 16.51
CA ARG B 136 12.02 -4.75 17.14
C ARG B 136 10.54 -4.36 17.11
N GLY B 137 9.79 -4.87 16.12
CA GLY B 137 8.39 -4.51 15.99
C GLY B 137 7.44 -5.27 16.87
N TYR B 138 7.91 -6.27 17.61
CA TYR B 138 7.07 -7.07 18.49
C TYR B 138 7.20 -6.59 19.93
N GLU B 139 6.07 -6.46 20.62
CA GLU B 139 6.09 -5.96 21.99
C GLU B 139 6.74 -6.98 22.93
N HIS B 140 6.32 -8.24 22.86
CA HIS B 140 6.87 -9.31 23.69
C HIS B 140 7.73 -10.20 22.82
N VAL B 141 9.02 -10.31 23.16
CA VAL B 141 9.96 -11.15 22.43
C VAL B 141 10.69 -12.03 23.43
N ARG B 142 10.75 -13.33 23.15
CA ARG B 142 11.42 -14.27 24.03
C ARG B 142 11.97 -15.43 23.22
N LEU B 143 12.95 -16.12 23.80
CA LEU B 143 13.57 -17.27 23.18
C LEU B 143 13.04 -18.56 23.81
N SER B 144 12.84 -19.57 22.98
CA SER B 144 12.29 -20.84 23.45
C SER B 144 13.29 -21.54 24.37
N THR B 145 12.75 -22.36 25.28
CA THR B 145 13.57 -23.10 26.22
C THR B 145 13.89 -24.52 25.76
N HIS B 146 13.11 -25.07 24.83
CA HIS B 146 13.34 -26.42 24.31
C HIS B 146 13.68 -26.34 22.84
N ASN B 147 14.47 -27.31 22.38
CA ASN B 147 14.81 -27.38 20.97
C ASN B 147 13.60 -27.83 20.16
N VAL B 148 13.30 -27.09 19.08
CA VAL B 148 12.19 -27.47 18.20
C VAL B 148 12.52 -28.66 17.33
N ILE B 149 13.79 -29.03 17.23
CA ILE B 149 14.23 -30.18 16.45
C ILE B 149 15.34 -30.87 17.22
N ASN B 150 15.25 -32.20 17.34
CA ASN B 150 16.33 -32.98 17.93
C ASN B 150 17.39 -33.21 16.86
N ALA B 151 18.50 -32.49 16.97
CA ALA B 151 19.50 -32.48 15.90
C ALA B 151 20.15 -33.85 15.68
N GLU B 152 20.19 -34.70 16.70
CA GLU B 152 20.80 -36.01 16.55
C GLU B 152 19.88 -37.02 15.88
N ASP B 153 18.58 -36.70 15.74
CA ASP B 153 17.63 -37.59 15.10
C ASP B 153 17.18 -37.08 13.73
N ALA B 154 17.76 -36.00 13.23
CA ALA B 154 17.39 -35.45 11.95
C ALA B 154 17.82 -36.38 10.82
N PRO B 155 17.15 -36.32 9.66
CA PRO B 155 17.55 -37.15 8.53
C PRO B 155 18.99 -36.87 8.11
N GLY B 156 19.70 -37.92 7.72
CA GLY B 156 21.12 -37.83 7.48
C GLY B 156 21.97 -38.24 8.65
N ARG B 157 21.36 -38.71 9.74
CA ARG B 157 22.11 -39.14 10.91
C ARG B 157 22.95 -40.38 10.60
N PRO B 158 23.98 -40.67 11.40
CA PRO B 158 24.38 -40.05 12.68
C PRO B 158 25.12 -38.73 12.54
N TYR B 159 24.75 -37.76 13.37
CA TYR B 159 25.33 -36.43 13.37
C TYR B 159 26.13 -36.21 14.65
N GLU B 160 27.21 -35.43 14.52
CA GLU B 160 27.93 -34.91 15.67
C GLU B 160 27.95 -33.39 15.55
N ILE B 161 27.56 -32.70 16.63
CA ILE B 161 27.42 -31.26 16.58
C ILE B 161 28.80 -30.61 16.67
N GLY B 162 29.30 -30.14 15.53
CA GLY B 162 30.58 -29.49 15.50
C GLY B 162 30.51 -28.08 16.09
N THR B 163 31.68 -27.59 16.48
CA THR B 163 31.77 -26.27 17.11
C THR B 163 33.15 -25.70 16.87
N SER B 164 33.23 -24.36 16.93
CA SER B 164 34.47 -23.64 16.69
C SER B 164 34.66 -22.59 17.78
N GLY B 165 35.92 -22.30 18.09
CA GLY B 165 36.24 -21.34 19.12
C GLY B 165 36.32 -19.91 18.63
N SER B 166 35.50 -19.56 17.63
CA SER B 166 35.51 -18.19 17.13
C SER B 166 34.82 -17.23 18.10
N CYS B 167 33.68 -17.63 18.67
CA CYS B 167 33.02 -16.84 19.69
C CYS B 167 32.72 -17.75 20.87
N PRO B 168 33.35 -17.53 22.02
CA PRO B 168 33.28 -18.48 23.12
C PRO B 168 32.13 -18.22 24.09
N ASN B 169 31.87 -19.22 24.93
CA ASN B 169 30.80 -19.17 25.90
C ASN B 169 31.34 -18.63 27.22
N ILE B 170 30.57 -18.78 28.31
CA ILE B 170 30.89 -18.12 29.57
C ILE B 170 32.26 -18.52 30.09
N THR B 171 32.63 -19.79 29.93
CA THR B 171 33.96 -20.27 30.24
C THR B 171 34.70 -20.48 28.92
N ASN B 172 35.89 -19.89 28.80
CA ASN B 172 36.62 -19.87 27.55
C ASN B 172 36.73 -21.26 26.91
N GLY B 173 36.18 -21.38 25.71
CA GLY B 173 36.11 -22.67 25.04
C GLY B 173 35.27 -22.55 23.79
N ASN B 174 35.15 -23.68 23.10
CA ASN B 174 34.43 -23.73 21.84
C ASN B 174 32.93 -23.55 22.08
N GLY B 175 32.29 -22.80 21.18
CA GLY B 175 30.86 -22.57 21.26
C GLY B 175 30.29 -22.29 19.89
N PHE B 176 28.99 -21.98 19.86
CA PHE B 176 28.31 -21.63 18.63
C PHE B 176 27.02 -20.88 19.00
N PHE B 177 26.32 -20.41 17.98
CA PHE B 177 25.07 -19.69 18.20
C PHE B 177 24.04 -20.60 18.86
N ALA B 178 23.21 -20.00 19.70
CA ALA B 178 22.19 -20.75 20.44
C ALA B 178 21.00 -21.13 19.59
N THR B 179 20.85 -20.55 18.40
CA THR B 179 19.70 -20.80 17.54
C THR B 179 20.02 -21.76 16.40
N MET B 180 21.18 -22.41 16.41
CA MET B 180 21.57 -23.31 15.34
C MET B 180 22.38 -24.47 15.91
N ALA B 181 22.49 -25.52 15.11
CA ALA B 181 23.31 -26.69 15.45
C ALA B 181 24.07 -27.11 14.21
N TRP B 182 25.37 -26.88 14.20
CA TRP B 182 26.22 -27.28 13.07
C TRP B 182 26.36 -28.79 13.09
N ALA B 183 25.60 -29.46 12.21
CA ALA B 183 25.57 -30.92 12.18
C ALA B 183 26.61 -31.41 11.16
N VAL B 184 27.62 -32.10 11.66
CA VAL B 184 28.66 -32.70 10.83
C VAL B 184 28.45 -34.20 10.81
N PRO B 185 28.20 -34.80 9.65
CA PRO B 185 27.90 -36.25 9.61
C PRO B 185 29.08 -37.08 10.11
N LYS B 186 28.75 -38.16 10.83
CA LYS B 186 29.77 -39.12 11.22
C LYS B 186 30.19 -40.02 10.06
N ASN B 187 29.25 -40.34 9.17
CA ASN B 187 29.53 -41.06 7.93
C ASN B 187 29.70 -40.04 6.82
N LYS B 188 30.85 -40.07 6.15
CA LYS B 188 31.24 -39.02 5.21
C LYS B 188 30.91 -39.48 3.79
N THR B 189 29.69 -39.17 3.36
CA THR B 189 29.24 -39.48 2.01
C THR B 189 28.35 -38.33 1.52
N ALA B 190 28.21 -38.25 0.20
CA ALA B 190 27.28 -37.31 -0.41
C ALA B 190 25.86 -37.84 -0.30
N THR B 191 24.90 -36.92 -0.21
CA THR B 191 23.51 -37.29 0.00
C THR B 191 22.60 -36.53 -0.95
N ASN B 192 21.45 -37.14 -1.26
CA ASN B 192 20.40 -36.47 -1.99
C ASN B 192 19.68 -35.51 -1.04
N PRO B 193 18.92 -34.55 -1.58
CA PRO B 193 18.22 -33.61 -0.71
C PRO B 193 17.30 -34.31 0.29
N LEU B 194 17.30 -33.80 1.51
CA LEU B 194 16.54 -34.38 2.62
C LEU B 194 15.55 -33.35 3.13
N THR B 195 14.47 -33.84 3.73
CA THR B 195 13.36 -32.99 4.17
C THR B 195 13.16 -33.12 5.67
N ILE B 196 12.92 -31.98 6.32
CA ILE B 196 12.58 -31.93 7.73
C ILE B 196 11.47 -30.89 7.91
N GLU B 197 10.58 -31.15 8.86
CA GLU B 197 9.45 -30.27 9.13
C GLU B 197 9.65 -29.58 10.48
N VAL B 198 9.40 -28.26 10.50
CA VAL B 198 9.61 -27.45 11.69
C VAL B 198 8.25 -27.21 12.34
N PRO B 199 7.95 -27.81 13.47
CA PRO B 199 6.64 -27.66 14.09
C PRO B 199 6.50 -26.36 14.89
N TYR B 200 5.26 -26.05 15.22
CA TYR B 200 4.93 -24.89 16.05
C TYR B 200 5.11 -25.26 17.52
N ILE B 201 6.09 -24.65 18.19
CA ILE B 201 6.55 -25.15 19.48
C ILE B 201 6.44 -24.05 20.54
N CYS B 202 5.40 -23.22 20.45
CA CYS B 202 5.12 -22.30 21.55
C CYS B 202 3.66 -21.87 21.50
N THR B 203 3.30 -20.91 22.34
CA THR B 203 1.91 -20.59 22.59
C THR B 203 1.23 -20.04 21.33
N GLU B 204 -0.04 -20.39 21.17
CA GLU B 204 -0.82 -19.90 20.04
C GLU B 204 -0.96 -18.38 20.11
N GLY B 205 -1.08 -17.77 18.94
CA GLY B 205 -1.13 -16.32 18.83
C GLY B 205 0.21 -15.63 18.82
N GLU B 206 1.31 -16.39 18.80
CA GLU B 206 2.66 -15.84 18.78
C GLU B 206 3.35 -16.30 17.52
N ASP B 207 3.67 -15.36 16.64
CA ASP B 207 4.36 -15.69 15.40
C ASP B 207 5.76 -16.20 15.71
N GLN B 208 6.13 -17.33 15.09
CA GLN B 208 7.39 -18.00 15.38
C GLN B 208 8.36 -17.76 14.24
N ILE B 209 9.57 -17.31 14.58
CA ILE B 209 10.63 -17.05 13.60
C ILE B 209 11.70 -18.11 13.78
N THR B 210 11.97 -18.85 12.70
CA THR B 210 12.96 -19.92 12.71
C THR B 210 14.21 -19.47 11.98
N VAL B 211 15.36 -19.62 12.64
CA VAL B 211 16.65 -19.18 12.10
C VAL B 211 17.46 -20.41 11.74
N TRP B 212 17.94 -20.45 10.50
CA TRP B 212 18.69 -21.60 9.98
C TRP B 212 19.73 -21.09 8.98
N GLY B 213 20.56 -22.00 8.50
CA GLY B 213 21.58 -21.62 7.54
C GLY B 213 22.37 -22.83 7.09
N PHE B 214 23.47 -22.56 6.38
CA PHE B 214 24.35 -23.61 5.91
C PHE B 214 25.78 -23.10 5.91
N HIS B 215 26.72 -24.04 5.88
CA HIS B 215 28.15 -23.77 6.03
C HIS B 215 28.91 -24.26 4.80
N SER B 216 29.86 -23.45 4.35
CA SER B 216 30.67 -23.79 3.18
C SER B 216 32.12 -23.46 3.45
N ASP B 217 33.01 -24.21 2.78
CA ASP B 217 34.45 -24.05 2.93
C ASP B 217 35.09 -24.31 1.57
N ASN B 218 36.40 -24.50 1.53
CA ASN B 218 37.07 -24.70 0.26
C ASN B 218 37.06 -26.19 -0.10
N GLU B 219 37.80 -26.56 -1.15
CA GLU B 219 37.60 -27.87 -1.77
C GLU B 219 38.10 -29.01 -0.86
N THR B 220 39.38 -28.99 -0.50
CA THR B 220 39.94 -30.08 0.28
C THR B 220 39.29 -30.19 1.66
N GLN B 221 38.99 -29.05 2.28
CA GLN B 221 38.37 -29.07 3.60
C GLN B 221 36.98 -29.67 3.57
N MET B 222 36.19 -29.35 2.55
CA MET B 222 34.87 -29.97 2.43
C MET B 222 34.98 -31.44 2.06
N ALA B 223 35.99 -31.80 1.26
CA ALA B 223 36.20 -33.22 0.97
C ALA B 223 36.58 -33.99 2.22
N LYS B 224 37.23 -33.34 3.18
CA LYS B 224 37.61 -33.99 4.43
C LYS B 224 36.50 -33.99 5.47
N LEU B 225 35.64 -32.96 5.46
CA LEU B 225 34.59 -32.85 6.47
C LEU B 225 33.30 -33.54 6.07
N TYR B 226 32.83 -33.32 4.83
CA TYR B 226 31.53 -33.81 4.39
C TYR B 226 31.62 -34.95 3.39
N GLY B 227 32.78 -35.16 2.77
CA GLY B 227 32.95 -36.24 1.82
C GLY B 227 32.65 -35.90 0.37
N ASP B 228 32.19 -34.68 0.08
CA ASP B 228 31.93 -34.26 -1.28
C ASP B 228 32.50 -32.86 -1.51
N SER B 229 32.81 -32.57 -2.78
CA SER B 229 33.42 -31.29 -3.14
C SER B 229 32.56 -30.51 -4.13
N LYS B 230 31.27 -30.83 -4.23
CA LYS B 230 30.36 -30.14 -5.13
C LYS B 230 29.45 -29.20 -4.36
N PRO B 231 29.01 -28.10 -4.97
CA PRO B 231 28.11 -27.18 -4.27
C PRO B 231 26.80 -27.88 -3.89
N GLN B 232 26.26 -27.49 -2.74
CA GLN B 232 25.04 -28.08 -2.21
C GLN B 232 23.87 -27.10 -2.37
N LYS B 233 22.68 -27.66 -2.53
CA LYS B 233 21.48 -26.88 -2.81
C LYS B 233 20.52 -26.95 -1.63
N PHE B 234 19.99 -25.80 -1.24
CA PHE B 234 19.10 -25.69 -0.08
C PHE B 234 17.85 -24.91 -0.48
N THR B 235 16.75 -25.21 0.19
CA THR B 235 15.51 -24.47 -0.01
C THR B 235 14.66 -24.61 1.24
N SER B 236 13.68 -23.70 1.36
CA SER B 236 12.80 -23.67 2.51
C SER B 236 11.48 -23.04 2.12
N SER B 237 10.38 -23.55 2.68
CA SER B 237 9.05 -23.06 2.38
C SER B 237 8.31 -22.78 3.68
N ALA B 238 7.57 -21.68 3.70
CA ALA B 238 6.77 -21.30 4.86
C ALA B 238 5.72 -20.30 4.42
N ASN B 239 4.45 -20.64 4.61
CA ASN B 239 3.32 -19.79 4.23
C ASN B 239 3.29 -19.48 2.74
N GLY B 240 3.81 -20.37 1.91
CA GLY B 240 3.89 -20.15 0.49
C GLY B 240 5.10 -19.37 0.02
N VAL B 241 5.93 -18.90 0.94
CA VAL B 241 7.15 -18.18 0.60
C VAL B 241 8.29 -19.17 0.50
N THR B 242 8.96 -19.20 -0.64
CA THR B 242 10.00 -20.18 -0.92
C THR B 242 11.27 -19.48 -1.35
N THR B 243 12.41 -19.95 -0.84
CA THR B 243 13.72 -19.44 -1.23
C THR B 243 14.60 -20.61 -1.64
N HIS B 244 15.59 -20.32 -2.48
CA HIS B 244 16.51 -21.32 -2.98
C HIS B 244 17.93 -20.79 -2.88
N TYR B 245 18.86 -21.66 -2.49
CA TYR B 245 20.24 -21.27 -2.26
C TYR B 245 21.17 -22.35 -2.76
N VAL B 246 22.31 -21.93 -3.32
CA VAL B 246 23.37 -22.81 -3.75
C VAL B 246 24.68 -22.34 -3.11
N SER B 247 25.42 -23.27 -2.54
CA SER B 247 26.63 -22.92 -1.82
C SER B 247 27.78 -22.60 -2.79
N GLN B 248 28.81 -21.95 -2.26
CA GLN B 248 30.00 -21.58 -3.01
C GLN B 248 31.20 -22.34 -2.47
N ILE B 249 32.04 -22.84 -3.39
CA ILE B 249 33.25 -23.57 -3.02
C ILE B 249 34.42 -22.89 -3.72
N GLY B 250 35.32 -22.30 -2.93
CA GLY B 250 36.52 -21.69 -3.49
C GLY B 250 36.86 -20.36 -2.88
N GLY B 251 37.11 -19.37 -3.73
CA GLY B 251 37.48 -18.04 -3.28
C GLY B 251 36.40 -17.34 -2.49
N PHE B 252 36.69 -16.98 -1.25
CA PHE B 252 35.74 -16.34 -0.36
C PHE B 252 36.11 -14.87 -0.16
N PRO B 253 35.13 -14.00 0.06
CA PRO B 253 35.44 -12.60 0.39
C PRO B 253 36.12 -12.50 1.76
N ASN B 254 36.85 -11.40 1.93
CA ASN B 254 37.60 -11.19 3.16
C ASN B 254 36.67 -11.12 4.36
N GLN B 255 37.14 -11.65 5.49
CA GLN B 255 36.33 -11.68 6.70
C GLN B 255 35.98 -10.28 7.15
N THR B 256 34.73 -10.11 7.58
CA THR B 256 34.23 -8.81 8.00
C THR B 256 33.35 -8.98 9.23
N GLU B 257 33.50 -8.06 10.19
CA GLU B 257 32.66 -8.02 11.38
C GLU B 257 32.72 -9.32 12.16
N ASP B 258 33.92 -9.87 12.33
CA ASP B 258 34.13 -11.09 13.08
C ASP B 258 35.28 -10.93 14.06
N GLY B 259 35.27 -11.75 15.11
CA GLY B 259 36.41 -11.82 16.00
C GLY B 259 37.60 -12.40 15.28
N GLY B 260 38.66 -11.62 15.15
CA GLY B 260 39.75 -11.98 14.26
C GLY B 260 40.41 -13.31 14.55
N LEU B 261 40.05 -14.32 13.75
CA LEU B 261 40.64 -15.65 13.80
C LEU B 261 40.72 -16.09 12.35
N PRO B 262 41.85 -16.63 11.90
CA PRO B 262 41.93 -17.10 10.51
C PRO B 262 41.01 -18.28 10.25
N GLN B 263 39.93 -18.04 9.52
CA GLN B 263 38.99 -19.09 9.15
C GLN B 263 38.92 -19.18 7.63
N SER B 264 39.09 -20.39 7.10
CA SER B 264 39.06 -20.59 5.65
C SER B 264 37.65 -20.67 5.09
N GLY B 265 36.63 -20.80 5.95
CA GLY B 265 35.27 -20.94 5.48
C GLY B 265 34.34 -19.98 6.21
N ARG B 266 33.10 -19.93 5.74
CA ARG B 266 32.12 -19.00 6.28
C ARG B 266 30.73 -19.52 5.96
N ILE B 267 29.73 -18.95 6.62
CA ILE B 267 28.38 -19.50 6.62
C ILE B 267 27.41 -18.47 6.04
N VAL B 268 26.30 -18.98 5.52
CA VAL B 268 25.17 -18.17 5.07
C VAL B 268 24.01 -18.46 6.01
N VAL B 269 23.31 -17.40 6.43
CA VAL B 269 22.29 -17.49 7.47
C VAL B 269 21.03 -16.80 6.99
N ASP B 270 19.89 -17.50 7.13
CA ASP B 270 18.58 -16.97 6.74
C ASP B 270 17.58 -17.26 7.86
N TYR B 271 16.37 -16.75 7.69
CA TYR B 271 15.31 -16.97 8.67
C TYR B 271 13.96 -17.03 7.95
N MET B 272 13.03 -17.79 8.53
CA MET B 272 11.67 -17.88 8.02
C MET B 272 10.69 -17.72 9.17
N VAL B 273 9.61 -16.97 8.93
CA VAL B 273 8.60 -16.68 9.93
C VAL B 273 7.38 -17.56 9.69
N GLN B 274 6.89 -18.19 10.75
CA GLN B 274 5.69 -19.00 10.70
C GLN B 274 4.61 -18.36 11.55
N LYS B 275 3.39 -18.30 11.02
CA LYS B 275 2.28 -17.72 11.75
C LYS B 275 1.74 -18.72 12.76
N SER B 276 0.56 -18.44 13.31
CA SER B 276 0.00 -19.28 14.36
C SER B 276 -0.43 -20.63 13.80
N GLY B 277 0.09 -21.71 14.37
CA GLY B 277 -0.34 -23.04 14.02
C GLY B 277 0.18 -23.58 12.71
N LYS B 278 1.07 -22.87 12.03
CA LYS B 278 1.58 -23.28 10.73
C LYS B 278 3.01 -23.79 10.87
N THR B 279 3.29 -24.94 10.27
CA THR B 279 4.61 -25.52 10.30
C THR B 279 5.42 -25.05 9.09
N GLY B 280 6.70 -25.44 9.07
CA GLY B 280 7.56 -25.08 7.96
C GLY B 280 8.33 -26.30 7.48
N THR B 281 8.86 -26.17 6.27
CA THR B 281 9.57 -27.26 5.62
C THR B 281 10.92 -26.76 5.14
N ILE B 282 11.96 -27.58 5.33
CA ILE B 282 13.31 -27.25 4.92
C ILE B 282 13.90 -28.44 4.19
N THR B 283 14.46 -28.18 3.01
CA THR B 283 15.22 -29.16 2.25
C THR B 283 16.69 -28.77 2.29
N TYR B 284 17.58 -29.76 2.43
CA TYR B 284 18.98 -29.45 2.69
C TYR B 284 19.87 -30.59 2.23
N GLN B 285 21.17 -30.31 2.20
CA GLN B 285 22.22 -31.28 1.93
C GLN B 285 23.35 -31.09 2.92
N ARG B 286 24.52 -31.68 2.66
CA ARG B 286 25.63 -31.65 3.59
C ARG B 286 26.00 -30.22 3.98
N GLY B 287 26.19 -29.99 5.28
CA GLY B 287 26.56 -28.69 5.78
C GLY B 287 25.38 -27.85 6.21
N ILE B 288 24.50 -28.40 7.04
CA ILE B 288 23.27 -27.74 7.45
C ILE B 288 23.40 -27.30 8.90
N LEU B 289 22.98 -26.07 9.18
CA LEU B 289 22.90 -25.54 10.54
C LEU B 289 21.44 -25.63 10.96
N LEU B 290 21.09 -26.73 11.62
CA LEU B 290 19.69 -27.00 11.94
C LEU B 290 19.23 -26.08 13.07
N PRO B 291 17.97 -25.63 13.03
CA PRO B 291 17.49 -24.72 14.08
C PRO B 291 17.35 -25.42 15.41
N GLN B 292 17.69 -24.70 16.48
CA GLN B 292 17.54 -25.24 17.84
C GLN B 292 16.54 -24.45 18.67
N LYS B 293 16.74 -23.15 18.86
CA LYS B 293 15.87 -22.36 19.73
C LYS B 293 15.34 -21.18 18.94
N VAL B 294 14.06 -21.22 18.62
CA VAL B 294 13.43 -20.23 17.76
C VAL B 294 12.90 -19.08 18.60
N TRP B 295 12.72 -17.93 17.96
CA TRP B 295 12.04 -16.80 18.56
C TRP B 295 10.57 -16.84 18.15
N CYS B 296 9.67 -16.73 19.12
CA CYS B 296 8.28 -16.47 18.81
C CYS B 296 7.79 -15.31 19.67
N ALA B 297 7.07 -14.39 19.04
CA ALA B 297 6.77 -13.10 19.63
C ALA B 297 5.31 -12.74 19.35
N SER B 298 4.79 -11.81 20.14
CA SER B 298 3.41 -11.38 20.02
C SER B 298 3.32 -9.90 20.35
N GLY B 299 2.17 -9.31 20.02
CA GLY B 299 1.95 -7.90 20.27
C GLY B 299 2.46 -7.03 19.15
N ARG B 300 2.27 -5.73 19.33
CA ARG B 300 2.70 -4.72 18.36
C ARG B 300 3.42 -3.61 19.09
N SER B 301 4.58 -3.21 18.57
CA SER B 301 5.39 -2.16 19.16
C SER B 301 5.54 -1.03 18.14
N LYS B 302 5.27 0.20 18.59
CA LYS B 302 5.40 1.37 17.72
C LYS B 302 6.87 1.64 17.46
N VAL B 303 7.27 1.55 16.18
CA VAL B 303 8.66 1.66 15.78
C VAL B 303 8.85 2.97 15.03
N ILE B 304 9.81 3.77 15.48
CA ILE B 304 10.23 4.99 14.79
C ILE B 304 11.75 5.01 14.77
N LYS B 305 12.33 5.48 13.67
CA LYS B 305 13.77 5.40 13.51
C LYS B 305 14.46 6.64 14.06
N GLY B 306 15.66 6.44 14.60
CA GLY B 306 16.41 7.52 15.22
C GLY B 306 17.85 7.15 15.51
N SER B 307 18.42 7.72 16.56
CA SER B 307 19.81 7.49 16.92
C SER B 307 19.96 7.34 18.42
N LEU B 308 20.99 6.58 18.82
CA LEU B 308 21.36 6.32 20.20
C LEU B 308 22.52 7.22 20.61
N PRO B 309 22.73 7.44 21.93
CA PRO B 309 21.93 6.97 23.07
C PRO B 309 20.74 7.87 23.41
N LEU B 310 19.79 7.34 24.17
CA LEU B 310 18.66 8.12 24.63
C LEU B 310 19.09 8.94 25.85
N ILE B 311 19.00 10.26 25.75
CA ILE B 311 19.47 11.16 26.80
C ILE B 311 18.28 12.00 27.27
N GLY B 312 17.87 11.79 28.52
CA GLY B 312 16.85 12.61 29.13
C GLY B 312 15.43 12.15 28.89
N GLU B 313 14.49 13.09 28.93
CA GLU B 313 13.07 12.81 28.78
C GLU B 313 12.45 13.81 27.82
N ALA B 314 11.52 13.35 26.99
CA ALA B 314 10.85 14.22 26.03
C ALA B 314 9.41 13.77 25.87
N ASP B 315 8.51 14.75 25.72
CA ASP B 315 7.10 14.45 25.52
C ASP B 315 6.84 13.74 24.20
N CYS B 316 7.51 14.13 23.13
CA CYS B 316 7.28 13.58 21.81
C CYS B 316 8.60 13.19 21.17
N LEU B 317 8.58 12.14 20.36
CA LEU B 317 9.74 11.68 19.61
C LEU B 317 9.50 11.92 18.13
N HIS B 318 10.19 12.92 17.57
CA HIS B 318 10.08 13.27 16.17
C HIS B 318 11.20 12.58 15.39
N GLU B 319 10.85 12.04 14.23
CA GLU B 319 11.81 11.24 13.46
C GLU B 319 12.95 12.08 12.90
N LYS B 320 12.77 13.40 12.79
CA LYS B 320 13.81 14.27 12.27
C LYS B 320 14.24 15.37 13.24
N TYR B 321 13.36 15.78 14.14
CA TYR B 321 13.67 16.83 15.10
C TYR B 321 14.12 16.29 16.45
N GLY B 322 14.26 14.97 16.58
CA GLY B 322 14.71 14.39 17.84
C GLY B 322 13.64 14.49 18.91
N GLY B 323 14.06 14.42 20.16
CA GLY B 323 13.16 14.51 21.29
C GLY B 323 12.67 15.93 21.48
N LEU B 324 11.36 16.11 21.38
CA LEU B 324 10.74 17.42 21.46
C LEU B 324 9.73 17.45 22.59
N ASN B 325 9.65 18.59 23.27
CA ASN B 325 8.66 18.82 24.30
C ASN B 325 7.54 19.69 23.73
N LYS B 326 6.31 19.22 23.84
CA LYS B 326 5.17 19.94 23.26
C LYS B 326 4.92 21.22 24.05
N SER B 327 4.87 22.34 23.34
CA SER B 327 4.58 23.63 23.94
C SER B 327 3.45 24.39 23.25
N LYS B 328 3.22 24.15 21.97
CA LYS B 328 2.15 24.79 21.21
C LYS B 328 1.43 23.74 20.39
N PRO B 329 0.15 23.96 20.08
CA PRO B 329 -0.63 22.91 19.40
C PRO B 329 -0.07 22.50 18.04
N TYR B 330 0.50 23.43 17.28
CA TYR B 330 0.94 23.17 15.93
C TYR B 330 2.40 23.59 15.75
N TYR B 331 3.04 23.03 14.72
CA TYR B 331 4.42 23.35 14.40
C TYR B 331 4.59 23.42 12.89
N THR B 332 5.58 24.20 12.47
CA THR B 332 5.91 24.37 11.06
C THR B 332 7.35 23.91 10.83
N GLY B 333 7.55 23.15 9.78
CA GLY B 333 8.87 22.63 9.46
C GLY B 333 8.76 21.43 8.55
N GLU B 334 9.74 20.55 8.67
CA GLU B 334 9.79 19.31 7.88
C GLU B 334 8.91 18.27 8.54
N HIS B 335 7.81 17.90 7.87
CA HIS B 335 6.90 16.91 8.42
C HIS B 335 7.52 15.51 8.37
N ALA B 336 7.32 14.75 9.44
CA ALA B 336 7.81 13.38 9.51
C ALA B 336 7.01 12.64 10.57
N LYS B 337 7.36 11.36 10.74
CA LYS B 337 6.67 10.50 11.69
C LYS B 337 7.02 10.89 13.13
N ALA B 338 6.05 10.72 14.02
CA ALA B 338 6.23 11.08 15.42
C ALA B 338 5.38 10.16 16.31
N ILE B 339 5.84 9.98 17.54
CA ILE B 339 5.17 9.13 18.52
C ILE B 339 5.08 9.88 19.84
N GLY B 340 3.88 9.93 20.42
CA GLY B 340 3.71 10.50 21.74
C GLY B 340 2.81 11.73 21.80
N ASN B 341 3.01 12.57 22.81
CA ASN B 341 2.26 13.81 22.97
C ASN B 341 2.85 14.85 22.03
N CYS B 342 2.52 14.71 20.75
CA CYS B 342 3.13 15.49 19.69
C CYS B 342 2.18 16.56 19.17
N PRO B 343 2.70 17.68 18.67
CA PRO B 343 1.86 18.65 17.97
C PRO B 343 1.59 18.18 16.54
N ILE B 344 0.74 18.93 15.85
CA ILE B 344 0.29 18.58 14.52
C ILE B 344 0.93 19.51 13.50
N TRP B 345 1.44 18.93 12.41
CA TRP B 345 2.14 19.68 11.39
C TRP B 345 1.20 20.55 10.57
N VAL B 346 1.64 21.78 10.28
CA VAL B 346 0.96 22.68 9.37
C VAL B 346 2.00 23.26 8.42
N LYS B 347 1.53 23.79 7.29
CA LYS B 347 2.43 24.27 6.26
C LYS B 347 2.75 25.76 6.37
N THR B 348 1.87 26.54 7.00
CA THR B 348 2.09 27.98 7.14
C THR B 348 1.95 28.38 8.60
N PRO B 349 2.64 29.46 9.06
CA PRO B 349 2.47 30.04 10.39
C PRO B 349 1.10 30.62 10.78
N LEU B 350 0.27 29.83 11.45
CA LEU B 350 -1.07 30.28 11.76
C LEU B 350 -1.07 31.20 12.97
N LYS B 351 -2.04 32.11 13.01
CA LYS B 351 -2.19 33.05 14.10
C LYS B 351 -3.66 33.13 14.51
N LEU B 352 -3.90 33.44 15.77
CA LEU B 352 -5.23 33.52 16.33
C LEU B 352 -5.51 34.96 16.75
N ALA B 353 -6.67 35.48 16.35
CA ALA B 353 -7.00 36.87 16.58
C ALA B 353 -7.14 37.17 18.07
N ASN B 354 -6.67 38.34 18.48
CA ASN B 354 -6.74 38.75 19.88
C ASN B 354 -7.04 40.24 19.93
N GLY B 355 -7.68 40.65 21.02
CA GLY B 355 -8.04 42.04 21.20
C GLY B 355 -9.21 42.48 20.34
N ASN B 414 -13.74 36.40 27.23
CA ASN B 414 -13.70 34.96 27.46
C ASN B 414 -13.93 34.19 26.16
N LYS B 415 -14.43 34.90 25.15
CA LYS B 415 -14.65 34.26 23.85
C LYS B 415 -13.34 33.80 23.23
N ILE B 416 -12.28 34.61 23.36
CA ILE B 416 -10.98 34.23 22.81
C ILE B 416 -10.44 32.99 23.52
N THR B 417 -10.59 32.95 24.85
CA THR B 417 -10.11 31.79 25.60
C THR B 417 -10.87 30.53 25.22
N LYS B 418 -12.18 30.65 24.97
CA LYS B 418 -12.98 29.49 24.60
C LYS B 418 -12.50 28.89 23.28
N ASN B 419 -12.18 29.74 22.31
CA ASN B 419 -11.69 29.28 21.01
C ASN B 419 -10.26 28.74 21.07
N LEU B 420 -9.46 29.16 22.05
CA LEU B 420 -8.08 28.68 22.12
C LEU B 420 -8.03 27.23 22.60
N ASN B 421 -8.86 26.87 23.58
CA ASN B 421 -8.88 25.49 24.06
C ASN B 421 -9.46 24.55 23.01
N SER B 422 -10.48 25.00 22.28
CA SER B 422 -11.10 24.14 21.28
C SER B 422 -10.12 23.76 20.18
N LEU B 423 -9.33 24.72 19.70
CA LEU B 423 -8.32 24.41 18.69
C LEU B 423 -7.17 23.62 19.28
N SER B 424 -6.86 23.84 20.56
CA SER B 424 -5.78 23.11 21.21
C SER B 424 -6.17 21.68 21.57
N GLU B 425 -7.46 21.36 21.56
CA GLU B 425 -7.94 20.04 21.96
C GLU B 425 -8.32 19.16 20.76
N LEU B 426 -7.93 19.54 19.55
CA LEU B 426 -8.16 18.68 18.40
C LEU B 426 -7.32 17.42 18.52
N GLU B 427 -7.87 16.31 18.03
CA GLU B 427 -7.22 15.01 18.20
C GLU B 427 -6.93 14.40 16.84
N VAL B 428 -5.67 14.07 16.60
CA VAL B 428 -5.24 13.38 15.39
C VAL B 428 -4.30 12.26 15.79
N LYS B 429 -4.58 11.06 15.28
CA LYS B 429 -3.75 9.91 15.58
C LYS B 429 -2.41 10.02 14.84
N ASN B 430 -1.39 9.39 15.43
CA ASN B 430 -0.04 9.54 14.94
C ASN B 430 0.30 8.44 13.92
N LEU B 431 1.43 8.62 13.24
CA LEU B 431 1.82 7.79 12.11
C LEU B 431 3.20 7.20 12.38
N GLN B 432 3.35 5.90 12.14
CA GLN B 432 4.60 5.21 12.37
C GLN B 432 4.91 4.30 11.19
N ARG B 433 6.04 3.60 11.30
CA ARG B 433 6.45 2.62 10.29
C ARG B 433 5.51 1.42 10.31
N LEU B 434 5.56 0.60 9.26
CA LEU B 434 4.67 -0.54 9.16
C LEU B 434 5.05 -1.65 10.13
N SER B 435 6.29 -1.61 10.64
CA SER B 435 6.78 -2.57 11.63
C SER B 435 6.88 -3.98 11.07
N GLY B 436 6.50 -4.17 9.81
CA GLY B 436 6.60 -5.46 9.16
C GLY B 436 7.22 -5.35 7.78
N ALA B 437 7.36 -4.13 7.29
CA ALA B 437 7.95 -3.87 5.98
C ALA B 437 9.42 -3.53 6.18
N MET B 438 10.30 -4.32 5.58
CA MET B 438 11.74 -4.15 5.74
C MET B 438 12.23 -3.18 4.67
N ASP B 439 13.23 -2.36 5.01
CA ASP B 439 13.80 -1.41 4.07
C ASP B 439 14.44 -2.12 2.89
N GLU B 440 15.16 -3.21 3.17
CA GLU B 440 15.89 -3.93 2.12
C GLU B 440 14.95 -4.67 1.18
N LEU B 441 13.89 -5.27 1.71
CA LEU B 441 13.03 -6.16 0.93
C LEU B 441 11.82 -5.47 0.32
N HIS B 442 11.10 -4.67 1.10
CA HIS B 442 9.82 -4.10 0.67
C HIS B 442 10.02 -2.59 0.46
N ASN B 443 10.30 -2.19 -0.77
CA ASN B 443 10.52 -0.80 -1.12
C ASN B 443 9.27 -0.12 -1.66
N GLU B 444 8.50 -0.80 -2.50
CA GLU B 444 7.30 -0.20 -3.07
C GLU B 444 6.26 0.07 -1.98
N ILE B 445 6.13 -0.85 -1.02
CA ILE B 445 5.19 -0.65 0.08
C ILE B 445 5.60 0.54 0.93
N LEU B 446 6.90 0.71 1.17
CA LEU B 446 7.37 1.86 1.93
C LEU B 446 7.14 3.17 1.16
N GLU B 447 7.34 3.14 -0.15
CA GLU B 447 7.08 4.33 -0.95
C GLU B 447 5.60 4.70 -0.91
N LEU B 448 4.72 3.71 -1.02
CA LEU B 448 3.29 3.98 -0.89
C LEU B 448 2.96 4.49 0.51
N ASP B 449 3.64 3.96 1.53
CA ASP B 449 3.41 4.42 2.89
C ASP B 449 3.78 5.89 3.05
N GLU B 450 4.92 6.30 2.50
CA GLU B 450 5.32 7.70 2.59
C GLU B 450 4.40 8.59 1.77
N LYS B 451 3.90 8.09 0.63
CA LYS B 451 2.92 8.84 -0.14
C LYS B 451 1.66 9.09 0.66
N VAL B 452 1.15 8.05 1.33
CA VAL B 452 -0.04 8.20 2.17
C VAL B 452 0.25 9.15 3.32
N ASP B 453 1.46 9.08 3.88
CA ASP B 453 1.84 9.98 4.96
C ASP B 453 1.75 11.43 4.52
N ASP B 454 2.32 11.74 3.34
CA ASP B 454 2.27 13.11 2.84
C ASP B 454 0.85 13.56 2.55
N LEU B 455 0.04 12.69 1.94
CA LEU B 455 -1.34 13.06 1.63
C LEU B 455 -2.14 13.34 2.90
N ARG B 456 -1.97 12.51 3.94
CA ARG B 456 -2.65 12.78 5.20
C ARG B 456 -2.16 14.08 5.83
N ALA B 457 -0.85 14.35 5.74
CA ALA B 457 -0.33 15.60 6.29
C ALA B 457 -0.99 16.79 5.63
N ASP B 458 -1.11 16.77 4.29
CA ASP B 458 -1.74 17.87 3.58
C ASP B 458 -3.21 18.01 3.96
N THR B 459 -3.93 16.88 4.06
CA THR B 459 -5.36 16.94 4.39
C THR B 459 -5.57 17.53 5.79
N ILE B 460 -4.80 17.05 6.77
CA ILE B 460 -4.96 17.53 8.13
C ILE B 460 -4.57 19.01 8.22
N SER B 461 -3.53 19.41 7.50
CA SER B 461 -3.14 20.82 7.50
C SER B 461 -4.25 21.70 6.95
N SER B 462 -4.88 21.25 5.85
CA SER B 462 -5.99 22.03 5.28
C SER B 462 -7.15 22.13 6.25
N GLN B 463 -7.48 21.01 6.92
CA GLN B 463 -8.57 21.05 7.90
C GLN B 463 -8.26 22.01 9.04
N ILE B 464 -7.01 21.99 9.53
CA ILE B 464 -6.63 22.87 10.62
C ILE B 464 -6.70 24.33 10.19
N GLU B 465 -6.22 24.64 8.97
CA GLU B 465 -6.31 26.01 8.49
C GLU B 465 -7.75 26.48 8.39
N LEU B 466 -8.65 25.62 7.87
CA LEU B 466 -10.06 25.98 7.81
C LEU B 466 -10.62 26.24 9.20
N ALA B 467 -10.27 25.39 10.17
CA ALA B 467 -10.75 25.59 11.53
C ALA B 467 -10.26 26.92 12.10
N VAL B 468 -9.00 27.26 11.86
CA VAL B 468 -8.45 28.50 12.39
C VAL B 468 -9.13 29.71 11.74
N LEU B 469 -9.37 29.65 10.43
CA LEU B 469 -10.07 30.75 9.78
C LEU B 469 -11.48 30.91 10.34
N LEU B 470 -12.20 29.81 10.53
CA LEU B 470 -13.53 29.90 11.12
C LEU B 470 -13.47 30.50 12.52
N SER B 471 -12.50 30.05 13.33
CA SER B 471 -12.40 30.52 14.71
C SER B 471 -12.12 32.01 14.77
N ASN B 472 -11.11 32.48 14.04
CA ASN B 472 -10.76 33.90 14.17
C ASN B 472 -11.76 34.79 13.45
N GLU B 473 -12.44 34.27 12.41
CA GLU B 473 -13.55 35.02 11.83
C GLU B 473 -14.67 35.19 12.83
N GLY B 474 -14.98 34.16 13.61
CA GLY B 474 -15.96 34.29 14.67
C GLY B 474 -15.50 35.26 15.74
N ILE B 475 -14.20 35.25 16.07
CA ILE B 475 -13.68 36.14 17.09
C ILE B 475 -13.81 37.59 16.67
N ILE B 476 -13.47 37.90 15.42
CA ILE B 476 -13.56 39.29 14.95
C ILE B 476 -15.00 39.78 14.98
N ASN B 477 -15.93 38.96 14.50
CA ASN B 477 -17.34 39.33 14.49
C ASN B 477 -17.92 39.32 15.89
N SER C 33 -30.83 36.03 -4.15
CA SER C 33 -31.69 37.12 -3.72
C SER C 33 -33.15 36.88 -4.14
N SER C 34 -33.65 37.71 -5.05
CA SER C 34 -35.02 37.58 -5.51
C SER C 34 -35.15 36.39 -6.46
N ASN C 35 -36.35 36.23 -7.00
CA ASN C 35 -36.63 35.13 -7.92
C ASN C 35 -35.76 35.23 -9.17
N SER C 36 -35.16 34.12 -9.55
CA SER C 36 -34.24 34.07 -10.68
C SER C 36 -34.02 32.62 -11.10
N PRO C 37 -33.71 32.36 -12.37
CA PRO C 37 -33.47 30.97 -12.80
C PRO C 37 -32.13 30.39 -12.38
N HIS C 38 -31.41 31.04 -11.47
CA HIS C 38 -30.12 30.55 -11.00
C HIS C 38 -30.24 30.19 -9.52
N VAL C 39 -29.77 28.98 -9.17
CA VAL C 39 -29.83 28.49 -7.80
C VAL C 39 -28.42 28.16 -7.33
N VAL C 40 -28.20 28.37 -6.04
CA VAL C 40 -26.91 28.07 -5.40
C VAL C 40 -27.16 27.36 -4.08
N LYS C 41 -26.30 26.39 -3.75
CA LYS C 41 -26.42 25.65 -2.51
C LYS C 41 -25.70 26.38 -1.38
N THR C 42 -26.19 26.20 -0.17
CA THR C 42 -25.59 26.79 1.03
C THR C 42 -25.43 25.72 2.10
N ALA C 43 -24.45 25.92 2.98
CA ALA C 43 -24.15 24.94 4.00
C ALA C 43 -25.28 24.82 5.02
N THR C 44 -25.94 25.93 5.33
CA THR C 44 -26.98 25.95 6.35
C THR C 44 -28.39 26.03 5.77
N GLN C 45 -28.63 26.99 4.87
CA GLN C 45 -29.97 27.22 4.32
C GLN C 45 -30.29 26.33 3.12
N GLY C 46 -29.32 25.56 2.64
CA GLY C 46 -29.60 24.68 1.51
C GLY C 46 -29.81 25.47 0.24
N GLU C 47 -30.80 25.06 -0.54
CA GLU C 47 -31.08 25.68 -1.84
C GLU C 47 -31.60 27.10 -1.64
N VAL C 48 -31.19 28.00 -2.53
CA VAL C 48 -31.63 29.39 -2.50
C VAL C 48 -31.48 29.97 -3.90
N ASN C 49 -32.33 30.92 -4.24
CA ASN C 49 -32.35 31.55 -5.55
C ASN C 49 -31.48 32.79 -5.55
N VAL C 50 -30.61 32.90 -6.56
CA VAL C 50 -29.71 34.04 -6.69
C VAL C 50 -29.81 34.56 -8.12
N THR C 51 -29.56 35.87 -8.27
CA THR C 51 -29.71 36.54 -9.56
C THR C 51 -28.38 36.57 -10.31
N GLY C 52 -27.84 35.37 -10.53
CA GLY C 52 -26.61 35.23 -11.28
C GLY C 52 -25.57 34.40 -10.56
N VAL C 53 -24.80 33.61 -11.33
CA VAL C 53 -23.78 32.74 -10.77
C VAL C 53 -22.50 32.89 -11.58
N ILE C 54 -21.40 32.48 -10.97
CA ILE C 54 -20.10 32.41 -11.63
C ILE C 54 -19.65 30.95 -11.64
N PRO C 55 -19.77 30.28 -12.78
CA PRO C 55 -19.39 28.86 -12.84
C PRO C 55 -17.92 28.64 -12.50
N LEU C 56 -17.65 27.55 -11.79
CA LEU C 56 -16.29 27.19 -11.40
C LEU C 56 -15.86 25.84 -11.94
N THR C 57 -16.71 25.17 -12.71
CA THR C 57 -16.41 23.84 -13.23
C THR C 57 -16.59 23.81 -14.74
N THR C 58 -15.86 22.91 -15.38
CA THR C 58 -15.93 22.73 -16.82
C THR C 58 -15.49 21.31 -17.15
N THR C 59 -16.19 20.68 -18.10
CA THR C 59 -15.87 19.32 -18.50
C THR C 59 -14.94 19.37 -19.69
N PRO C 60 -13.67 18.89 -19.55
CA PRO C 60 -12.75 18.79 -20.68
C PRO C 60 -12.99 17.76 -21.76
N THR C 61 -12.19 17.78 -22.83
CA THR C 61 -12.34 16.85 -23.98
C THR C 61 -11.07 16.11 -24.25
N LYS C 62 -11.18 14.84 -24.51
CA LYS C 62 -9.98 14.03 -24.72
C LYS C 62 -9.22 14.66 -25.87
N SER C 63 -7.94 14.90 -25.67
CA SER C 63 -7.11 15.55 -26.70
C SER C 63 -5.77 14.84 -26.71
N HIS C 64 -4.98 15.12 -27.71
CA HIS C 64 -3.64 14.57 -27.81
C HIS C 64 -2.78 15.06 -26.64
N PHE C 65 -1.61 14.45 -26.50
CA PHE C 65 -0.68 14.79 -25.44
C PHE C 65 0.35 15.80 -25.94
N ALA C 66 0.63 16.80 -25.12
CA ALA C 66 1.51 17.89 -25.47
C ALA C 66 2.66 17.99 -24.47
N ASN C 67 3.73 18.65 -24.88
CA ASN C 67 4.84 18.89 -23.99
C ASN C 67 4.42 19.78 -22.83
N LEU C 68 4.87 19.44 -21.63
CA LEU C 68 4.51 20.21 -20.45
C LEU C 68 5.22 21.55 -20.47
N LYS C 69 4.47 22.63 -20.27
CA LYS C 69 5.04 23.97 -20.32
C LYS C 69 5.92 24.21 -19.10
N GLY C 70 7.17 24.60 -19.33
CA GLY C 70 8.10 24.88 -18.26
C GLY C 70 8.92 23.70 -17.79
N THR C 71 8.66 22.50 -18.32
CA THR C 71 9.39 21.31 -17.90
C THR C 71 9.69 20.46 -19.12
N GLU C 72 10.91 19.93 -19.20
CA GLU C 72 11.30 19.06 -20.30
C GLU C 72 10.69 17.68 -20.06
N THR C 73 9.77 17.28 -20.94
CA THR C 73 9.01 16.05 -20.78
C THR C 73 9.67 14.93 -21.57
N ARG C 74 9.80 13.76 -20.94
CA ARG C 74 10.45 12.61 -21.55
C ARG C 74 9.41 11.76 -22.27
N GLY C 75 9.56 11.63 -23.58
CA GLY C 75 8.74 10.73 -24.36
C GLY C 75 9.51 9.46 -24.68
N LYS C 76 10.07 9.40 -25.88
CA LYS C 76 10.98 8.32 -26.21
C LYS C 76 12.21 8.37 -25.31
N LEU C 77 12.78 7.19 -25.02
CA LEU C 77 13.91 7.12 -24.10
C LEU C 77 15.12 7.86 -24.68
N CYS C 78 15.46 7.57 -25.93
CA CYS C 78 16.53 8.27 -26.65
C CYS C 78 15.94 8.83 -27.93
N PRO C 79 15.48 10.09 -27.93
CA PRO C 79 14.85 10.65 -29.14
C PRO C 79 15.76 10.67 -30.35
N LYS C 80 17.06 10.85 -30.17
CA LYS C 80 18.01 10.89 -31.29
C LYS C 80 18.46 9.51 -31.73
N CYS C 81 18.00 8.44 -31.07
CA CYS C 81 18.30 7.08 -31.49
C CYS C 81 17.22 6.65 -32.48
N LEU C 82 17.58 6.61 -33.77
CA LEU C 82 16.61 6.32 -34.80
C LEU C 82 16.46 4.82 -35.03
N ASN C 83 15.24 4.41 -35.38
CA ASN C 83 14.91 3.02 -35.67
C ASN C 83 15.20 2.11 -34.47
N CYS C 84 14.93 2.61 -33.28
CA CYS C 84 15.11 1.83 -32.05
C CYS C 84 14.03 2.21 -31.05
N THR C 85 13.55 1.21 -30.31
CA THR C 85 12.54 1.40 -29.29
C THR C 85 13.20 1.56 -27.93
N ASP C 86 12.39 1.66 -26.87
CA ASP C 86 12.94 1.80 -25.53
C ASP C 86 13.65 0.52 -25.08
N LEU C 87 13.10 -0.64 -25.44
CA LEU C 87 13.76 -1.89 -25.08
C LEU C 87 15.07 -2.07 -25.82
N ASP C 88 15.16 -1.58 -27.06
CA ASP C 88 16.41 -1.63 -27.80
C ASP C 88 17.50 -0.82 -27.11
N VAL C 89 17.14 0.36 -26.61
CA VAL C 89 18.10 1.18 -25.89
C VAL C 89 18.47 0.54 -24.55
N ALA C 90 17.46 0.02 -23.82
CA ALA C 90 17.72 -0.57 -22.51
C ALA C 90 18.63 -1.78 -22.61
N LEU C 91 18.43 -2.62 -23.63
CA LEU C 91 19.29 -3.78 -23.82
C LEU C 91 20.62 -3.43 -24.47
N GLY C 92 20.79 -2.19 -24.92
CA GLY C 92 22.03 -1.77 -25.55
C GLY C 92 22.23 -2.33 -26.95
N ARG C 93 21.32 -1.97 -27.86
CA ARG C 93 21.43 -2.44 -29.23
C ARG C 93 22.66 -1.80 -29.89
N PRO C 94 23.39 -2.56 -30.72
CA PRO C 94 24.70 -2.08 -31.20
C PRO C 94 24.67 -0.73 -31.90
N LYS C 95 23.67 -0.45 -32.72
CA LYS C 95 23.68 0.73 -33.57
C LYS C 95 22.89 1.90 -33.02
N CYS C 96 22.33 1.78 -31.80
CA CYS C 96 21.61 2.91 -31.23
C CYS C 96 21.94 3.10 -29.75
N THR C 97 23.22 3.02 -29.38
CA THR C 97 23.64 3.44 -28.06
C THR C 97 23.88 4.95 -28.06
N GLY C 98 23.36 5.62 -27.04
CA GLY C 98 23.49 7.07 -26.97
C GLY C 98 23.13 7.57 -25.60
N LYS C 99 23.40 8.86 -25.39
CA LYS C 99 23.15 9.49 -24.11
C LYS C 99 21.66 9.68 -23.88
N ILE C 100 21.22 9.39 -22.66
CA ILE C 100 19.82 9.55 -22.26
C ILE C 100 19.69 10.87 -21.51
N PRO C 101 19.02 11.87 -22.08
CA PRO C 101 18.87 13.14 -21.37
C PRO C 101 18.04 12.98 -20.09
N SER C 102 18.35 13.83 -19.11
CA SER C 102 17.62 13.81 -17.85
C SER C 102 16.28 14.52 -17.99
N ALA C 103 15.29 14.05 -17.23
CA ALA C 103 13.95 14.60 -17.30
C ALA C 103 13.28 14.49 -15.93
N ARG C 104 12.45 15.47 -15.62
CA ARG C 104 11.70 15.48 -14.37
C ARG C 104 10.31 14.86 -14.53
N VAL C 105 9.68 15.07 -15.69
CA VAL C 105 8.38 14.50 -16.01
C VAL C 105 8.56 13.56 -17.20
N SER C 106 7.98 12.37 -17.10
CA SER C 106 8.12 11.37 -18.15
C SER C 106 6.75 10.81 -18.52
N ILE C 107 6.67 10.23 -19.72
CA ILE C 107 5.44 9.69 -20.27
C ILE C 107 5.64 8.21 -20.54
N LEU C 108 4.67 7.40 -20.10
CA LEU C 108 4.67 5.97 -20.36
C LEU C 108 3.66 5.67 -21.45
N HIS C 109 4.12 5.06 -22.54
CA HIS C 109 3.27 4.82 -23.71
C HIS C 109 3.08 3.34 -24.01
N GLU C 110 4.08 2.51 -23.74
CA GLU C 110 4.00 1.08 -24.03
C GLU C 110 3.93 0.30 -22.72
N VAL C 111 2.74 -0.23 -22.43
CA VAL C 111 2.59 -1.10 -21.25
C VAL C 111 3.38 -2.38 -21.44
N ARG C 112 3.44 -2.89 -22.68
CA ARG C 112 4.23 -4.07 -23.02
C ARG C 112 5.14 -3.72 -24.18
N PRO C 113 6.28 -3.09 -23.91
CA PRO C 113 7.16 -2.66 -24.99
C PRO C 113 7.77 -3.85 -25.74
N VAL C 114 8.15 -3.59 -26.98
CA VAL C 114 8.66 -4.60 -27.89
C VAL C 114 10.02 -4.17 -28.42
N THR C 115 10.73 -5.11 -29.03
CA THR C 115 12.02 -4.85 -29.63
C THR C 115 11.87 -4.64 -31.14
N SER C 116 12.84 -3.92 -31.72
CA SER C 116 12.85 -3.64 -33.15
C SER C 116 13.81 -4.53 -33.92
N GLY C 117 14.39 -5.54 -33.29
CA GLY C 117 15.14 -6.56 -34.00
C GLY C 117 16.60 -6.74 -33.66
N CYS C 118 16.87 -7.81 -32.91
CA CYS C 118 18.20 -8.39 -32.72
C CYS C 118 18.00 -9.86 -32.44
N PHE C 119 18.98 -10.51 -31.81
CA PHE C 119 18.87 -11.95 -31.54
C PHE C 119 17.57 -12.25 -30.80
N PRO C 120 16.84 -13.28 -31.20
CA PRO C 120 15.51 -13.54 -30.63
C PRO C 120 15.54 -13.82 -29.13
N ILE C 121 14.50 -13.36 -28.44
CA ILE C 121 14.41 -13.41 -26.98
C ILE C 121 13.06 -13.98 -26.59
N MET C 122 13.04 -14.82 -25.56
CA MET C 122 11.80 -15.24 -24.91
C MET C 122 11.40 -14.15 -23.93
N HIS C 123 10.57 -13.22 -24.40
CA HIS C 123 10.24 -12.02 -23.63
C HIS C 123 9.38 -12.34 -22.41
N ASP C 124 8.48 -13.32 -22.53
CA ASP C 124 7.48 -13.55 -21.50
C ASP C 124 7.96 -14.46 -20.37
N ARG C 125 9.13 -15.08 -20.49
CA ARG C 125 9.59 -15.99 -19.44
C ARG C 125 10.23 -15.27 -18.27
N THR C 126 10.48 -13.97 -18.37
CA THR C 126 11.07 -13.19 -17.29
C THR C 126 10.33 -11.86 -17.20
N LYS C 127 10.89 -10.93 -16.42
CA LYS C 127 10.31 -9.61 -16.22
C LYS C 127 11.03 -8.53 -17.03
N ILE C 128 11.69 -8.92 -18.13
CA ILE C 128 12.57 -7.99 -18.84
C ILE C 128 11.80 -6.87 -19.51
N ARG C 129 10.54 -7.11 -19.91
CA ARG C 129 9.79 -6.10 -20.65
C ARG C 129 9.57 -4.82 -19.84
N GLN C 130 9.66 -4.87 -18.52
CA GLN C 130 9.41 -3.71 -17.68
C GLN C 130 10.67 -2.91 -17.37
N LEU C 131 11.83 -3.32 -17.88
CA LEU C 131 13.06 -2.57 -17.64
C LEU C 131 13.02 -1.15 -18.18
N PRO C 132 12.57 -0.89 -19.41
CA PRO C 132 12.47 0.51 -19.85
C PRO C 132 11.54 1.34 -18.98
N ASN C 133 10.44 0.76 -18.51
CA ASN C 133 9.55 1.49 -17.62
C ASN C 133 10.17 1.71 -16.25
N LEU C 134 11.10 0.84 -15.85
CA LEU C 134 11.82 1.06 -14.60
C LEU C 134 12.84 2.18 -14.74
N LEU C 135 13.59 2.19 -15.84
CA LEU C 135 14.51 3.29 -16.12
C LEU C 135 13.79 4.60 -16.34
N ARG C 136 12.53 4.55 -16.79
CA ARG C 136 11.75 5.75 -17.03
C ARG C 136 11.51 6.53 -15.74
N GLY C 137 11.50 5.85 -14.59
CA GLY C 137 11.24 6.51 -13.32
C GLY C 137 12.41 7.24 -12.71
N TYR C 138 13.61 7.10 -13.26
CA TYR C 138 14.79 7.75 -12.74
C TYR C 138 15.09 9.02 -13.54
N GLU C 139 15.39 10.10 -12.82
CA GLU C 139 15.65 11.38 -13.48
C GLU C 139 16.96 11.34 -14.29
N HIS C 140 18.04 10.87 -13.68
CA HIS C 140 19.33 10.77 -14.34
C HIS C 140 19.61 9.30 -14.63
N VAL C 141 19.79 8.96 -15.90
CA VAL C 141 20.08 7.60 -16.33
C VAL C 141 21.28 7.63 -17.26
N ARG C 142 22.27 6.78 -16.99
CA ARG C 142 23.48 6.73 -17.80
C ARG C 142 24.03 5.31 -17.79
N LEU C 143 24.84 5.01 -18.80
CA LEU C 143 25.47 3.72 -18.95
C LEU C 143 26.93 3.80 -18.52
N SER C 144 27.39 2.76 -17.82
CA SER C 144 28.76 2.74 -17.33
C SER C 144 29.75 2.67 -18.50
N THR C 145 30.95 3.21 -18.26
CA THR C 145 32.00 3.23 -19.27
C THR C 145 32.97 2.06 -19.16
N HIS C 146 33.06 1.42 -18.00
CA HIS C 146 33.93 0.28 -17.79
C HIS C 146 33.11 -0.96 -17.51
N ASN C 147 33.65 -2.12 -17.90
CA ASN C 147 32.99 -3.38 -17.62
C ASN C 147 33.07 -3.70 -16.13
N VAL C 148 31.92 -4.04 -15.53
CA VAL C 148 31.90 -4.42 -14.12
C VAL C 148 32.46 -5.81 -13.88
N ILE C 149 32.64 -6.59 -14.93
CA ILE C 149 33.21 -7.93 -14.83
C ILE C 149 34.12 -8.14 -16.04
N ASN C 150 35.32 -8.65 -15.81
CA ASN C 150 36.21 -9.04 -16.90
C ASN C 150 35.80 -10.42 -17.37
N ALA C 151 35.15 -10.49 -18.53
CA ALA C 151 34.54 -11.72 -18.99
C ALA C 151 35.55 -12.83 -19.26
N GLU C 152 36.78 -12.48 -19.61
CA GLU C 152 37.79 -13.50 -19.88
C GLU C 152 38.40 -14.08 -18.62
N ASP C 153 38.16 -13.48 -17.46
CA ASP C 153 38.68 -13.98 -16.19
C ASP C 153 37.59 -14.61 -15.32
N ALA C 154 36.36 -14.71 -15.81
CA ALA C 154 35.28 -15.28 -15.04
C ALA C 154 35.49 -16.78 -14.85
N PRO C 155 34.92 -17.37 -13.80
CA PRO C 155 35.06 -18.81 -13.58
C PRO C 155 34.50 -19.59 -14.76
N GLY C 156 35.16 -20.71 -15.08
CA GLY C 156 34.87 -21.44 -16.29
C GLY C 156 35.75 -21.10 -17.46
N ARG C 157 36.73 -20.21 -17.27
CA ARG C 157 37.63 -19.81 -18.33
C ARG C 157 38.49 -20.99 -18.77
N PRO C 158 39.06 -20.96 -19.99
CA PRO C 158 39.11 -19.85 -20.96
C PRO C 158 37.83 -19.67 -21.78
N TYR C 159 37.41 -18.41 -21.90
CA TYR C 159 36.24 -18.04 -22.67
C TYR C 159 36.64 -17.32 -23.96
N GLU C 160 35.84 -17.51 -25.00
CA GLU C 160 35.90 -16.70 -26.20
C GLU C 160 34.54 -16.06 -26.41
N ILE C 161 34.52 -14.74 -26.57
CA ILE C 161 33.26 -14.01 -26.66
C ILE C 161 32.66 -14.18 -28.06
N GLY C 162 31.68 -15.05 -28.17
CA GLY C 162 31.02 -15.26 -29.43
C GLY C 162 30.08 -14.12 -29.79
N THR C 163 29.73 -14.05 -31.07
CA THR C 163 28.85 -13.01 -31.56
C THR C 163 28.11 -13.52 -32.79
N SER C 164 26.97 -12.90 -33.06
CA SER C 164 26.12 -13.26 -34.19
C SER C 164 25.71 -12.01 -34.95
N GLY C 165 25.58 -12.14 -36.26
CA GLY C 165 25.25 -11.02 -37.11
C GLY C 165 23.76 -10.74 -37.21
N SER C 166 23.02 -11.01 -36.14
CA SER C 166 21.59 -10.71 -36.16
C SER C 166 21.32 -9.22 -36.03
N CYS C 167 22.04 -8.52 -35.15
CA CYS C 167 21.93 -7.08 -35.04
C CYS C 167 23.34 -6.50 -35.14
N PRO C 168 23.64 -5.76 -36.21
CA PRO C 168 25.02 -5.34 -36.47
C PRO C 168 25.36 -3.98 -35.88
N ASN C 169 26.67 -3.72 -35.82
CA ASN C 169 27.18 -2.48 -35.27
C ASN C 169 27.34 -1.44 -36.38
N ILE C 170 28.08 -0.35 -36.11
CA ILE C 170 28.13 0.79 -37.02
C ILE C 170 28.67 0.37 -38.38
N THR C 171 29.66 -0.51 -38.42
CA THR C 171 30.15 -1.09 -39.65
C THR C 171 29.59 -2.50 -39.77
N ASN C 172 29.02 -2.81 -40.93
CA ASN C 172 28.28 -4.06 -41.11
C ASN C 172 29.13 -5.26 -40.71
N GLY C 173 28.71 -5.93 -39.64
CA GLY C 173 29.46 -7.06 -39.12
C GLY C 173 28.78 -7.60 -37.89
N ASN C 174 29.38 -8.66 -37.34
CA ASN C 174 28.82 -9.33 -36.18
C ASN C 174 28.90 -8.44 -34.94
N GLY C 175 27.84 -8.47 -34.14
CA GLY C 175 27.78 -7.69 -32.92
C GLY C 175 26.91 -8.37 -31.90
N PHE C 176 26.69 -7.68 -30.78
CA PHE C 176 25.83 -8.16 -29.72
C PHE C 176 25.46 -6.97 -28.83
N PHE C 177 24.60 -7.24 -27.85
CA PHE C 177 24.18 -6.19 -26.93
C PHE C 177 25.37 -5.67 -26.13
N ALA C 178 25.33 -4.38 -25.82
CA ALA C 178 26.41 -3.73 -25.09
C ALA C 178 26.43 -4.07 -23.61
N THR C 179 25.34 -4.63 -23.07
CA THR C 179 25.23 -4.92 -21.66
C THR C 179 25.47 -6.39 -21.34
N MET C 180 25.95 -7.18 -22.30
CA MET C 180 26.17 -8.61 -22.08
C MET C 180 27.38 -9.06 -22.86
N ALA C 181 27.89 -10.23 -22.47
CA ALA C 181 29.00 -10.88 -23.17
C ALA C 181 28.70 -12.36 -23.28
N TRP C 182 28.39 -12.81 -24.49
CA TRP C 182 28.10 -14.22 -24.73
C TRP C 182 29.41 -14.99 -24.63
N ALA C 183 29.59 -15.69 -23.50
CA ALA C 183 30.83 -16.42 -23.22
C ALA C 183 30.67 -17.86 -23.68
N VAL C 184 31.48 -18.25 -24.65
CA VAL C 184 31.51 -19.61 -25.18
C VAL C 184 32.82 -20.25 -24.75
N PRO C 185 32.79 -21.34 -23.97
CA PRO C 185 34.05 -21.91 -23.47
C PRO C 185 34.93 -22.43 -24.60
N LYS C 186 36.24 -22.28 -24.42
CA LYS C 186 37.20 -22.87 -25.34
C LYS C 186 37.35 -24.36 -25.11
N ASN C 187 37.24 -24.82 -23.87
CA ASN C 187 37.22 -26.23 -23.53
C ASN C 187 35.77 -26.66 -23.38
N LYS C 188 35.38 -27.67 -24.15
CA LYS C 188 33.97 -28.05 -24.29
C LYS C 188 33.67 -29.22 -23.35
N THR C 189 33.32 -28.89 -22.12
CA THR C 189 32.94 -29.88 -21.12
C THR C 189 31.78 -29.33 -20.30
N ALA C 190 31.05 -30.24 -19.66
CA ALA C 190 30.01 -29.85 -18.72
C ALA C 190 30.62 -29.43 -17.39
N THR C 191 29.93 -28.51 -16.71
CA THR C 191 30.47 -27.92 -15.48
C THR C 191 29.39 -27.92 -14.39
N ASN C 192 29.87 -27.96 -13.14
CA ASN C 192 29.01 -27.73 -11.99
C ASN C 192 28.70 -26.25 -11.87
N PRO C 193 27.67 -25.89 -11.11
CA PRO C 193 27.32 -24.46 -10.98
C PRO C 193 28.50 -23.65 -10.45
N LEU C 194 28.67 -22.45 -11.00
CA LEU C 194 29.76 -21.56 -10.68
C LEU C 194 29.22 -20.24 -10.15
N THR C 195 30.03 -19.56 -9.34
CA THR C 195 29.60 -18.36 -8.65
C THR C 195 30.46 -17.18 -9.06
N ILE C 196 29.82 -16.03 -9.28
CA ILE C 196 30.50 -14.77 -9.54
C ILE C 196 29.77 -13.67 -8.78
N GLU C 197 30.53 -12.68 -8.32
CA GLU C 197 30.00 -11.57 -7.54
C GLU C 197 30.06 -10.30 -8.37
N VAL C 198 28.96 -9.54 -8.38
CA VAL C 198 28.83 -8.34 -9.18
C VAL C 198 29.04 -7.14 -8.26
N PRO C 199 30.16 -6.43 -8.36
CA PRO C 199 30.44 -5.32 -7.45
C PRO C 199 29.72 -4.04 -7.84
N TYR C 200 29.70 -3.10 -6.90
CA TYR C 200 29.14 -1.76 -7.12
C TYR C 200 30.17 -0.90 -7.82
N ILE C 201 29.90 -0.51 -9.08
CA ILE C 201 30.94 0.05 -9.93
C ILE C 201 30.51 1.43 -10.44
N CYS C 202 29.85 2.21 -9.59
CA CYS C 202 29.63 3.62 -9.93
C CYS C 202 29.40 4.41 -8.64
N THR C 203 29.02 5.68 -8.80
CA THR C 203 28.96 6.62 -7.70
C THR C 203 27.92 6.19 -6.67
N GLU C 204 28.24 6.42 -5.39
CA GLU C 204 27.31 6.11 -4.31
C GLU C 204 26.05 6.95 -4.43
N GLY C 205 24.95 6.41 -3.93
CA GLY C 205 23.65 7.05 -4.04
C GLY C 205 22.92 6.79 -5.34
N GLU C 206 23.45 5.92 -6.20
CA GLU C 206 22.83 5.59 -7.48
C GLU C 206 22.55 4.10 -7.52
N ASP C 207 21.28 3.74 -7.60
CA ASP C 207 20.90 2.34 -7.70
C ASP C 207 21.40 1.76 -9.02
N GLN C 208 22.02 0.58 -8.94
CA GLN C 208 22.65 -0.05 -10.09
C GLN C 208 21.81 -1.23 -10.57
N ILE C 209 21.49 -1.25 -11.85
CA ILE C 209 20.69 -2.31 -12.46
C ILE C 209 21.62 -3.15 -13.32
N THR C 210 21.72 -4.44 -13.02
CA THR C 210 22.59 -5.37 -13.73
C THR C 210 21.74 -6.24 -14.65
N VAL C 211 22.10 -6.30 -15.93
CA VAL C 211 21.36 -7.05 -16.93
C VAL C 211 22.19 -8.27 -17.33
N TRP C 212 21.56 -9.44 -17.29
CA TRP C 212 22.23 -10.70 -17.58
C TRP C 212 21.22 -11.66 -18.19
N GLY C 213 21.69 -12.83 -18.59
CA GLY C 213 20.80 -13.82 -19.17
C GLY C 213 21.55 -15.09 -19.51
N PHE C 214 20.89 -15.95 -20.28
CA PHE C 214 21.49 -17.19 -20.74
C PHE C 214 20.93 -17.57 -22.10
N HIS C 215 21.66 -18.44 -22.80
CA HIS C 215 21.38 -18.80 -24.18
C HIS C 215 21.17 -20.30 -24.30
N SER C 216 20.19 -20.69 -25.12
CA SER C 216 19.87 -22.09 -25.32
C SER C 216 19.60 -22.35 -26.80
N ASP C 217 19.85 -23.59 -27.21
CA ASP C 217 19.66 -24.01 -28.59
C ASP C 217 19.15 -25.44 -28.57
N ASN C 218 19.18 -26.13 -29.71
CA ASN C 218 18.67 -27.50 -29.74
C ASN C 218 19.79 -28.47 -29.35
N GLU C 219 19.53 -29.78 -29.52
CA GLU C 219 20.37 -30.78 -28.88
C GLU C 219 21.76 -30.85 -29.53
N THR C 220 21.82 -31.09 -30.84
CA THR C 220 23.10 -31.26 -31.51
C THR C 220 23.93 -29.99 -31.45
N GLN C 221 23.29 -28.83 -31.61
CA GLN C 221 24.03 -27.57 -31.59
C GLN C 221 24.63 -27.29 -30.22
N MET C 222 23.89 -27.57 -29.14
CA MET C 222 24.47 -27.40 -27.81
C MET C 222 25.54 -28.44 -27.53
N ALA C 223 25.39 -29.64 -28.07
CA ALA C 223 26.46 -30.63 -27.93
C ALA C 223 27.73 -30.17 -28.65
N LYS C 224 27.59 -29.48 -29.78
CA LYS C 224 28.73 -28.95 -30.51
C LYS C 224 29.33 -27.70 -29.88
N LEU C 225 28.52 -26.86 -29.26
CA LEU C 225 28.99 -25.59 -28.71
C LEU C 225 29.50 -25.72 -27.28
N TYR C 226 28.72 -26.34 -26.39
CA TYR C 226 29.04 -26.39 -24.98
C TYR C 226 29.50 -27.75 -24.49
N GLY C 227 29.31 -28.80 -25.27
CA GLY C 227 29.75 -30.13 -24.89
C GLY C 227 28.75 -30.93 -24.08
N ASP C 228 27.59 -30.36 -23.75
CA ASP C 228 26.56 -31.09 -23.02
C ASP C 228 25.21 -30.83 -23.65
N SER C 229 24.29 -31.79 -23.46
CA SER C 229 22.96 -31.72 -24.06
C SER C 229 21.86 -31.73 -23.01
N LYS C 230 22.18 -31.38 -21.76
CA LYS C 230 21.20 -31.36 -20.69
C LYS C 230 20.84 -29.92 -20.32
N PRO C 231 19.62 -29.68 -19.84
CA PRO C 231 19.25 -28.31 -19.45
C PRO C 231 20.13 -27.80 -18.32
N GLN C 232 20.41 -26.50 -18.35
CA GLN C 232 21.28 -25.85 -17.38
C GLN C 232 20.45 -25.01 -16.43
N LYS C 233 20.93 -24.90 -15.20
CA LYS C 233 20.21 -24.24 -14.12
C LYS C 233 20.94 -22.95 -13.72
N PHE C 234 20.17 -21.87 -13.58
CA PHE C 234 20.71 -20.55 -13.28
C PHE C 234 19.95 -19.95 -12.11
N THR C 235 20.62 -19.11 -11.34
CA THR C 235 19.97 -18.39 -10.25
C THR C 235 20.77 -17.13 -9.96
N SER C 236 20.13 -16.19 -9.26
CA SER C 236 20.75 -14.92 -8.93
C SER C 236 20.10 -14.36 -7.67
N SER C 237 20.92 -13.74 -6.82
CA SER C 237 20.45 -13.16 -5.57
C SER C 237 20.92 -11.72 -5.47
N ALA C 238 20.04 -10.85 -4.99
CA ALA C 238 20.37 -9.44 -4.80
C ALA C 238 19.36 -8.84 -3.84
N ASN C 239 19.85 -8.31 -2.71
CA ASN C 239 19.01 -7.69 -1.68
C ASN C 239 18.00 -8.67 -1.09
N GLY C 240 18.30 -9.97 -1.10
CA GLY C 240 17.38 -10.97 -0.62
C GLY C 240 16.39 -11.46 -1.64
N VAL C 241 16.38 -10.89 -2.83
CA VAL C 241 15.49 -11.32 -3.91
C VAL C 241 16.22 -12.36 -4.74
N THR C 242 15.62 -13.55 -4.86
CA THR C 242 16.25 -14.68 -5.54
C THR C 242 15.32 -15.21 -6.63
N THR C 243 15.90 -15.52 -7.78
CA THR C 243 15.17 -16.12 -8.89
C THR C 243 15.90 -17.39 -9.33
N HIS C 244 15.14 -18.31 -9.92
CA HIS C 244 15.69 -19.58 -10.40
C HIS C 244 15.17 -19.86 -11.80
N TYR C 245 16.05 -20.35 -12.66
CA TYR C 245 15.72 -20.58 -14.06
C TYR C 245 16.33 -21.88 -14.54
N VAL C 246 15.59 -22.58 -15.40
CA VAL C 246 16.07 -23.80 -16.04
C VAL C 246 15.87 -23.64 -17.55
N SER C 247 16.91 -23.96 -18.32
CA SER C 247 16.88 -23.76 -19.76
C SER C 247 16.04 -24.84 -20.43
N GLN C 248 15.71 -24.58 -21.70
CA GLN C 248 14.92 -25.49 -22.52
C GLN C 248 15.76 -25.95 -23.70
N ILE C 249 15.65 -27.24 -24.02
CA ILE C 249 16.36 -27.84 -25.15
C ILE C 249 15.34 -28.53 -26.03
N GLY C 250 15.16 -28.04 -27.24
CA GLY C 250 14.24 -28.66 -28.17
C GLY C 250 13.37 -27.69 -28.94
N GLY C 251 12.07 -27.96 -28.98
CA GLY C 251 11.13 -27.11 -29.70
C GLY C 251 11.01 -25.72 -29.13
N PHE C 252 11.30 -24.72 -29.96
CA PHE C 252 11.25 -23.32 -29.56
C PHE C 252 10.07 -22.62 -30.21
N PRO C 253 9.50 -21.61 -29.56
CA PRO C 253 8.45 -20.82 -30.19
C PRO C 253 8.98 -20.02 -31.37
N ASN C 254 8.08 -19.66 -32.27
CA ASN C 254 8.46 -18.95 -33.48
C ASN C 254 9.07 -17.59 -33.14
N GLN C 255 10.05 -17.19 -33.94
CA GLN C 255 10.75 -15.93 -33.69
C GLN C 255 9.78 -14.76 -33.77
N THR C 256 9.95 -13.79 -32.87
CA THR C 256 9.07 -12.64 -32.79
C THR C 256 9.89 -11.40 -32.45
N GLU C 257 9.56 -10.29 -33.10
CA GLU C 257 10.17 -8.98 -32.81
C GLU C 257 11.69 -9.02 -32.96
N ASP C 258 12.16 -9.66 -34.04
CA ASP C 258 13.59 -9.74 -34.32
C ASP C 258 13.85 -9.45 -35.79
N GLY C 259 15.09 -9.06 -36.09
CA GLY C 259 15.51 -8.94 -37.47
C GLY C 259 15.55 -10.29 -38.12
N GLY C 260 14.70 -10.51 -39.12
CA GLY C 260 14.48 -11.85 -39.65
C GLY C 260 15.71 -12.54 -40.18
N LEU C 261 16.23 -13.50 -39.41
CA LEU C 261 17.34 -14.34 -39.80
C LEU C 261 17.00 -15.74 -39.28
N PRO C 262 17.18 -16.77 -40.08
CA PRO C 262 16.88 -18.13 -39.59
C PRO C 262 17.90 -18.61 -38.57
N GLN C 263 17.50 -18.61 -37.29
CA GLN C 263 18.35 -19.08 -36.19
C GLN C 263 17.57 -20.09 -35.37
N SER C 264 18.25 -21.19 -35.00
CA SER C 264 17.60 -22.28 -34.30
C SER C 264 17.49 -22.07 -32.79
N GLY C 265 18.13 -21.03 -32.25
CA GLY C 265 18.17 -20.84 -30.82
C GLY C 265 17.77 -19.44 -30.43
N ARG C 266 17.57 -19.25 -29.13
CA ARG C 266 17.10 -17.98 -28.61
C ARG C 266 17.51 -17.88 -27.14
N ILE C 267 17.41 -16.67 -26.60
CA ILE C 267 17.99 -16.37 -25.29
C ILE C 267 16.90 -15.91 -24.34
N VAL C 268 17.18 -16.09 -23.05
CA VAL C 268 16.35 -15.58 -21.95
C VAL C 268 17.15 -14.48 -21.26
N VAL C 269 16.50 -13.37 -20.96
CA VAL C 269 17.17 -12.17 -20.45
C VAL C 269 16.43 -11.68 -19.21
N ASP C 270 17.18 -11.41 -18.14
CA ASP C 270 16.64 -10.91 -16.89
C ASP C 270 17.52 -9.77 -16.39
N TYR C 271 17.10 -9.14 -15.28
CA TYR C 271 17.86 -8.06 -14.69
C TYR C 271 17.65 -8.05 -13.18
N MET C 272 18.66 -7.57 -12.46
CA MET C 272 18.58 -7.42 -11.01
C MET C 272 19.09 -6.05 -10.61
N VAL C 273 18.39 -5.42 -9.67
CA VAL C 273 18.71 -4.08 -9.21
C VAL C 273 19.46 -4.18 -7.88
N GLN C 274 20.56 -3.45 -7.77
CA GLN C 274 21.34 -3.37 -6.54
C GLN C 274 21.31 -1.94 -6.02
N LYS C 275 21.09 -1.80 -4.72
CA LYS C 275 21.04 -0.48 -4.09
C LYS C 275 22.46 0.04 -3.86
N SER C 276 22.59 1.10 -3.08
CA SER C 276 23.88 1.75 -2.87
C SER C 276 24.79 0.85 -2.05
N GLY C 277 25.97 0.54 -2.59
CA GLY C 277 26.97 -0.19 -1.86
C GLY C 277 26.72 -1.67 -1.70
N LYS C 278 25.71 -2.23 -2.36
CA LYS C 278 25.36 -3.63 -2.23
C LYS C 278 25.76 -4.38 -3.48
N THR C 279 26.44 -5.52 -3.30
CA THR C 279 26.86 -6.34 -4.42
C THR C 279 25.80 -7.40 -4.73
N GLY C 280 25.99 -8.11 -5.84
CA GLY C 280 25.07 -9.15 -6.22
C GLY C 280 25.82 -10.43 -6.55
N THR C 281 25.09 -11.53 -6.52
CA THR C 281 25.67 -12.86 -6.73
C THR C 281 24.88 -13.57 -7.83
N ILE C 282 25.60 -14.25 -8.71
CA ILE C 282 25.00 -14.99 -9.82
C ILE C 282 25.62 -16.38 -9.87
N THR C 283 24.77 -17.41 -9.91
CA THR C 283 25.19 -18.78 -10.13
C THR C 283 24.74 -19.19 -11.53
N TYR C 284 25.61 -19.91 -12.24
CA TYR C 284 25.36 -20.16 -13.66
C TYR C 284 26.04 -21.44 -14.10
N GLN C 285 25.69 -21.88 -15.31
CA GLN C 285 26.31 -23.00 -15.99
C GLN C 285 26.56 -22.62 -17.45
N ARG C 286 26.85 -23.62 -18.30
CA ARG C 286 27.20 -23.36 -19.69
C ARG C 286 26.13 -22.54 -20.40
N GLY C 287 26.57 -21.51 -21.12
CA GLY C 287 25.66 -20.65 -21.86
C GLY C 287 25.24 -19.43 -21.09
N ILE C 288 26.20 -18.68 -20.55
CA ILE C 288 25.93 -17.52 -19.70
C ILE C 288 26.25 -16.25 -20.48
N LEU C 289 25.37 -15.27 -20.40
CA LEU C 289 25.59 -13.94 -20.96
C LEU C 289 25.99 -13.02 -19.81
N LEU C 290 27.29 -12.91 -19.59
CA LEU C 290 27.80 -12.18 -18.44
C LEU C 290 27.61 -10.68 -18.61
N PRO C 291 27.28 -9.96 -17.55
CA PRO C 291 27.05 -8.51 -17.68
C PRO C 291 28.34 -7.76 -17.99
N GLN C 292 28.24 -6.74 -18.83
CA GLN C 292 29.38 -5.89 -19.14
C GLN C 292 29.19 -4.45 -18.68
N LYS C 293 28.15 -3.76 -19.16
CA LYS C 293 27.96 -2.35 -18.85
C LYS C 293 26.59 -2.16 -18.24
N VAL C 294 26.55 -1.92 -16.94
CA VAL C 294 25.31 -1.84 -16.18
C VAL C 294 24.77 -0.43 -16.24
N TRP C 295 23.47 -0.31 -15.99
CA TRP C 295 22.83 0.98 -15.80
C TRP C 295 22.76 1.27 -14.30
N CYS C 296 23.22 2.45 -13.90
CA CYS C 296 22.95 2.93 -12.55
C CYS C 296 22.45 4.37 -12.63
N ALA C 297 21.40 4.65 -11.87
CA ALA C 297 20.62 5.86 -12.03
C ALA C 297 20.29 6.45 -10.66
N SER C 298 19.94 7.73 -10.67
CA SER C 298 19.63 8.44 -9.44
C SER C 298 18.50 9.42 -9.70
N GLY C 299 17.91 9.93 -8.62
CA GLY C 299 16.82 10.87 -8.73
C GLY C 299 15.47 10.21 -8.88
N ARG C 300 14.45 11.05 -8.99
CA ARG C 300 13.08 10.59 -9.16
C ARG C 300 12.41 11.41 -10.26
N SER C 301 11.69 10.72 -11.15
CA SER C 301 11.01 11.35 -12.27
C SER C 301 9.53 11.04 -12.19
N LYS C 302 8.69 12.08 -12.31
CA LYS C 302 7.25 11.88 -12.28
C LYS C 302 6.79 11.17 -13.54
N VAL C 303 6.16 10.01 -13.36
CA VAL C 303 5.76 9.15 -14.47
C VAL C 303 4.24 9.11 -14.54
N ILE C 304 3.70 9.40 -15.72
CA ILE C 304 2.28 9.28 -16.00
C ILE C 304 2.13 8.63 -17.37
N LYS C 305 1.14 7.75 -17.51
CA LYS C 305 1.02 7.01 -18.76
C LYS C 305 0.20 7.78 -19.79
N GLY C 306 0.54 7.57 -21.06
CA GLY C 306 -0.10 8.28 -22.15
C GLY C 306 0.24 7.71 -23.51
N SER C 307 0.23 8.56 -24.54
CA SER C 307 0.48 8.12 -25.90
C SER C 307 1.36 9.13 -26.62
N LEU C 308 2.13 8.63 -27.59
CA LEU C 308 3.03 9.40 -28.45
C LEU C 308 2.37 9.65 -29.80
N PRO C 309 2.82 10.69 -30.54
CA PRO C 309 3.84 11.68 -30.20
C PRO C 309 3.32 12.87 -29.40
N LEU C 310 4.23 13.59 -28.74
CA LEU C 310 3.87 14.81 -28.03
C LEU C 310 3.75 15.95 -29.04
N ILE C 311 2.55 16.52 -29.13
CA ILE C 311 2.25 17.57 -30.12
C ILE C 311 1.86 18.83 -29.37
N GLY C 312 2.68 19.87 -29.49
CA GLY C 312 2.35 21.17 -28.93
C GLY C 312 2.74 21.37 -27.49
N GLU C 313 2.02 22.25 -26.80
CA GLU C 313 2.30 22.61 -25.42
C GLU C 313 1.00 22.61 -24.63
N ALA C 314 1.07 22.16 -23.37
CA ALA C 314 -0.11 22.12 -22.51
C ALA C 314 0.31 22.41 -21.08
N ASP C 315 -0.53 23.15 -20.37
CA ASP C 315 -0.28 23.46 -18.97
C ASP C 315 -0.30 22.22 -18.08
N CYS C 316 -1.23 21.30 -18.33
CA CYS C 316 -1.40 20.12 -17.50
C CYS C 316 -1.46 18.88 -18.38
N LEU C 317 -1.00 17.76 -17.84
CA LEU C 317 -1.06 16.47 -18.53
C LEU C 317 -1.99 15.55 -17.75
N HIS C 318 -3.17 15.29 -18.30
CA HIS C 318 -4.16 14.42 -17.70
C HIS C 318 -4.04 13.02 -18.27
N GLU C 319 -4.11 12.01 -17.40
CA GLU C 319 -3.88 10.64 -17.82
C GLU C 319 -4.95 10.11 -18.76
N LYS C 320 -6.14 10.71 -18.75
CA LYS C 320 -7.22 10.29 -19.64
C LYS C 320 -7.73 11.38 -20.56
N TYR C 321 -7.50 12.65 -20.24
CA TYR C 321 -7.97 13.76 -21.04
C TYR C 321 -6.88 14.37 -21.91
N GLY C 322 -5.69 13.75 -21.95
CA GLY C 322 -4.61 14.27 -22.78
C GLY C 322 -4.06 15.58 -22.22
N GLY C 323 -3.45 16.38 -23.09
CA GLY C 323 -2.89 17.64 -22.71
C GLY C 323 -3.97 18.69 -22.57
N LEU C 324 -4.08 19.25 -21.37
CA LEU C 324 -5.12 20.20 -21.03
C LEU C 324 -4.51 21.51 -20.58
N ASN C 325 -5.15 22.62 -20.96
CA ASN C 325 -4.76 23.95 -20.52
C ASN C 325 -5.72 24.40 -19.42
N LYS C 326 -5.18 24.80 -18.28
CA LYS C 326 -6.00 25.17 -17.14
C LYS C 326 -6.70 26.49 -17.42
N SER C 327 -8.02 26.49 -17.31
CA SER C 327 -8.83 27.69 -17.50
C SER C 327 -9.73 28.02 -16.32
N LYS C 328 -10.14 27.02 -15.55
CA LYS C 328 -10.99 27.22 -14.38
C LYS C 328 -10.45 26.38 -13.23
N PRO C 329 -10.69 26.79 -11.99
CA PRO C 329 -10.07 26.09 -10.85
C PRO C 329 -10.45 24.62 -10.75
N TYR C 330 -11.68 24.26 -11.10
CA TYR C 330 -12.18 22.90 -10.90
C TYR C 330 -12.73 22.34 -12.21
N TYR C 331 -12.75 21.02 -12.29
CA TYR C 331 -13.30 20.32 -13.45
C TYR C 331 -14.12 19.13 -13.00
N THR C 332 -15.08 18.73 -13.84
CA THR C 332 -15.95 17.60 -13.59
C THR C 332 -15.79 16.58 -14.71
N GLY C 333 -15.71 15.32 -14.35
CA GLY C 333 -15.52 14.27 -15.32
C GLY C 333 -14.91 13.04 -14.64
N GLU C 334 -14.23 12.24 -15.45
CA GLU C 334 -13.56 11.03 -14.95
C GLU C 334 -12.25 11.42 -14.30
N HIS C 335 -12.15 11.22 -12.98
CA HIS C 335 -10.95 11.59 -12.25
C HIS C 335 -9.81 10.63 -12.57
N ALA C 336 -8.61 11.18 -12.72
CA ALA C 336 -7.42 10.38 -12.98
C ALA C 336 -6.18 11.19 -12.59
N LYS C 337 -5.03 10.55 -12.71
CA LYS C 337 -3.77 11.18 -12.32
C LYS C 337 -3.39 12.29 -13.30
N ALA C 338 -2.73 13.33 -12.78
CA ALA C 338 -2.34 14.47 -13.58
C ALA C 338 -1.05 15.06 -13.04
N ILE C 339 -0.31 15.74 -13.93
CA ILE C 339 0.96 16.38 -13.59
C ILE C 339 0.94 17.80 -14.13
N GLY C 340 1.31 18.76 -13.27
CA GLY C 340 1.49 20.13 -13.73
C GLY C 340 0.53 21.14 -13.14
N ASN C 341 0.29 22.24 -13.85
CA ASN C 341 -0.63 23.28 -13.44
C ASN C 341 -2.05 22.81 -13.75
N CYS C 342 -2.54 21.89 -12.93
CA CYS C 342 -3.79 21.20 -13.19
C CYS C 342 -4.91 21.72 -12.30
N PRO C 343 -6.15 21.65 -12.75
CA PRO C 343 -7.29 21.92 -11.86
C PRO C 343 -7.57 20.71 -10.98
N ILE C 344 -8.53 20.90 -10.06
CA ILE C 344 -8.84 19.91 -9.04
C ILE C 344 -10.19 19.30 -9.35
N TRP C 345 -10.27 17.97 -9.26
CA TRP C 345 -11.49 17.23 -9.59
C TRP C 345 -12.56 17.43 -8.53
N VAL C 346 -13.80 17.61 -8.99
CA VAL C 346 -14.98 17.62 -8.13
C VAL C 346 -16.03 16.74 -8.78
N LYS C 347 -17.01 16.33 -7.97
CA LYS C 347 -18.01 15.37 -8.44
C LYS C 347 -19.25 16.03 -9.01
N THR C 348 -19.57 17.26 -8.61
CA THR C 348 -20.75 17.96 -9.09
C THR C 348 -20.36 19.34 -9.60
N PRO C 349 -21.13 19.88 -10.55
CA PRO C 349 -20.84 21.23 -11.05
C PRO C 349 -21.13 22.31 -10.01
N LEU C 350 -20.07 22.92 -9.47
CA LEU C 350 -20.20 23.95 -8.47
C LEU C 350 -20.40 25.32 -9.10
N LYS C 351 -21.12 26.18 -8.40
CA LYS C 351 -21.37 27.55 -8.85
C LYS C 351 -21.14 28.51 -7.69
N LEU C 352 -20.68 29.71 -8.02
CA LEU C 352 -20.40 30.75 -7.04
C LEU C 352 -21.39 31.88 -7.21
N ALA C 353 -21.99 32.30 -6.10
CA ALA C 353 -23.06 33.29 -6.15
C ALA C 353 -22.54 34.63 -6.64
N ASN C 354 -23.37 35.31 -7.45
CA ASN C 354 -23.00 36.61 -7.99
C ASN C 354 -24.23 37.51 -7.94
N GLY C 355 -23.97 38.81 -7.80
CA GLY C 355 -25.04 39.79 -7.73
C GLY C 355 -25.76 39.78 -6.39
N ASN C 414 -16.80 44.14 -4.06
CA ASN C 414 -15.47 43.55 -4.04
C ASN C 414 -15.45 42.27 -3.22
N LYS C 415 -16.54 42.02 -2.48
CA LYS C 415 -16.64 40.81 -1.69
C LYS C 415 -16.62 39.56 -2.56
N ILE C 416 -17.31 39.61 -3.70
CA ILE C 416 -17.33 38.47 -4.61
C ILE C 416 -15.93 38.21 -5.17
N THR C 417 -15.23 39.28 -5.55
CA THR C 417 -13.87 39.11 -6.08
C THR C 417 -12.90 38.71 -4.96
N LYS C 418 -13.18 39.13 -3.73
CA LYS C 418 -12.26 38.85 -2.63
C LYS C 418 -12.11 37.35 -2.38
N ASN C 419 -13.23 36.62 -2.37
CA ASN C 419 -13.19 35.18 -2.15
C ASN C 419 -13.21 34.36 -3.44
N LEU C 420 -13.25 35.02 -4.60
CA LEU C 420 -13.08 34.28 -5.85
C LEU C 420 -11.63 33.86 -6.05
N ASN C 421 -10.69 34.75 -5.71
CA ASN C 421 -9.28 34.38 -5.77
C ASN C 421 -8.92 33.39 -4.69
N SER C 422 -9.53 33.53 -3.50
CA SER C 422 -9.24 32.61 -2.41
C SER C 422 -9.62 31.18 -2.77
N LEU C 423 -10.80 30.99 -3.38
CA LEU C 423 -11.19 29.66 -3.84
C LEU C 423 -10.29 29.20 -5.00
N SER C 424 -9.85 30.14 -5.83
CA SER C 424 -8.97 29.79 -6.94
C SER C 424 -7.55 29.50 -6.47
N GLU C 425 -7.21 29.86 -5.23
CA GLU C 425 -5.86 29.68 -4.71
C GLU C 425 -5.72 28.48 -3.79
N LEU C 426 -6.73 27.59 -3.76
CA LEU C 426 -6.57 26.35 -3.03
C LEU C 426 -5.47 25.50 -3.67
N GLU C 427 -4.76 24.76 -2.82
CA GLU C 427 -3.55 24.07 -3.26
C GLU C 427 -3.60 22.62 -2.79
N VAL C 428 -3.50 21.69 -3.75
CA VAL C 428 -3.54 20.26 -3.46
C VAL C 428 -2.36 19.61 -4.18
N LYS C 429 -1.77 18.61 -3.52
CA LYS C 429 -0.68 17.87 -4.12
C LYS C 429 -1.21 16.89 -5.15
N ASN C 430 -0.44 16.69 -6.21
CA ASN C 430 -0.85 15.84 -7.32
C ASN C 430 -0.45 14.40 -7.09
N LEU C 431 -0.97 13.51 -7.94
CA LEU C 431 -0.79 12.08 -7.81
C LEU C 431 -0.12 11.54 -9.08
N GLN C 432 0.81 10.59 -8.90
CA GLN C 432 1.46 9.93 -10.02
C GLN C 432 1.60 8.45 -9.71
N ARG C 433 2.19 7.72 -10.64
CA ARG C 433 2.51 6.32 -10.41
C ARG C 433 3.63 6.18 -9.39
N LEU C 434 3.83 4.97 -8.90
CA LEU C 434 4.81 4.75 -7.85
C LEU C 434 6.23 4.75 -8.41
N SER C 435 6.36 4.67 -9.74
CA SER C 435 7.63 4.75 -10.44
C SER C 435 8.54 3.57 -10.12
N GLY C 436 8.08 2.67 -9.25
CA GLY C 436 8.83 1.48 -8.92
C GLY C 436 7.95 0.25 -8.87
N ALA C 437 6.64 0.45 -9.04
CA ALA C 437 5.67 -0.65 -9.05
C ALA C 437 5.36 -0.97 -10.50
N MET C 438 5.67 -2.20 -10.91
CA MET C 438 5.50 -2.63 -12.29
C MET C 438 4.10 -3.22 -12.47
N ASP C 439 3.48 -2.97 -13.62
CA ASP C 439 2.15 -3.49 -13.90
C ASP C 439 2.15 -5.02 -13.90
N GLU C 440 3.16 -5.62 -14.50
CA GLU C 440 3.21 -7.07 -14.61
C GLU C 440 3.49 -7.74 -13.28
N LEU C 441 4.35 -7.15 -12.46
CA LEU C 441 4.84 -7.80 -11.24
C LEU C 441 4.04 -7.45 -9.99
N HIS C 442 3.73 -6.18 -9.77
CA HIS C 442 3.13 -5.70 -8.53
C HIS C 442 1.71 -5.22 -8.83
N ASN C 443 0.74 -6.10 -8.69
CA ASN C 443 -0.66 -5.78 -8.97
C ASN C 443 -1.43 -5.33 -7.74
N GLU C 444 -1.23 -6.00 -6.60
CA GLU C 444 -1.93 -5.63 -5.38
C GLU C 444 -1.53 -4.23 -4.93
N ILE C 445 -0.24 -3.88 -5.06
CA ILE C 445 0.22 -2.56 -4.66
C ILE C 445 -0.42 -1.49 -5.53
N LEU C 446 -0.54 -1.75 -6.84
CA LEU C 446 -1.17 -0.79 -7.73
C LEU C 446 -2.67 -0.67 -7.44
N GLU C 447 -3.32 -1.78 -7.09
CA GLU C 447 -4.73 -1.72 -6.71
C GLU C 447 -4.92 -0.88 -5.45
N LEU C 448 -4.04 -1.06 -4.45
CA LEU C 448 -4.10 -0.22 -3.26
C LEU C 448 -3.84 1.24 -3.60
N ASP C 449 -2.91 1.49 -4.53
CA ASP C 449 -2.62 2.86 -4.94
C ASP C 449 -3.83 3.52 -5.57
N GLU C 450 -4.54 2.81 -6.45
CA GLU C 450 -5.73 3.38 -7.07
C GLU C 450 -6.84 3.56 -6.04
N LYS C 451 -6.94 2.67 -5.05
CA LYS C 451 -7.91 2.85 -3.98
C LYS C 451 -7.61 4.13 -3.19
N VAL C 452 -6.34 4.34 -2.86
CA VAL C 452 -5.95 5.55 -2.14
C VAL C 452 -6.23 6.79 -2.97
N ASP C 453 -5.97 6.72 -4.28
CA ASP C 453 -6.25 7.85 -5.16
C ASP C 453 -7.73 8.19 -5.17
N ASP C 454 -8.60 7.18 -5.27
CA ASP C 454 -10.03 7.42 -5.26
C ASP C 454 -10.49 8.03 -3.94
N LEU C 455 -9.98 7.49 -2.82
CA LEU C 455 -10.39 8.02 -1.51
C LEU C 455 -9.95 9.47 -1.35
N ARG C 456 -8.73 9.80 -1.77
CA ARG C 456 -8.29 11.19 -1.70
C ARG C 456 -9.12 12.09 -2.61
N ALA C 457 -9.46 11.61 -3.80
CA ALA C 457 -10.30 12.40 -4.69
C ALA C 457 -11.62 12.75 -4.01
N ASP C 458 -12.25 11.75 -3.38
CA ASP C 458 -13.50 12.01 -2.68
C ASP C 458 -13.30 13.00 -1.52
N THR C 459 -12.22 12.84 -0.76
CA THR C 459 -11.98 13.71 0.39
C THR C 459 -11.81 15.17 -0.05
N ILE C 460 -10.96 15.41 -1.04
CA ILE C 460 -10.72 16.77 -1.50
C ILE C 460 -11.97 17.35 -2.15
N SER C 461 -12.73 16.52 -2.86
CA SER C 461 -13.98 17.01 -3.44
C SER C 461 -14.94 17.48 -2.35
N SER C 462 -15.06 16.71 -1.27
CA SER C 462 -15.93 17.11 -0.17
C SER C 462 -15.45 18.41 0.48
N GLN C 463 -14.12 18.53 0.68
CA GLN C 463 -13.58 19.75 1.26
C GLN C 463 -13.87 20.96 0.38
N ILE C 464 -13.69 20.81 -0.94
CA ILE C 464 -13.95 21.91 -1.86
C ILE C 464 -15.42 22.30 -1.86
N GLU C 465 -16.31 21.31 -1.84
CA GLU C 465 -17.74 21.61 -1.79
C GLU C 465 -18.09 22.37 -0.52
N LEU C 466 -17.54 21.94 0.62
CA LEU C 466 -17.78 22.67 1.87
C LEU C 466 -17.28 24.10 1.78
N ALA C 467 -16.08 24.29 1.21
CA ALA C 467 -15.54 25.63 1.07
C ALA C 467 -16.43 26.51 0.19
N VAL C 468 -16.94 25.96 -0.90
CA VAL C 468 -17.80 26.73 -1.80
C VAL C 468 -19.11 27.09 -1.13
N LEU C 469 -19.70 26.15 -0.37
CA LEU C 469 -20.91 26.47 0.36
C LEU C 469 -20.67 27.58 1.38
N LEU C 470 -19.55 27.50 2.11
CA LEU C 470 -19.25 28.57 3.07
C LEU C 470 -19.08 29.91 2.35
N SER C 471 -18.37 29.91 1.22
CA SER C 471 -18.11 31.15 0.50
C SER C 471 -19.40 31.79 -0.01
N ASN C 472 -20.24 31.02 -0.69
CA ASN C 472 -21.44 31.64 -1.26
C ASN C 472 -22.49 31.93 -0.20
N GLU C 473 -22.48 31.19 0.91
CA GLU C 473 -23.32 31.55 2.04
C GLU C 473 -22.90 32.89 2.63
N GLY C 474 -21.58 33.11 2.74
CA GLY C 474 -21.11 34.41 3.17
C GLY C 474 -21.46 35.52 2.19
N ILE C 475 -21.37 35.22 0.90
CA ILE C 475 -21.72 36.21 -0.12
C ILE C 475 -23.19 36.60 -0.02
N ILE C 476 -24.08 35.61 0.13
CA ILE C 476 -25.50 35.90 0.18
C ILE C 476 -25.84 36.75 1.41
N ASN C 477 -25.28 36.41 2.56
CA ASN C 477 -25.54 37.15 3.79
C ASN C 477 -24.84 38.51 3.76
N ASP D 1 -31.24 -8.71 -9.46
CA ASP D 1 -31.11 -7.98 -10.72
C ASP D 1 -32.30 -7.07 -10.96
N VAL D 2 -32.06 -5.98 -11.68
CA VAL D 2 -33.11 -5.03 -12.03
C VAL D 2 -33.26 -5.01 -13.56
N GLN D 3 -34.43 -4.55 -14.00
CA GLN D 3 -34.77 -4.52 -15.41
C GLN D 3 -34.94 -3.08 -15.86
N LEU D 4 -34.29 -2.72 -16.97
CA LEU D 4 -34.35 -1.38 -17.54
C LEU D 4 -34.81 -1.49 -18.98
N VAL D 5 -35.94 -0.85 -19.30
CA VAL D 5 -36.48 -0.83 -20.65
C VAL D 5 -36.77 0.62 -21.03
N GLU D 6 -36.35 1.01 -22.23
CA GLU D 6 -36.51 2.37 -22.71
C GLU D 6 -37.56 2.43 -23.82
N SER D 7 -38.39 3.46 -23.78
CA SER D 7 -39.42 3.66 -24.78
C SER D 7 -39.65 5.14 -24.99
N GLY D 8 -40.19 5.49 -26.16
CA GLY D 8 -40.47 6.86 -26.50
C GLY D 8 -39.60 7.46 -27.60
N GLY D 9 -38.77 6.66 -28.26
CA GLY D 9 -37.94 7.16 -29.33
C GLY D 9 -38.70 7.36 -30.62
N GLY D 10 -38.05 8.03 -31.55
CA GLY D 10 -38.66 8.31 -32.84
C GLY D 10 -37.93 9.44 -33.55
N LEU D 11 -38.60 9.99 -34.56
CA LEU D 11 -38.06 11.07 -35.37
C LEU D 11 -38.80 12.37 -35.06
N VAL D 12 -38.05 13.45 -34.89
CA VAL D 12 -38.63 14.75 -34.55
C VAL D 12 -37.88 15.82 -35.31
N GLN D 13 -38.62 16.82 -35.77
CA GLN D 13 -38.01 17.95 -36.47
C GLN D 13 -37.20 18.81 -35.48
N PRO D 14 -36.18 19.51 -35.97
CA PRO D 14 -35.37 20.35 -35.07
C PRO D 14 -36.14 21.56 -34.56
N GLY D 15 -36.32 21.64 -33.25
CA GLY D 15 -37.04 22.75 -32.65
C GLY D 15 -38.28 22.30 -31.90
N GLY D 16 -38.54 21.00 -31.90
CA GLY D 16 -39.70 20.42 -31.25
C GLY D 16 -39.42 19.98 -29.84
N SER D 17 -40.08 18.91 -29.42
CA SER D 17 -39.91 18.37 -28.08
C SER D 17 -40.09 16.87 -28.11
N LEU D 18 -39.56 16.20 -27.09
CA LEU D 18 -39.61 14.75 -26.99
C LEU D 18 -39.44 14.35 -25.54
N ARG D 19 -40.05 13.23 -25.16
CA ARG D 19 -39.94 12.71 -23.81
C ARG D 19 -39.61 11.23 -23.87
N LEU D 20 -38.60 10.81 -23.11
CA LEU D 20 -38.22 9.42 -22.99
C LEU D 20 -38.71 8.84 -21.67
N SER D 21 -38.74 7.51 -21.61
CA SER D 21 -39.21 6.81 -20.42
C SER D 21 -38.32 5.60 -20.16
N CYS D 22 -38.24 5.20 -18.90
CA CYS D 22 -37.42 4.07 -18.49
C CYS D 22 -38.03 3.48 -17.23
N ALA D 23 -38.45 2.22 -17.29
CA ALA D 23 -39.08 1.53 -16.18
C ALA D 23 -38.05 0.65 -15.49
N ALA D 24 -37.86 0.88 -14.19
CA ALA D 24 -36.90 0.12 -13.39
C ALA D 24 -37.63 -0.60 -12.27
N SER D 25 -37.35 -1.89 -12.12
CA SER D 25 -37.96 -2.71 -11.09
C SER D 25 -36.87 -3.35 -10.24
N GLY D 26 -36.98 -3.19 -8.93
CA GLY D 26 -36.00 -3.73 -8.01
C GLY D 26 -35.05 -2.73 -7.40
N LEU D 27 -35.26 -1.44 -7.61
CA LEU D 27 -34.38 -0.42 -7.06
C LEU D 27 -34.61 -0.26 -5.56
N VAL D 28 -33.53 0.07 -4.84
CA VAL D 28 -33.58 0.25 -3.40
C VAL D 28 -33.56 1.74 -3.08
N ASP D 29 -33.73 2.09 -1.81
CA ASP D 29 -33.80 3.49 -1.38
C ASP D 29 -32.47 4.23 -1.50
N SER D 30 -31.41 3.61 -2.01
CA SER D 30 -30.13 4.27 -2.16
C SER D 30 -29.60 4.23 -3.59
N ALA D 31 -30.46 3.96 -4.57
CA ALA D 31 -30.03 3.76 -5.95
C ALA D 31 -29.87 5.09 -6.68
N ASN D 32 -29.19 5.03 -7.82
CA ASN D 32 -28.98 6.17 -8.70
C ASN D 32 -29.32 5.75 -10.12
N VAL D 33 -29.93 6.65 -10.88
CA VAL D 33 -30.32 6.39 -12.26
C VAL D 33 -29.84 7.54 -13.14
N ALA D 34 -29.32 7.20 -14.32
CA ALA D 34 -28.73 8.18 -15.21
C ALA D 34 -29.11 7.87 -16.65
N TRP D 35 -29.02 8.90 -17.50
CA TRP D 35 -29.22 8.78 -18.93
C TRP D 35 -27.91 9.00 -19.67
N PHE D 36 -27.74 8.30 -20.77
CA PHE D 36 -26.57 8.42 -21.62
C PHE D 36 -27.00 8.60 -23.07
N ARG D 37 -26.04 8.88 -23.94
CA ARG D 37 -26.28 8.92 -25.37
C ARG D 37 -24.96 8.67 -26.10
N GLN D 38 -25.06 8.06 -27.29
CA GLN D 38 -23.88 7.70 -28.06
C GLN D 38 -24.13 8.06 -29.52
N ALA D 39 -23.49 9.14 -29.98
CA ALA D 39 -23.59 9.51 -31.38
C ALA D 39 -22.84 8.49 -32.24
N PRO D 40 -23.25 8.31 -33.49
CA PRO D 40 -22.58 7.33 -34.35
C PRO D 40 -21.12 7.69 -34.56
N GLY D 41 -20.24 6.75 -34.21
CA GLY D 41 -18.81 6.95 -34.30
C GLY D 41 -18.16 7.53 -33.07
N LYS D 42 -18.88 7.65 -31.96
CA LYS D 42 -18.36 8.22 -30.72
C LYS D 42 -18.70 7.31 -29.56
N GLU D 43 -18.18 7.69 -28.38
CA GLU D 43 -18.41 6.92 -27.15
C GLU D 43 -19.55 7.56 -26.36
N ARG D 44 -20.15 6.83 -25.41
CA ARG D 44 -21.26 7.32 -24.61
C ARG D 44 -20.82 8.49 -23.75
N GLU D 45 -21.70 9.47 -23.61
CA GLU D 45 -21.43 10.67 -22.83
C GLU D 45 -22.54 10.87 -21.80
N PHE D 46 -22.15 11.38 -20.63
CA PHE D 46 -23.11 11.64 -19.56
C PHE D 46 -24.11 12.69 -20.00
N VAL D 47 -25.38 12.47 -19.65
CA VAL D 47 -26.44 13.40 -20.01
C VAL D 47 -27.07 13.98 -18.74
N ALA D 48 -27.56 13.11 -17.86
CA ALA D 48 -28.21 13.56 -16.64
C ALA D 48 -28.23 12.42 -15.63
N ALA D 49 -28.56 12.76 -14.39
CA ALA D 49 -28.70 11.78 -13.32
C ALA D 49 -29.56 12.36 -12.21
N VAL D 50 -30.30 11.49 -11.53
CA VAL D 50 -31.20 11.91 -10.45
C VAL D 50 -31.11 10.89 -9.33
N LYS D 51 -31.38 11.34 -8.11
CA LYS D 51 -31.37 10.47 -6.95
C LYS D 51 -32.71 9.76 -6.79
N TRP D 52 -32.66 8.44 -6.60
CA TRP D 52 -33.88 7.65 -6.43
C TRP D 52 -34.64 8.02 -5.16
N ARG D 53 -33.95 8.53 -4.15
CA ARG D 53 -34.57 8.83 -2.86
C ARG D 53 -34.91 10.31 -2.68
N SER D 54 -33.91 11.18 -2.85
CA SER D 54 -34.12 12.61 -2.62
C SER D 54 -34.46 13.39 -3.87
N GLY D 55 -34.05 12.90 -5.05
CA GLY D 55 -34.36 13.59 -6.28
C GLY D 55 -33.43 14.72 -6.65
N SER D 56 -32.14 14.62 -6.29
CA SER D 56 -31.17 15.63 -6.67
C SER D 56 -30.69 15.37 -8.09
N THR D 57 -30.68 16.44 -8.91
CA THR D 57 -30.44 16.34 -10.33
C THR D 57 -29.04 16.83 -10.69
N ILE D 58 -28.35 16.06 -11.53
CA ILE D 58 -27.05 16.43 -12.08
C ILE D 58 -27.17 16.48 -13.59
N TYR D 59 -26.88 17.64 -14.20
CA TYR D 59 -26.98 17.79 -15.68
C TYR D 59 -25.62 18.11 -16.30
N ALA D 60 -25.26 17.51 -17.42
CA ALA D 60 -24.02 17.90 -18.12
C ALA D 60 -24.22 19.24 -18.84
N ASP D 61 -23.14 19.99 -19.11
CA ASP D 61 -23.23 21.38 -19.64
C ASP D 61 -23.88 21.51 -21.02
N SER D 62 -23.69 20.50 -21.86
CA SER D 62 -24.25 20.51 -23.24
C SER D 62 -25.76 20.40 -23.17
N VAL D 63 -26.31 19.85 -22.09
CA VAL D 63 -27.77 19.54 -22.02
C VAL D 63 -28.51 20.39 -21.01
N GLU D 64 -27.90 21.43 -20.47
CA GLU D 64 -28.51 22.14 -19.34
C GLU D 64 -29.46 23.18 -19.85
N GLY D 65 -30.39 23.59 -19.00
CA GLY D 65 -31.42 24.56 -19.43
C GLY D 65 -32.40 23.90 -20.37
N ARG D 66 -31.93 22.92 -21.16
CA ARG D 66 -32.86 22.36 -22.13
C ARG D 66 -33.45 21.03 -21.69
N PHE D 67 -32.62 20.10 -21.24
CA PHE D 67 -33.07 18.81 -20.75
C PHE D 67 -33.48 18.92 -19.28
N THR D 68 -34.18 17.90 -18.80
CA THR D 68 -34.52 17.79 -17.39
C THR D 68 -34.87 16.35 -17.09
N ILE D 69 -34.61 15.94 -15.85
CA ILE D 69 -34.81 14.57 -15.41
C ILE D 69 -35.68 14.58 -14.16
N SER D 70 -36.52 13.55 -14.04
CA SER D 70 -37.39 13.40 -12.88
C SER D 70 -37.76 11.93 -12.75
N ARG D 71 -38.18 11.55 -11.54
CA ARG D 71 -38.54 10.17 -11.25
C ARG D 71 -39.88 10.14 -10.52
N ASP D 72 -40.57 9.01 -10.66
CA ASP D 72 -41.83 8.78 -9.94
C ASP D 72 -41.76 7.35 -9.38
N ASN D 73 -41.42 7.23 -8.10
CA ASN D 73 -41.31 5.92 -7.48
C ASN D 73 -42.67 5.22 -7.34
N ALA D 74 -43.76 5.97 -7.40
CA ALA D 74 -45.09 5.35 -7.36
C ALA D 74 -45.32 4.49 -8.60
N LYS D 75 -44.93 4.98 -9.77
CA LYS D 75 -45.01 4.23 -11.00
C LYS D 75 -43.71 3.51 -11.34
N SER D 76 -42.65 3.71 -10.55
CA SER D 76 -41.34 3.05 -10.79
C SER D 76 -40.82 3.36 -12.19
N THR D 77 -40.93 4.62 -12.66
CA THR D 77 -40.40 5.03 -13.95
C THR D 77 -39.63 6.34 -13.79
N VAL D 78 -38.65 6.54 -14.68
CA VAL D 78 -37.87 7.77 -14.72
C VAL D 78 -37.98 8.35 -16.12
N TYR D 79 -38.18 9.67 -16.19
CA TYR D 79 -38.43 10.36 -17.45
C TYR D 79 -37.25 11.25 -17.83
N LEU D 80 -37.17 11.57 -19.12
CA LEU D 80 -36.21 12.53 -19.66
C LEU D 80 -36.95 13.43 -20.63
N GLN D 81 -37.16 14.69 -20.25
CA GLN D 81 -37.89 15.63 -21.08
C GLN D 81 -36.91 16.47 -21.89
N MET D 82 -37.15 16.56 -23.20
CA MET D 82 -36.25 17.22 -24.13
C MET D 82 -36.93 18.46 -24.70
N ASN D 83 -36.22 19.57 -24.71
CA ASN D 83 -36.73 20.82 -25.26
C ASN D 83 -35.70 21.44 -26.19
N SER D 84 -36.17 21.98 -27.32
CA SER D 84 -35.34 22.67 -28.30
C SER D 84 -34.20 21.78 -28.78
N LEU D 85 -34.59 20.66 -29.40
CA LEU D 85 -33.61 19.74 -29.94
C LEU D 85 -32.92 20.33 -31.17
N ARG D 86 -31.65 19.97 -31.35
CA ARG D 86 -30.83 20.40 -32.46
C ARG D 86 -30.22 19.18 -33.12
N PRO D 87 -29.86 19.27 -34.41
CA PRO D 87 -29.40 18.07 -35.14
C PRO D 87 -28.15 17.43 -34.56
N GLU D 88 -27.47 18.04 -33.60
CA GLU D 88 -26.33 17.42 -32.94
C GLU D 88 -26.73 16.49 -31.81
N ASP D 89 -28.03 16.39 -31.51
CA ASP D 89 -28.53 15.54 -30.43
C ASP D 89 -28.93 14.15 -30.91
N THR D 90 -28.81 13.87 -32.21
CA THR D 90 -29.20 12.56 -32.74
C THR D 90 -28.20 11.51 -32.29
N ALA D 91 -28.69 10.53 -31.53
CA ALA D 91 -27.84 9.47 -30.99
C ALA D 91 -28.74 8.34 -30.48
N VAL D 92 -28.12 7.37 -29.83
CA VAL D 92 -28.82 6.25 -29.20
C VAL D 92 -28.70 6.41 -27.70
N TYR D 93 -29.83 6.63 -27.02
CA TYR D 93 -29.83 6.90 -25.60
C TYR D 93 -29.94 5.61 -24.79
N TYR D 94 -29.42 5.65 -23.57
CA TYR D 94 -29.37 4.49 -22.70
C TYR D 94 -29.83 4.86 -21.29
N CYS D 95 -30.31 3.85 -20.57
CA CYS D 95 -30.75 3.99 -19.18
C CYS D 95 -29.83 3.14 -18.31
N ALA D 96 -29.24 3.76 -17.29
CA ALA D 96 -28.27 3.09 -16.43
C ALA D 96 -28.60 3.34 -14.98
N ALA D 97 -28.21 2.39 -14.12
CA ALA D 97 -28.49 2.49 -12.70
C ALA D 97 -27.51 1.66 -11.91
N ASN D 98 -27.32 2.04 -10.64
CA ASN D 98 -26.55 1.26 -9.68
C ASN D 98 -27.27 1.29 -8.33
N GLN D 99 -26.90 0.35 -7.47
CA GLN D 99 -27.61 0.18 -6.20
C GLN D 99 -27.19 1.18 -5.13
N TRP D 100 -25.90 1.45 -5.00
CA TRP D 100 -25.41 2.41 -4.00
C TRP D 100 -24.39 3.35 -4.64
N TYR D 101 -24.12 4.44 -3.94
CA TYR D 101 -23.19 5.47 -4.41
C TYR D 101 -21.81 4.91 -4.65
N SER D 102 -21.28 5.16 -5.85
CA SER D 102 -19.94 4.77 -6.28
C SER D 102 -19.08 6.03 -6.40
N GLY D 103 -17.87 5.86 -6.94
CA GLY D 103 -16.89 6.94 -6.88
C GLY D 103 -17.37 8.25 -7.46
N GLY D 104 -18.06 8.20 -8.61
CA GLY D 104 -18.51 9.42 -9.24
C GLY D 104 -19.82 9.24 -9.97
N TYR D 105 -20.39 10.37 -10.40
CA TYR D 105 -21.61 10.38 -11.18
C TYR D 105 -21.37 10.34 -12.68
N TYR D 106 -20.13 10.52 -13.13
CA TYR D 106 -19.82 10.55 -14.55
C TYR D 106 -19.04 9.30 -14.93
N GLY D 107 -19.41 8.71 -16.07
CA GLY D 107 -18.71 7.54 -16.57
C GLY D 107 -19.53 6.27 -16.50
N GLU D 108 -19.03 5.25 -17.18
CA GLU D 108 -19.71 3.96 -17.27
C GLU D 108 -19.31 2.98 -16.18
N LYS D 109 -18.16 3.17 -15.55
CA LYS D 109 -17.71 2.23 -14.52
C LYS D 109 -18.52 2.37 -13.23
N ASN D 110 -19.07 3.56 -12.99
CA ASN D 110 -19.82 3.77 -11.75
C ASN D 110 -21.18 3.08 -11.79
N TYR D 111 -21.79 2.99 -12.97
CA TYR D 111 -23.09 2.38 -13.12
C TYR D 111 -22.94 0.93 -13.57
N ASP D 112 -23.85 0.07 -13.09
CA ASP D 112 -23.72 -1.36 -13.23
C ASP D 112 -24.82 -1.98 -14.08
N TYR D 113 -26.06 -1.54 -13.92
CA TYR D 113 -27.16 -2.08 -14.70
C TYR D 113 -27.42 -1.22 -15.92
N TRP D 114 -27.45 -1.89 -17.09
CA TRP D 114 -27.53 -1.17 -18.39
C TRP D 114 -28.79 -1.48 -19.18
N GLY D 115 -29.54 -0.46 -19.63
CA GLY D 115 -30.72 -0.64 -20.51
C GLY D 115 -30.32 -0.97 -21.93
N GLN D 116 -31.20 -1.57 -22.73
CA GLN D 116 -30.88 -2.02 -24.13
C GLN D 116 -30.61 -0.87 -25.12
N GLY D 117 -31.33 0.24 -25.00
CA GLY D 117 -31.12 1.40 -25.88
C GLY D 117 -32.32 1.78 -26.71
N THR D 118 -32.38 3.01 -27.17
CA THR D 118 -33.48 3.53 -27.98
C THR D 118 -32.85 4.38 -29.09
N LEU D 119 -33.56 4.64 -30.18
CA LEU D 119 -33.03 5.43 -31.30
C LEU D 119 -33.79 6.75 -31.40
N VAL D 120 -33.05 7.85 -31.39
CA VAL D 120 -33.61 9.19 -31.55
C VAL D 120 -32.90 9.83 -32.74
N THR D 121 -33.69 10.30 -33.71
CA THR D 121 -33.17 10.93 -34.92
C THR D 121 -33.80 12.31 -35.08
N VAL D 122 -32.98 13.31 -35.35
CA VAL D 122 -33.43 14.67 -35.57
C VAL D 122 -33.09 15.07 -36.99
N SER D 123 -34.10 15.47 -37.75
CA SER D 123 -33.89 15.90 -39.13
C SER D 123 -35.05 16.80 -39.54
N SER D 124 -34.82 17.60 -40.57
CA SER D 124 -35.83 18.52 -41.08
C SER D 124 -36.71 17.84 -42.12
N ASP E 1 14.61 24.31 -18.50
CA ASP E 1 15.36 24.72 -17.32
C ASP E 1 15.26 26.23 -17.10
N VAL E 2 15.52 26.67 -15.87
CA VAL E 2 15.51 28.07 -15.53
C VAL E 2 16.88 28.46 -14.97
N GLN E 3 17.18 29.74 -15.02
CA GLN E 3 18.47 30.27 -14.58
C GLN E 3 18.25 31.16 -13.37
N LEU E 4 19.05 30.94 -12.32
CA LEU E 4 18.99 31.71 -11.09
C LEU E 4 20.37 32.29 -10.81
N VAL E 5 20.47 33.61 -10.76
CA VAL E 5 21.72 34.30 -10.46
C VAL E 5 21.47 35.30 -9.34
N GLU E 6 22.35 35.31 -8.36
CA GLU E 6 22.21 36.17 -7.19
C GLU E 6 23.27 37.27 -7.22
N SER E 7 22.86 38.47 -6.83
CA SER E 7 23.76 39.61 -6.81
C SER E 7 23.33 40.55 -5.69
N GLY E 8 24.28 41.36 -5.21
CA GLY E 8 24.02 42.33 -4.17
C GLY E 8 24.69 42.04 -2.84
N GLY E 9 25.58 41.05 -2.77
CA GLY E 9 26.26 40.73 -1.53
C GLY E 9 27.39 41.69 -1.24
N GLY E 10 27.91 41.59 -0.02
CA GLY E 10 29.00 42.44 0.41
C GLY E 10 29.10 42.46 1.92
N LEU E 11 29.85 43.44 2.42
CA LEU E 11 30.08 43.60 3.85
C LEU E 11 29.33 44.83 4.34
N VAL E 12 28.64 44.67 5.48
CA VAL E 12 27.81 45.74 6.03
C VAL E 12 27.99 45.74 7.54
N GLN E 13 28.02 46.95 8.11
CA GLN E 13 28.10 47.08 9.56
C GLN E 13 26.79 46.62 10.21
N PRO E 14 26.85 46.17 11.46
CA PRO E 14 25.61 45.68 12.11
C PRO E 14 24.70 46.83 12.53
N GLY E 15 23.53 46.91 11.91
CA GLY E 15 22.58 47.97 12.20
C GLY E 15 22.14 48.71 10.95
N GLY E 16 22.70 48.34 9.80
CA GLY E 16 22.38 49.00 8.56
C GLY E 16 21.30 48.30 7.77
N SER E 17 21.45 48.26 6.44
CA SER E 17 20.46 47.64 5.57
C SER E 17 21.16 47.06 4.35
N LEU E 18 20.49 46.13 3.70
CA LEU E 18 21.03 45.47 2.52
C LEU E 18 19.88 44.90 1.71
N ARG E 19 20.07 44.82 0.39
CA ARG E 19 19.08 44.28 -0.52
C ARG E 19 19.74 43.27 -1.44
N LEU E 20 19.11 42.11 -1.59
CA LEU E 20 19.57 41.07 -2.51
C LEU E 20 18.67 41.02 -3.73
N SER E 21 19.19 40.41 -4.79
CA SER E 21 18.46 40.28 -6.05
C SER E 21 18.67 38.90 -6.64
N CYS E 22 17.70 38.45 -7.41
CA CYS E 22 17.75 37.14 -8.05
C CYS E 22 16.92 37.19 -9.32
N ALA E 23 17.56 36.95 -10.46
CA ALA E 23 16.90 36.99 -11.76
C ALA E 23 16.57 35.57 -12.19
N ALA E 24 15.29 35.31 -12.46
CA ALA E 24 14.81 34.00 -12.88
C ALA E 24 14.15 34.12 -14.24
N SER E 25 14.53 33.24 -15.16
CA SER E 25 13.99 33.22 -16.51
C SER E 25 13.40 31.85 -16.81
N GLY E 26 12.15 31.83 -17.26
CA GLY E 26 11.47 30.59 -17.56
C GLY E 26 10.43 30.15 -16.54
N LEU E 27 10.10 30.99 -15.58
CA LEU E 27 9.10 30.64 -14.58
C LEU E 27 7.70 30.67 -15.18
N VAL E 28 6.83 29.79 -14.67
CA VAL E 28 5.45 29.70 -15.14
C VAL E 28 4.55 30.35 -14.10
N ASP E 29 3.25 30.46 -14.41
CA ASP E 29 2.29 31.13 -13.55
C ASP E 29 1.95 30.33 -12.30
N SER E 30 2.64 29.22 -12.05
CA SER E 30 2.40 28.40 -10.86
C SER E 30 3.66 28.18 -10.03
N ALA E 31 4.71 28.97 -10.25
CA ALA E 31 5.99 28.71 -9.63
C ALA E 31 6.08 29.37 -8.25
N ASN E 32 7.04 28.89 -7.46
CA ASN E 32 7.33 29.40 -6.13
C ASN E 32 8.83 29.65 -6.03
N VAL E 33 9.20 30.76 -5.39
CA VAL E 33 10.60 31.15 -5.24
C VAL E 33 10.87 31.44 -3.76
N ALA E 34 12.03 30.99 -3.29
CA ALA E 34 12.37 31.09 -1.87
C ALA E 34 13.84 31.51 -1.72
N TRP E 35 14.15 32.06 -0.56
CA TRP E 35 15.51 32.42 -0.17
C TRP E 35 15.98 31.50 0.95
N PHE E 36 17.27 31.18 0.92
CA PHE E 36 17.90 30.34 1.93
C PHE E 36 19.16 31.02 2.44
N ARG E 37 19.76 30.44 3.48
CA ARG E 37 21.05 30.90 3.97
C ARG E 37 21.71 29.75 4.72
N GLN E 38 23.04 29.72 4.68
CA GLN E 38 23.81 28.66 5.31
C GLN E 38 24.98 29.30 6.07
N ALA E 39 24.86 29.34 7.40
CA ALA E 39 25.96 29.79 8.22
C ALA E 39 27.11 28.77 8.16
N PRO E 40 28.34 29.22 8.33
CA PRO E 40 29.48 28.28 8.28
C PRO E 40 29.36 27.22 9.36
N GLY E 41 29.51 25.96 8.96
CA GLY E 41 29.38 24.85 9.86
C GLY E 41 27.96 24.37 10.09
N LYS E 42 26.98 24.92 9.37
CA LYS E 42 25.58 24.55 9.55
C LYS E 42 24.96 24.25 8.19
N GLU E 43 23.70 23.79 8.24
CA GLU E 43 22.95 23.45 7.01
C GLU E 43 22.07 24.62 6.62
N ARG E 44 21.58 24.65 5.38
CA ARG E 44 20.72 25.71 4.90
C ARG E 44 19.39 25.72 5.64
N GLU E 45 18.90 26.92 5.94
CA GLU E 45 17.66 27.10 6.67
C GLU E 45 16.71 28.01 5.89
N PHE E 46 15.42 27.74 6.02
CA PHE E 46 14.42 28.54 5.34
C PHE E 46 14.45 29.98 5.83
N VAL E 47 14.33 30.92 4.90
CA VAL E 47 14.35 32.34 5.24
C VAL E 47 13.02 32.97 4.87
N ALA E 48 12.63 32.86 3.61
CA ALA E 48 11.38 33.44 3.13
C ALA E 48 10.98 32.75 1.84
N ALA E 49 9.74 33.00 1.42
CA ALA E 49 9.21 32.46 0.17
C ALA E 49 8.03 33.29 -0.27
N VAL E 50 7.93 33.49 -1.59
CA VAL E 50 6.82 34.22 -2.20
C VAL E 50 6.34 33.45 -3.42
N LYS E 51 5.07 33.65 -3.77
CA LYS E 51 4.47 32.95 -4.90
C LYS E 51 4.53 33.82 -6.14
N TRP E 52 4.95 33.21 -7.27
CA TRP E 52 5.16 33.96 -8.49
C TRP E 52 3.87 34.54 -9.06
N ARG E 53 2.71 33.96 -8.74
CA ARG E 53 1.44 34.39 -9.31
C ARG E 53 0.73 35.41 -8.42
N SER E 54 0.42 35.03 -7.18
CA SER E 54 -0.36 35.89 -6.31
C SER E 54 0.49 36.74 -5.37
N GLY E 55 1.71 36.31 -5.06
CA GLY E 55 2.56 37.08 -4.19
C GLY E 55 2.33 36.86 -2.71
N SER E 56 1.92 35.66 -2.32
CA SER E 56 1.76 35.36 -0.90
C SER E 56 3.13 35.11 -0.26
N THR E 57 3.34 35.70 0.91
CA THR E 57 4.65 35.72 1.55
C THR E 57 4.66 34.79 2.76
N ILE E 58 5.71 33.99 2.86
CA ILE E 58 5.93 33.10 4.01
C ILE E 58 7.29 33.46 4.60
N TYR E 59 7.30 34.01 5.82
CA TYR E 59 8.58 34.39 6.46
C TYR E 59 8.85 33.59 7.73
N ALA E 60 10.06 33.06 7.88
CA ALA E 60 10.45 32.29 9.08
C ALA E 60 10.56 33.17 10.33
N ASP E 61 10.37 32.62 11.53
CA ASP E 61 10.32 33.39 12.81
C ASP E 61 11.62 34.11 13.13
N SER E 62 12.73 33.47 12.82
CA SER E 62 14.05 34.05 13.14
C SER E 62 14.18 35.40 12.46
N VAL E 63 13.61 35.56 11.26
CA VAL E 63 13.82 36.80 10.44
C VAL E 63 12.49 37.41 10.03
N GLU E 64 11.70 37.93 10.97
CA GLU E 64 10.33 38.41 10.65
C GLU E 64 10.10 39.80 11.21
N GLY E 65 9.49 40.69 10.43
CA GLY E 65 9.34 42.11 10.84
C GLY E 65 10.61 42.85 10.49
N ARG E 66 11.59 42.12 9.97
CA ARG E 66 12.92 42.67 9.62
C ARG E 66 13.18 42.34 8.15
N PHE E 67 13.03 41.07 7.72
CA PHE E 67 13.17 40.76 6.31
C PHE E 67 11.84 40.92 5.59
N THR E 68 11.91 40.99 4.26
CA THR E 68 10.72 41.00 3.43
C THR E 68 11.09 40.57 2.03
N ILE E 69 10.15 39.91 1.36
CA ILE E 69 10.37 39.35 0.02
C ILE E 69 9.30 39.88 -0.92
N SER E 70 9.69 40.14 -2.16
CA SER E 70 8.77 40.61 -3.18
C SER E 70 9.32 40.23 -4.54
N ARG E 71 8.43 40.19 -5.54
CA ARG E 71 8.79 39.83 -6.90
C ARG E 71 8.24 40.86 -7.86
N ASP E 72 8.89 40.96 -9.01
CA ASP E 72 8.44 41.83 -10.10
C ASP E 72 8.53 41.03 -11.40
N ASN E 73 7.39 40.49 -11.83
CA ASN E 73 7.37 39.68 -13.04
C ASN E 73 7.64 40.49 -14.30
N ALA E 74 7.43 41.81 -14.25
CA ALA E 74 7.78 42.64 -15.40
C ALA E 74 9.28 42.63 -15.65
N LYS E 75 10.09 42.73 -14.60
CA LYS E 75 11.53 42.63 -14.69
C LYS E 75 12.04 41.21 -14.46
N SER E 76 11.18 40.26 -14.21
CA SER E 76 11.61 38.87 -13.92
C SER E 76 12.70 38.82 -12.84
N THR E 77 12.52 39.54 -11.72
CA THR E 77 13.46 39.47 -10.61
C THR E 77 12.71 39.41 -9.30
N VAL E 78 13.34 38.76 -8.30
CA VAL E 78 12.81 38.66 -6.95
C VAL E 78 13.82 39.25 -5.99
N TYR E 79 13.35 40.07 -5.06
CA TYR E 79 14.21 40.81 -4.15
C TYR E 79 14.08 40.30 -2.73
N LEU E 80 15.09 40.60 -1.91
CA LEU E 80 15.10 40.31 -0.48
C LEU E 80 15.65 41.54 0.24
N GLN E 81 14.78 42.28 0.92
CA GLN E 81 15.18 43.49 1.62
C GLN E 81 15.47 43.17 3.07
N MET E 82 16.63 43.62 3.56
CA MET E 82 17.11 43.30 4.89
C MET E 82 17.17 44.58 5.72
N ASN E 83 16.65 44.50 6.95
CA ASN E 83 16.68 45.63 7.87
C ASN E 83 17.16 45.18 9.23
N SER E 84 17.98 46.02 9.87
CA SER E 84 18.50 45.77 11.22
C SER E 84 19.24 44.43 11.30
N LEU E 85 20.29 44.33 10.50
CA LEU E 85 21.11 43.13 10.50
C LEU E 85 21.90 42.99 11.79
N ARG E 86 22.11 41.75 12.21
CA ARG E 86 22.87 41.42 13.40
C ARG E 86 23.95 40.39 13.05
N PRO E 87 25.04 40.36 13.81
CA PRO E 87 26.18 39.49 13.43
C PRO E 87 25.86 38.01 13.33
N GLU E 88 24.67 37.58 13.73
CA GLU E 88 24.27 36.18 13.55
C GLU E 88 23.67 35.91 12.19
N ASP E 89 23.54 36.94 11.34
CA ASP E 89 22.98 36.79 10.00
C ASP E 89 24.04 36.53 8.94
N THR E 90 25.31 36.51 9.32
CA THR E 90 26.38 36.28 8.35
C THR E 90 26.33 34.84 7.85
N ALA E 91 26.09 34.67 6.55
CA ALA E 91 25.97 33.36 5.94
C ALA E 91 26.07 33.50 4.43
N VAL E 92 25.85 32.40 3.73
CA VAL E 92 25.83 32.37 2.27
C VAL E 92 24.39 32.11 1.83
N TYR E 93 23.80 33.06 1.13
CA TYR E 93 22.39 32.98 0.76
C TYR E 93 22.23 32.34 -0.61
N TYR E 94 21.06 31.73 -0.82
CA TYR E 94 20.77 30.99 -2.03
C TYR E 94 19.37 31.33 -2.53
N CYS E 95 19.18 31.19 -3.84
CA CYS E 95 17.91 31.43 -4.50
C CYS E 95 17.41 30.11 -5.06
N ALA E 96 16.19 29.73 -4.69
CA ALA E 96 15.60 28.46 -5.07
C ALA E 96 14.21 28.66 -5.64
N ALA E 97 13.82 27.74 -6.52
CA ALA E 97 12.51 27.82 -7.16
C ALA E 97 12.07 26.43 -7.61
N ASN E 98 10.76 26.28 -7.77
CA ASN E 98 10.16 25.08 -8.34
C ASN E 98 9.01 25.48 -9.25
N GLN E 99 8.61 24.55 -10.12
CA GLN E 99 7.62 24.87 -11.13
C GLN E 99 6.20 24.86 -10.57
N TRP E 100 5.83 23.82 -9.84
CA TRP E 100 4.50 23.71 -9.25
C TRP E 100 4.58 23.40 -7.76
N TYR E 101 3.43 23.53 -7.10
CA TYR E 101 3.33 23.35 -5.66
C TYR E 101 3.71 21.93 -5.25
N SER E 102 4.51 21.82 -4.20
CA SER E 102 5.07 20.58 -3.68
C SER E 102 4.57 20.34 -2.26
N GLY E 103 5.17 19.37 -1.58
CA GLY E 103 4.67 18.96 -0.27
C GLY E 103 4.59 20.08 0.74
N GLY E 104 5.60 20.97 0.75
CA GLY E 104 5.59 22.09 1.67
C GLY E 104 6.47 23.22 1.20
N TYR E 105 6.37 24.34 1.90
CA TYR E 105 7.17 25.51 1.62
C TYR E 105 8.52 25.49 2.31
N TYR E 106 8.78 24.52 3.18
CA TYR E 106 10.02 24.43 3.93
C TYR E 106 10.81 23.23 3.42
N GLY E 107 12.13 23.31 3.57
CA GLY E 107 13.01 22.22 3.20
C GLY E 107 13.64 22.39 1.84
N GLU E 108 14.59 21.51 1.54
CA GLU E 108 15.34 21.57 0.31
C GLU E 108 14.81 20.64 -0.78
N LYS E 109 14.17 19.53 -0.39
CA LYS E 109 13.63 18.60 -1.38
C LYS E 109 12.40 19.17 -2.08
N ASN E 110 11.76 20.20 -1.50
CA ASN E 110 10.58 20.78 -2.11
C ASN E 110 10.93 21.63 -3.31
N TYR E 111 12.12 22.24 -3.31
CA TYR E 111 12.57 23.10 -4.39
C TYR E 111 13.57 22.36 -5.25
N ASP E 112 13.53 22.62 -6.56
CA ASP E 112 14.25 21.83 -7.54
C ASP E 112 15.37 22.62 -8.21
N TYR E 113 15.17 23.89 -8.49
CA TYR E 113 16.17 24.71 -9.16
C TYR E 113 16.92 25.55 -8.13
N TRP E 114 18.24 25.42 -8.13
CA TRP E 114 19.10 26.03 -7.12
C TRP E 114 20.07 27.00 -7.77
N GLY E 115 20.28 28.15 -7.09
CA GLY E 115 21.23 29.20 -7.54
C GLY E 115 22.62 29.04 -6.96
N GLN E 116 23.65 29.64 -7.57
CA GLN E 116 25.08 29.44 -7.15
C GLN E 116 25.41 29.97 -5.75
N GLY E 117 24.92 31.13 -5.35
CA GLY E 117 25.15 31.61 -3.97
C GLY E 117 25.82 32.96 -3.87
N THR E 118 25.52 33.72 -2.82
CA THR E 118 26.22 34.99 -2.63
C THR E 118 26.69 35.06 -1.19
N LEU E 119 27.73 35.86 -0.96
CA LEU E 119 28.36 35.96 0.35
C LEU E 119 27.96 37.27 1.03
N VAL E 120 27.42 37.16 2.24
CA VAL E 120 27.05 38.30 3.06
C VAL E 120 27.80 38.19 4.38
N THR E 121 28.53 39.26 4.74
CA THR E 121 29.32 39.29 5.97
C THR E 121 28.92 40.52 6.77
N VAL E 122 28.69 40.31 8.07
CA VAL E 122 28.33 41.40 8.98
C VAL E 122 29.42 41.49 10.03
N SER E 123 29.99 42.69 10.18
CA SER E 123 31.03 42.91 11.17
C SER E 123 31.09 44.41 11.49
N SER E 124 31.68 44.73 12.63
CA SER E 124 31.80 46.11 13.07
C SER E 124 33.09 46.74 12.57
N ASP F 1 5.19 1.94 33.38
CA ASP F 1 3.92 1.25 33.60
C ASP F 1 3.08 2.00 34.64
N VAL F 2 1.76 1.86 34.54
CA VAL F 2 0.83 2.47 35.47
C VAL F 2 0.07 1.38 36.19
N GLN F 3 -0.48 1.74 37.36
CA GLN F 3 -1.19 0.80 38.21
C GLN F 3 -2.65 1.23 38.33
N LEU F 4 -3.56 0.28 38.15
CA LEU F 4 -4.99 0.52 38.24
C LEU F 4 -5.59 -0.44 39.26
N VAL F 5 -6.20 0.10 40.31
CA VAL F 5 -6.84 -0.69 41.35
C VAL F 5 -8.25 -0.16 41.55
N GLU F 6 -9.21 -1.06 41.61
CA GLU F 6 -10.62 -0.72 41.74
C GLU F 6 -11.14 -1.10 43.12
N SER F 7 -11.97 -0.22 43.70
CA SER F 7 -12.55 -0.47 45.00
C SER F 7 -13.92 0.18 45.06
N GLY F 8 -14.75 -0.33 45.96
CA GLY F 8 -16.09 0.19 46.15
C GLY F 8 -17.23 -0.72 45.72
N GLY F 9 -16.94 -1.97 45.34
CA GLY F 9 -17.97 -2.89 44.93
C GLY F 9 -18.71 -3.49 46.11
N GLY F 10 -19.82 -4.15 45.80
CA GLY F 10 -20.63 -4.77 46.82
C GLY F 10 -22.02 -5.09 46.28
N LEU F 11 -22.93 -5.38 47.21
CA LEU F 11 -24.31 -5.72 46.89
C LEU F 11 -25.22 -4.57 47.27
N VAL F 12 -26.13 -4.22 46.37
CA VAL F 12 -27.02 -3.09 46.56
C VAL F 12 -28.41 -3.46 46.03
N GLN F 13 -29.44 -3.01 46.73
CA GLN F 13 -30.80 -3.23 46.29
C GLN F 13 -31.08 -2.42 45.02
N PRO F 14 -32.01 -2.87 44.17
CA PRO F 14 -32.29 -2.13 42.93
C PRO F 14 -33.10 -0.87 43.17
N GLY F 15 -32.49 0.28 42.89
CA GLY F 15 -33.14 1.56 43.11
C GLY F 15 -32.31 2.50 43.97
N GLY F 16 -31.14 2.02 44.42
CA GLY F 16 -30.28 2.81 45.27
C GLY F 16 -29.19 3.54 44.51
N SER F 17 -28.00 3.60 45.10
CA SER F 17 -26.88 4.29 44.48
C SER F 17 -25.58 3.60 44.88
N LEU F 18 -24.53 3.84 44.10
CA LEU F 18 -23.23 3.24 44.34
C LEU F 18 -22.18 4.10 43.66
N ARG F 19 -20.96 4.09 44.21
CA ARG F 19 -19.84 4.83 43.66
C ARG F 19 -18.62 3.93 43.60
N LEU F 20 -17.95 3.91 42.46
CA LEU F 20 -16.72 3.16 42.27
C LEU F 20 -15.53 4.11 42.29
N SER F 21 -14.34 3.54 42.48
CA SER F 21 -13.11 4.31 42.53
C SER F 21 -12.00 3.56 41.83
N CYS F 22 -11.03 4.30 41.31
CA CYS F 22 -9.90 3.72 40.59
C CYS F 22 -8.72 4.66 40.72
N ALA F 23 -7.63 4.17 41.33
CA ALA F 23 -6.44 4.97 41.55
C ALA F 23 -5.41 4.65 40.47
N ALA F 24 -4.97 5.66 39.73
CA ALA F 24 -4.01 5.50 38.65
C ALA F 24 -2.78 6.33 38.96
N SER F 25 -1.61 5.70 38.88
CA SER F 25 -0.33 6.36 39.14
C SER F 25 0.55 6.25 37.91
N GLY F 26 1.08 7.38 37.45
CA GLY F 26 1.94 7.42 36.29
C GLY F 26 1.30 7.95 35.03
N LEU F 27 0.11 8.52 35.10
CA LEU F 27 -0.57 9.05 33.92
C LEU F 27 0.05 10.37 33.50
N VAL F 28 0.05 10.61 32.19
CA VAL F 28 0.60 11.83 31.62
C VAL F 28 -0.53 12.76 31.22
N ASP F 29 -0.19 13.98 30.82
CA ASP F 29 -1.20 15.00 30.48
C ASP F 29 -1.99 14.68 29.22
N SER F 30 -1.76 13.55 28.56
CA SER F 30 -2.49 13.20 27.34
C SER F 30 -3.21 11.86 27.47
N ALA F 31 -3.42 11.36 28.68
CA ALA F 31 -3.96 10.03 28.88
C ALA F 31 -5.49 10.04 28.85
N ASN F 32 -6.06 8.84 28.68
CA ASN F 32 -7.50 8.64 28.68
C ASN F 32 -7.82 7.47 29.61
N VAL F 33 -8.90 7.60 30.38
CA VAL F 33 -9.33 6.56 31.31
C VAL F 33 -10.80 6.25 31.06
N ALA F 34 -11.13 4.96 31.10
CA ALA F 34 -12.47 4.50 30.78
C ALA F 34 -12.89 3.41 31.76
N TRP F 35 -14.21 3.24 31.88
CA TRP F 35 -14.82 2.19 32.67
C TRP F 35 -15.49 1.17 31.76
N PHE F 36 -15.42 -0.10 32.16
CA PHE F 36 -16.02 -1.20 31.42
C PHE F 36 -16.87 -2.04 32.37
N ARG F 37 -17.60 -2.99 31.79
CA ARG F 37 -18.32 -3.98 32.58
C ARG F 37 -18.57 -5.21 31.73
N GLN F 38 -18.63 -6.37 32.38
CA GLN F 38 -18.79 -7.64 31.68
C GLN F 38 -19.81 -8.48 32.44
N ALA F 39 -21.02 -8.58 31.89
CA ALA F 39 -22.03 -9.44 32.47
C ALA F 39 -21.63 -10.90 32.28
N PRO F 40 -22.08 -11.79 33.17
CA PRO F 40 -21.72 -13.21 33.04
C PRO F 40 -22.24 -13.79 31.73
N GLY F 41 -21.34 -14.44 30.99
CA GLY F 41 -21.68 -15.00 29.70
C GLY F 41 -21.61 -14.04 28.54
N LYS F 42 -21.14 -12.81 28.75
CA LYS F 42 -21.07 -11.81 27.71
C LYS F 42 -19.67 -11.20 27.68
N GLU F 43 -19.47 -10.34 26.70
CA GLU F 43 -18.15 -9.68 26.53
C GLU F 43 -18.21 -8.27 27.13
N ARG F 44 -17.06 -7.64 27.33
CA ARG F 44 -16.98 -6.31 27.90
C ARG F 44 -17.65 -5.27 26.99
N GLU F 45 -18.30 -4.30 27.61
CA GLU F 45 -18.99 -3.24 26.89
C GLU F 45 -18.55 -1.88 27.43
N PHE F 46 -18.45 -0.91 26.53
CA PHE F 46 -18.06 0.44 26.93
C PHE F 46 -19.11 1.04 27.86
N VAL F 47 -18.65 1.74 28.89
CA VAL F 47 -19.56 2.36 29.84
C VAL F 47 -19.37 3.88 29.82
N ALA F 48 -18.15 4.34 30.02
CA ALA F 48 -17.87 5.77 30.07
C ALA F 48 -16.38 5.99 29.85
N ALA F 49 -16.03 7.26 29.58
CA ALA F 49 -14.64 7.67 29.41
C ALA F 49 -14.54 9.16 29.69
N VAL F 50 -13.38 9.59 30.17
CA VAL F 50 -13.12 10.99 30.49
C VAL F 50 -11.69 11.33 30.13
N LYS F 51 -11.47 12.58 29.74
CA LYS F 51 -10.14 13.08 29.40
C LYS F 51 -9.38 13.43 30.67
N TRP F 52 -8.15 12.90 30.78
CA TRP F 52 -7.33 13.14 31.97
C TRP F 52 -6.91 14.61 32.09
N ARG F 53 -6.88 15.35 30.98
CA ARG F 53 -6.45 16.74 30.98
C ARG F 53 -7.60 17.73 30.97
N SER F 54 -8.51 17.61 30.00
CA SER F 54 -9.61 18.55 29.85
C SER F 54 -10.88 18.11 30.55
N GLY F 55 -11.08 16.82 30.75
CA GLY F 55 -12.28 16.34 31.43
C GLY F 55 -13.51 16.22 30.56
N SER F 56 -13.34 15.89 29.29
CA SER F 56 -14.48 15.68 28.40
C SER F 56 -15.01 14.25 28.59
N THR F 57 -16.32 14.13 28.72
CA THR F 57 -16.96 12.87 29.10
C THR F 57 -17.67 12.25 27.90
N ILE F 58 -17.48 10.94 27.74
CA ILE F 58 -18.17 10.15 26.72
C ILE F 58 -18.96 9.07 27.44
N TYR F 59 -20.30 9.12 27.34
CA TYR F 59 -21.17 8.14 28.04
C TYR F 59 -21.82 7.23 27.01
N ALA F 60 -21.85 5.92 27.25
CA ALA F 60 -22.57 4.97 26.37
C ALA F 60 -24.08 5.16 26.52
N ASP F 61 -24.89 4.83 25.51
CA ASP F 61 -26.35 5.13 25.50
C ASP F 61 -27.10 4.47 26.64
N SER F 62 -26.72 3.24 26.97
CA SER F 62 -27.41 2.47 28.02
C SER F 62 -27.31 3.18 29.37
N VAL F 63 -26.21 3.90 29.64
CA VAL F 63 -25.94 4.48 31.00
C VAL F 63 -26.19 5.98 31.15
N GLU F 64 -26.69 6.69 30.16
CA GLU F 64 -26.73 8.18 30.22
C GLU F 64 -27.79 8.74 31.17
N GLY F 65 -27.46 9.81 31.89
CA GLY F 65 -28.41 10.48 32.81
C GLY F 65 -28.48 9.73 34.11
N ARG F 66 -27.82 8.58 34.18
CA ARG F 66 -27.85 7.69 35.36
C ARG F 66 -26.41 7.49 35.83
N PHE F 67 -25.46 7.27 34.90
CA PHE F 67 -24.07 7.21 35.32
C PHE F 67 -23.40 8.56 35.07
N THR F 68 -22.22 8.73 35.67
CA THR F 68 -21.39 9.90 35.42
C THR F 68 -19.96 9.57 35.83
N ILE F 69 -19.01 10.20 35.14
CA ILE F 69 -17.59 9.95 35.35
C ILE F 69 -16.89 11.28 35.61
N SER F 70 -15.90 11.25 36.49
CA SER F 70 -15.11 12.43 36.80
C SER F 70 -13.76 11.98 37.34
N ARG F 71 -12.79 12.88 37.26
CA ARG F 71 -11.43 12.61 37.71
C ARG F 71 -10.96 13.73 38.62
N ASP F 72 -10.01 13.41 39.49
CA ASP F 72 -9.37 14.38 40.36
C ASP F 72 -7.86 14.12 40.32
N ASN F 73 -7.15 14.90 39.52
CA ASN F 73 -5.71 14.71 39.38
C ASN F 73 -4.94 15.06 40.66
N ALA F 74 -5.55 15.86 41.54
CA ALA F 74 -4.90 16.14 42.82
C ALA F 74 -4.74 14.88 43.65
N LYS F 75 -5.79 14.04 43.69
CA LYS F 75 -5.73 12.75 44.37
C LYS F 75 -5.38 11.61 43.43
N SER F 76 -5.30 11.83 42.13
CA SER F 76 -4.88 10.75 41.20
C SER F 76 -5.90 9.61 41.24
N THR F 77 -7.20 9.94 41.32
CA THR F 77 -8.25 8.92 41.29
C THR F 77 -9.34 9.34 40.33
N VAL F 78 -10.04 8.34 39.78
CA VAL F 78 -11.18 8.54 38.90
C VAL F 78 -12.38 7.80 39.46
N TYR F 79 -13.54 8.45 39.45
CA TYR F 79 -14.74 7.93 40.08
C TYR F 79 -15.79 7.56 39.03
N LEU F 80 -16.74 6.73 39.45
CA LEU F 80 -17.90 6.36 38.64
C LEU F 80 -19.12 6.35 39.56
N GLN F 81 -19.96 7.37 39.45
CA GLN F 81 -21.15 7.49 40.29
C GLN F 81 -22.34 6.84 39.59
N MET F 82 -23.03 5.97 40.32
CA MET F 82 -24.14 5.19 39.77
C MET F 82 -25.45 5.62 40.43
N ASN F 83 -26.47 5.84 39.62
CA ASN F 83 -27.79 6.24 40.11
C ASN F 83 -28.86 5.37 39.46
N SER F 84 -29.84 4.96 40.26
CA SER F 84 -30.99 4.19 39.80
C SER F 84 -30.54 2.89 39.11
N LEU F 85 -29.86 2.05 39.88
CA LEU F 85 -29.40 0.76 39.37
C LEU F 85 -30.58 -0.17 39.12
N ARG F 86 -30.44 -1.01 38.11
CA ARG F 86 -31.44 -2.00 37.73
C ARG F 86 -30.77 -3.37 37.65
N PRO F 87 -31.54 -4.45 37.83
CA PRO F 87 -30.94 -5.79 37.90
C PRO F 87 -30.18 -6.21 36.63
N GLU F 88 -30.23 -5.43 35.56
CA GLU F 88 -29.45 -5.73 34.36
C GLU F 88 -28.06 -5.13 34.42
N ASP F 89 -27.72 -4.40 35.49
CA ASP F 89 -26.42 -3.78 35.65
C ASP F 89 -25.43 -4.65 36.41
N THR F 90 -25.85 -5.84 36.84
CA THR F 90 -24.97 -6.74 37.59
C THR F 90 -23.89 -7.29 36.68
N ALA F 91 -22.64 -6.96 36.96
CA ALA F 91 -21.51 -7.38 36.14
C ALA F 91 -20.23 -7.16 36.93
N VAL F 92 -19.10 -7.37 36.26
CA VAL F 92 -17.77 -7.12 36.82
C VAL F 92 -17.17 -5.94 36.07
N TYR F 93 -16.92 -4.85 36.79
CA TYR F 93 -16.46 -3.61 36.18
C TYR F 93 -14.93 -3.57 36.16
N TYR F 94 -14.40 -2.86 35.15
CA TYR F 94 -12.96 -2.77 34.95
C TYR F 94 -12.55 -1.33 34.72
N CYS F 95 -11.30 -1.03 35.07
CA CYS F 95 -10.70 0.29 34.88
C CYS F 95 -9.59 0.17 33.83
N ALA F 96 -9.67 0.99 32.79
CA ALA F 96 -8.73 0.91 31.69
C ALA F 96 -8.18 2.30 31.37
N ALA F 97 -6.97 2.34 30.83
CA ALA F 97 -6.32 3.60 30.50
C ALA F 97 -5.30 3.38 29.39
N ASN F 98 -4.98 4.47 28.70
CA ASN F 98 -3.93 4.48 27.68
C ASN F 98 -3.20 5.82 27.75
N GLN F 99 -1.99 5.85 27.19
CA GLN F 99 -1.14 7.03 27.35
C GLN F 99 -1.53 8.17 26.42
N TRP F 100 -1.80 7.88 25.15
CA TRP F 100 -2.15 8.91 24.19
C TRP F 100 -3.39 8.49 23.40
N TYR F 101 -3.93 9.45 22.64
CA TYR F 101 -5.13 9.22 21.84
C TYR F 101 -4.89 8.13 20.80
N SER F 102 -5.92 7.32 20.58
CA SER F 102 -5.87 6.17 19.68
C SER F 102 -6.99 6.29 18.65
N GLY F 103 -7.24 5.18 17.94
CA GLY F 103 -8.22 5.20 16.88
C GLY F 103 -9.60 5.64 17.33
N GLY F 104 -10.05 5.12 18.47
CA GLY F 104 -11.38 5.45 18.95
C GLY F 104 -11.49 5.28 20.45
N TYR F 105 -12.63 5.74 20.98
CA TYR F 105 -12.92 5.66 22.41
C TYR F 105 -13.64 4.38 22.80
N TYR F 106 -14.10 3.58 21.83
CA TYR F 106 -14.85 2.36 22.12
C TYR F 106 -14.00 1.15 21.77
N GLY F 107 -14.05 0.14 22.64
CA GLY F 107 -13.35 -1.10 22.40
C GLY F 107 -12.17 -1.33 23.33
N GLU F 108 -11.62 -2.53 23.24
CA GLU F 108 -10.52 -2.95 24.10
C GLU F 108 -9.15 -2.75 23.46
N LYS F 109 -9.08 -2.68 22.13
CA LYS F 109 -7.78 -2.52 21.48
C LYS F 109 -7.22 -1.12 21.68
N ASN F 110 -8.07 -0.12 21.86
CA ASN F 110 -7.59 1.25 22.02
C ASN F 110 -6.92 1.45 23.36
N TYR F 111 -7.41 0.78 24.40
CA TYR F 111 -6.87 0.93 25.74
C TYR F 111 -5.84 -0.16 26.02
N ASP F 112 -4.81 0.20 26.76
CA ASP F 112 -3.62 -0.65 26.92
C ASP F 112 -3.44 -1.16 28.35
N TYR F 113 -3.64 -0.30 29.34
CA TYR F 113 -3.47 -0.71 30.74
C TYR F 113 -4.82 -1.13 31.32
N TRP F 114 -4.84 -2.33 31.94
CA TRP F 114 -6.09 -2.97 32.43
C TRP F 114 -6.10 -3.23 33.94
N GLY F 115 -7.11 -2.76 34.68
CA GLY F 115 -7.24 -3.01 36.13
C GLY F 115 -7.72 -4.41 36.46
N GLN F 116 -7.55 -4.89 37.70
CA GLN F 116 -7.88 -6.31 38.09
C GLN F 116 -9.37 -6.67 38.07
N GLY F 117 -10.25 -5.79 38.54
CA GLY F 117 -11.70 -6.07 38.48
C GLY F 117 -12.39 -5.88 39.81
N THR F 118 -13.68 -5.61 39.78
CA THR F 118 -14.49 -5.44 41.00
C THR F 118 -15.83 -6.12 40.72
N LEU F 119 -16.51 -6.64 41.73
CA LEU F 119 -17.79 -7.33 41.59
C LEU F 119 -18.92 -6.45 42.10
N VAL F 120 -19.92 -6.22 41.26
CA VAL F 120 -21.11 -5.48 41.62
C VAL F 120 -22.31 -6.37 41.38
N THR F 121 -23.14 -6.56 42.40
CA THR F 121 -24.31 -7.41 42.33
C THR F 121 -25.54 -6.60 42.75
N VAL F 122 -26.61 -6.70 41.96
CA VAL F 122 -27.87 -6.02 42.23
C VAL F 122 -28.94 -7.08 42.43
N SER F 123 -29.62 -7.03 43.57
CA SER F 123 -30.68 -7.98 43.87
C SER F 123 -31.59 -7.38 44.92
N SER F 124 -32.80 -7.92 45.00
CA SER F 124 -33.80 -7.44 45.97
C SER F 124 -33.69 -8.18 47.28
C1 NAG G . -16.68 -42.80 -13.78
C2 NAG G . -16.65 -42.59 -15.30
C3 NAG G . -16.52 -43.94 -16.02
C4 NAG G . -15.32 -44.70 -15.49
C5 NAG G . -15.41 -44.84 -13.97
C6 NAG G . -14.19 -45.50 -13.36
C7 NAG G . -17.90 -40.57 -15.89
C8 NAG G . -19.21 -40.01 -16.36
N2 NAG G . -17.84 -41.89 -15.75
O3 NAG G . -16.37 -43.71 -17.42
O4 NAG G . -15.28 -46.00 -16.07
O5 NAG G . -15.51 -43.53 -13.37
O6 NAG G . -13.71 -46.54 -14.20
O7 NAG G . -16.94 -39.84 -15.64
C1 NAG H . 5.17 -48.13 1.01
C2 NAG H . 5.21 -48.90 2.32
C3 NAG H . 4.61 -50.29 2.14
C4 NAG H . 3.22 -50.20 1.53
C5 NAG H . 3.25 -49.37 0.25
C6 NAG H . 1.90 -49.14 -0.35
C7 NAG H . 7.58 -49.59 2.28
C8 NAG H . 8.88 -49.55 3.04
N2 NAG H . 6.55 -48.98 2.88
O3 NAG H . 4.55 -50.94 3.40
O4 NAG H . 2.72 -51.50 1.25
O5 NAG H . 3.83 -48.08 0.50
O6 NAG H . 0.95 -50.10 0.13
O7 NAG H . 7.48 -50.14 1.20
C1 NAG I . 31.36 -23.93 27.24
C2 NAG I . 30.41 -25.00 27.79
C3 NAG I . 31.19 -26.26 28.17
C4 NAG I . 32.03 -26.73 27.00
C5 NAG I . 32.92 -25.59 26.49
C6 NAG I . 33.71 -25.98 25.26
C7 NAG I . 28.44 -23.95 28.83
C8 NAG I . 27.83 -23.48 30.11
N2 NAG I . 29.66 -24.49 28.93
O3 NAG I . 30.28 -27.27 28.56
O4 NAG I . 32.85 -27.83 27.39
O5 NAG I . 32.11 -24.47 26.14
O6 NAG I . 34.10 -27.34 25.29
O7 NAG I . 27.88 -23.83 27.74
C1 NAG J . 41.59 -24.56 2.38
C2 NAG J . 42.90 -23.90 1.97
C3 NAG J . 44.05 -24.43 2.82
C4 NAG J . 43.74 -24.27 4.30
C5 NAG J . 42.39 -24.91 4.62
C6 NAG J . 41.97 -24.69 6.05
C7 NAG J . 43.37 -25.25 -0.05
C8 NAG J . 43.64 -25.20 -1.52
N2 NAG J . 43.18 -24.06 0.55
O3 NAG J . 45.25 -23.73 2.50
O4 NAG J . 44.75 -24.89 5.08
O5 NAG J . 41.36 -24.35 3.79
O6 NAG J . 43.05 -24.28 6.86
O7 NAG J . 43.32 -26.31 0.56
C1 NAG K . 31.91 -3.97 -35.57
C2 NAG K . 33.19 -3.66 -34.78
C3 NAG K . 34.40 -4.31 -35.44
C4 NAG K . 34.15 -5.80 -35.66
C5 NAG K . 32.85 -6.02 -36.42
C6 NAG K . 32.50 -7.47 -36.59
C7 NAG K . 32.94 -1.52 -33.60
C8 NAG K . 33.23 -0.05 -33.63
N2 NAG K . 33.38 -2.23 -34.65
O3 NAG K . 35.55 -4.12 -34.63
O4 NAG K . 35.23 -6.36 -36.40
O5 NAG K . 31.77 -5.39 -35.72
O6 NAG K . 33.66 -8.27 -36.77
O7 NAG K . 32.32 -2.05 -32.68
C1 NAG L . 19.27 -27.71 -34.69
C2 NAG L . 18.40 -28.28 -35.83
C3 NAG L . 19.20 -28.34 -37.12
C4 NAG L . 19.81 -26.98 -37.44
C5 NAG L . 20.61 -26.46 -36.26
C6 NAG L . 21.13 -25.06 -36.47
C7 NAG L . 18.56 -30.67 -35.23
C8 NAG L . 17.78 -31.91 -34.91
N2 NAG L . 17.84 -29.57 -35.49
O3 NAG L . 18.35 -28.76 -38.19
O4 NAG L . 20.65 -27.08 -38.58
O5 NAG L . 19.80 -26.43 -35.08
O6 NAG L . 21.19 -24.73 -37.84
O7 NAG L . 19.79 -30.68 -35.28
#